data_8VPN
#
_entry.id   8VPN
#
_cell.length_a   1.00
_cell.length_b   1.00
_cell.length_c   1.00
_cell.angle_alpha   90.00
_cell.angle_beta   90.00
_cell.angle_gamma   90.00
#
_symmetry.space_group_name_H-M   'P 1'
#
loop_
_entity.id
_entity.type
_entity.pdbx_description
1 polymer 'Solute carrier family 12 member 3'
2 polymer 'Solute carrier family 12 member 3'
3 non-polymer 4-chloro-N-[(2S)-2-methyl-2,3-dihydro-1H-indol-1-yl]-3-sulfamoylbenzamide
4 non-polymer "ADENOSINE-5'-TRIPHOSPHATE"
5 water water
#
loop_
_entity_poly.entity_id
_entity_poly.type
_entity_poly.pdbx_seq_one_letter_code
_entity_poly.pdbx_strand_id
1 'polypeptide(L)'
;MAELPTTETPGDATLCSGRFTISTLLSSDEPSPPAAYDSSHPSHLTHSSTFCMR(TPO)FGYN(TPO)IDVVPTYEHYAN
(SEP)TQPGEPRKVRPTLADLHSFLKEGRHLHALAFDSRPSHEMTDGLVEGEAGTSSEKNPEEPVRFGWVKGVMIRCMLN
IWGVILYLRLPWITAQAGIVLTWIIILLSVTVTSITGLSISAISTNGKVKSGGTYFLISRSLGPELGGSIGLIFAFANAV
GVAMHTVGFAETVRDLLQEYGAPIVDPINDIRIIAVVSVTVLLAISLAGMEWESKAQVLFFLVIMVSFANYLVGTLIPPS
EDKASKGFFSYRADIFVQNLVPDWRGPDGTFFGMFSIFFPSATGILAGANISGDLKDPAIAIPKGTLMAIFWTTISYLAI
SATIGSCVVRDASGVLNDTVTPGWGACEGLACSYGWNFTECTQQHSCHYGLINYYQTMSMVSGFAPLITAGIFGATLSSA
LACLVSAAKVFQCLCEDQLYPLIGFFGKGYGKNKEPVRGYLLAYAIAVAFIIIAELNTIAPIISNFFLCSYALINFSCFH
ASITNSPGWRPSFQYYNKWAALFGAIISVVIMFLLTWWAALIAIGVVLFLLLYVIYKKPEVNWGSSVQAGSYNLALSYSV
GLNEVEDHIKNYRPQCLVLTGPPNFRPALVDFVGTFTRNLSLMICGHVLIGPHKQRMPELQLIANGHTKWLNKRKIKAFY
SDVIAEDLRRGVQILMQAAGLGRMKPNILVVGFKKNWQSAHPATVEDYIGILHDAFDFNYGVCVMRMREGLNVSKMMQAH
INPVFDPAEDGKEASARVDPKALVKEEQATTIFQSEQGKKTIDIYWLFDDGGLTLLIPYLLGRKRRWSKCKIRVFVGGQI
NRMDQERKAIISLLSKFRLGFHEVHILPDINQNPRAEHTKRFEDMIAPFRLNDGFKDEATVNEMRRDCPWKISDEEITKN
RVKSLRQVRLNEIVLDYSRDAALIVITLPIGRKGKCPSSLYMAWLETLSQDLRPPVILIRGNQENVLTFYCQ
;
A
2 'polypeptide(L)'
;MAELPTTETPGDATLCSGRFTISTLLSSDEPSPPAAYDSSHPSHLTHSSTFCMRTFGYNTIDVVPTYEHYANSTQPGEPR
KVRPTLADLHSFLKEGRHLHALAFDSRPSHEMTDGLVEGEAGTSSEKNPEEPVRFGWVKGVMIRCMLNIWGVILYLRLPW
ITAQAGIVLTWIIILLSVTVTSITGLSISAISTNGKVKSGGTYFLISRSLGPELGGSIGLIFAFANAVGVAMHTVGFAET
VRDLLQEYGAPIVDPINDIRIIAVVSVTVLLAISLAGMEWESKAQVLFFLVIMVSFANYLVGTLIPPSEDKASKGFFSYR
ADIFVQNLVPDWRGPDGTFFGMFSIFFPSATGILAGANISGDLKDPAIAIPKGTLMAIFWTTISYLAISATIGSCVVRDA
SGVLNDTVTPGWGACEGLACSYGWNFTECTQQHSCHYGLINYYQTMSMVSGFAPLITAGIFGATLSSALACLVSAAKVFQ
CLCEDQLYPLIGFFGKGYGKNKEPVRGYLLAYAIAVAFIIIAELNTIAPIISNFFLCSYALINFSCFHASITNSPGWRPS
FQYYNKWAALFGAIISVVIMFLLTWWAALIAIGVVLFLLLYVIYKKPEVNWGSSVQAGSYNLALSYSVGLNEVEDHIKNY
RPQCLVLTGPPNFRPALVDFVGTFTRNLSLMICGHVLIGPHKQRMPELQLIANGHTKWLNKRKIKAFYSDVIAEDLRRGV
QILMQAAGLGRMKPNILVVGFKKNWQSAHPATVEDYIGILHDAFDFNYGVCVMRMREGLNVSKMMQAHINPVFDPAEDGK
EASARVDPKALVKEEQATTIFQSEQGKKTIDIYWLFDDGGLTLLIPYLLGRKRRWSKCKIRVFVGGQINRMDQERKAIIS
LLSKFRLGFHEVHILPDINQNPRAEHTKRFEDMIAPFRLNDGFKDEATVNEMRRDCPWKISDEEITKNRVKSLRQVRLNE
IVLDYSRDAALIVITLPIGRKGKCPSSLYMAWLETLSQDLRPPVILIRGNQENVLTFYCQ
;
B
#
# COMPACT_ATOMS: atom_id res chain seq x y z
N CYS A 52 4.06 62.08 -5.25
CA CYS A 52 3.26 62.49 -6.39
C CYS A 52 2.64 61.28 -7.11
N MET A 53 2.12 61.50 -8.31
CA MET A 53 1.47 60.45 -9.07
C MET A 53 2.50 59.57 -9.77
N ARG A 54 3.05 58.63 -9.01
CA ARG A 54 4.03 57.67 -9.58
C ARG A 54 3.65 56.27 -9.08
N PHE A 56 2.99 52.72 -7.44
CA PHE A 56 3.32 52.24 -6.08
C PHE A 56 4.51 51.28 -6.19
N GLY A 57 5.59 51.55 -5.49
CA GLY A 57 6.72 50.64 -5.50
C GLY A 57 8.02 51.21 -6.02
N TYR A 58 8.06 52.47 -6.45
CA TYR A 58 9.26 53.04 -7.04
C TYR A 58 10.27 53.53 -6.01
N ASN A 59 9.88 53.68 -4.75
CA ASN A 59 10.76 54.30 -3.77
C ASN A 59 11.29 53.33 -2.72
N ILE A 61 12.54 48.87 -1.87
CA ILE A 61 13.21 47.70 -2.38
C ILE A 61 12.23 46.60 -2.74
N ASP A 62 11.09 46.59 -2.04
CA ASP A 62 10.11 45.53 -2.22
C ASP A 62 9.37 45.70 -3.55
N VAL A 63 9.21 44.61 -4.27
CA VAL A 63 8.48 44.61 -5.53
C VAL A 63 7.00 44.38 -5.26
N VAL A 64 6.17 44.69 -6.26
CA VAL A 64 4.73 44.40 -6.20
C VAL A 64 4.50 43.09 -6.91
N PRO A 65 3.31 42.50 -6.80
CA PRO A 65 3.07 41.21 -7.47
C PRO A 65 2.95 41.35 -8.98
N THR A 66 3.38 40.29 -9.68
CA THR A 66 3.39 40.28 -11.13
C THR A 66 3.41 38.85 -11.62
N TYR A 67 3.05 38.66 -12.89
CA TYR A 67 2.95 37.32 -13.47
C TYR A 67 4.31 36.64 -13.52
N GLU A 68 5.36 37.37 -13.86
CA GLU A 68 6.65 36.75 -14.17
C GLU A 68 7.23 36.00 -12.99
N HIS A 69 6.96 36.46 -11.76
CA HIS A 69 7.57 35.84 -10.58
C HIS A 69 7.19 34.39 -10.42
N TYR A 70 6.11 33.94 -11.05
CA TYR A 70 5.66 32.56 -10.94
C TYR A 70 5.82 31.76 -12.22
N ALA A 71 6.07 32.41 -13.35
CA ALA A 71 6.21 31.71 -14.62
C ALA A 71 7.60 31.10 -14.73
N ASN A 72 7.66 29.81 -15.04
CA ASN A 72 8.93 29.10 -15.05
C ASN A 72 9.44 28.84 -16.47
N THR A 74 10.95 30.72 -20.42
CA THR A 74 11.54 31.85 -21.12
C THR A 74 10.48 32.85 -21.51
N GLN A 75 10.82 33.76 -22.41
CA GLN A 75 9.84 34.71 -22.93
C GLN A 75 10.46 35.57 -24.01
N PRO A 76 9.67 36.36 -24.73
CA PRO A 76 10.26 37.38 -25.61
C PRO A 76 11.17 38.33 -24.87
N GLY A 77 10.89 38.61 -23.60
CA GLY A 77 11.83 39.36 -22.79
C GLY A 77 12.88 38.43 -22.21
N GLU A 78 14.07 38.47 -22.80
CA GLU A 78 15.11 37.51 -22.40
C GLU A 78 15.50 37.65 -20.94
N PRO A 79 15.82 38.85 -20.42
CA PRO A 79 16.16 38.95 -19.00
C PRO A 79 14.95 38.61 -18.14
N ARG A 80 15.10 37.59 -17.29
CA ARG A 80 14.03 37.15 -16.43
C ARG A 80 14.13 37.84 -15.06
N LYS A 81 13.00 37.93 -14.39
CA LYS A 81 12.88 38.67 -13.13
C LYS A 81 12.61 37.73 -11.97
N VAL A 82 12.97 38.20 -10.77
CA VAL A 82 12.79 37.41 -9.56
C VAL A 82 12.61 38.37 -8.40
N ARG A 83 11.89 37.93 -7.40
CA ARG A 83 11.78 38.84 -6.28
C ARG A 83 12.96 38.67 -5.32
N PRO A 84 13.30 39.72 -4.57
CA PRO A 84 14.43 39.62 -3.64
C PRO A 84 14.22 38.52 -2.61
N THR A 85 15.30 37.79 -2.32
CA THR A 85 15.25 36.75 -1.31
C THR A 85 15.14 37.37 0.08
N LEU A 86 14.71 36.56 1.05
CA LEU A 86 14.54 37.06 2.40
C LEU A 86 15.86 37.54 3.01
N ALA A 87 17.00 37.09 2.49
CA ALA A 87 18.28 37.53 3.00
C ALA A 87 18.63 38.95 2.57
N ASP A 88 18.15 39.38 1.40
CA ASP A 88 18.41 40.73 0.93
C ASP A 88 17.55 41.77 1.63
N LEU A 89 16.45 41.37 2.24
CA LEU A 89 15.62 42.30 3.00
C LEU A 89 15.97 42.27 4.49
N HIS A 90 16.33 41.11 5.01
CA HIS A 90 16.75 40.96 6.39
C HIS A 90 18.27 41.08 6.43
N SER A 91 18.87 40.86 7.60
CA SER A 91 20.33 40.75 7.68
C SER A 91 21.03 42.08 7.42
N PHE A 92 22.25 42.23 7.93
CA PHE A 92 22.98 43.48 7.84
C PHE A 92 24.10 43.39 6.80
N LEU A 93 24.54 44.54 6.33
CA LEU A 93 25.63 44.62 5.36
C LEU A 93 25.22 44.00 4.04
N PRO A 132 3.06 26.53 -35.22
CA PRO A 132 2.21 26.93 -34.10
C PRO A 132 0.78 27.20 -34.52
N VAL A 133 0.24 26.34 -35.37
CA VAL A 133 -1.17 26.41 -35.74
C VAL A 133 -1.99 25.87 -34.57
N ARG A 134 -2.94 26.67 -34.09
CA ARG A 134 -3.74 26.32 -32.93
C ARG A 134 -5.20 26.29 -33.32
N PHE A 135 -5.95 25.36 -32.74
CA PHE A 135 -7.34 25.10 -33.08
C PHE A 135 -8.26 25.53 -31.95
N GLY A 136 -9.46 25.96 -32.32
CA GLY A 136 -10.48 26.32 -31.35
C GLY A 136 -11.16 25.09 -30.77
N TRP A 137 -12.38 25.28 -30.29
CA TRP A 137 -13.11 24.18 -29.68
C TRP A 137 -14.07 23.49 -30.65
N VAL A 138 -14.59 24.21 -31.64
CA VAL A 138 -15.50 23.61 -32.60
C VAL A 138 -14.76 22.64 -33.52
N LYS A 139 -13.60 23.06 -34.03
CA LYS A 139 -12.89 22.27 -35.01
C LYS A 139 -11.84 21.35 -34.42
N GLY A 140 -11.42 21.59 -33.18
CA GLY A 140 -10.34 20.81 -32.60
C GLY A 140 -10.78 19.74 -31.63
N VAL A 141 -12.03 19.81 -31.15
CA VAL A 141 -12.50 18.87 -30.15
C VAL A 141 -13.81 18.23 -30.59
N MET A 142 -14.84 19.05 -30.85
CA MET A 142 -16.17 18.52 -31.07
C MET A 142 -16.25 17.67 -32.34
N ILE A 143 -15.69 18.17 -33.45
CA ILE A 143 -15.76 17.43 -34.70
C ILE A 143 -15.06 16.07 -34.57
N ARG A 144 -13.88 16.06 -33.95
CA ARG A 144 -13.13 14.82 -33.82
C ARG A 144 -13.91 13.78 -33.02
N CYS A 145 -14.41 14.18 -31.85
CA CYS A 145 -15.17 13.26 -31.02
C CYS A 145 -16.43 12.77 -31.74
N MET A 146 -17.13 13.67 -32.41
CA MET A 146 -18.35 13.28 -33.09
C MET A 146 -18.07 12.28 -34.19
N LEU A 147 -17.00 12.48 -34.96
CA LEU A 147 -16.63 11.51 -35.98
C LEU A 147 -16.26 10.17 -35.34
N ASN A 148 -15.53 10.21 -34.22
CA ASN A 148 -15.09 8.96 -33.60
C ASN A 148 -16.26 8.16 -33.04
N ILE A 149 -17.30 8.83 -32.55
CA ILE A 149 -18.46 8.12 -32.00
C ILE A 149 -19.29 7.49 -33.10
N TRP A 150 -19.50 8.20 -34.21
CA TRP A 150 -20.28 7.65 -35.31
C TRP A 150 -19.52 6.54 -36.02
N GLY A 151 -20.21 5.42 -36.24
CA GLY A 151 -19.60 4.28 -36.90
C GLY A 151 -20.46 3.64 -37.97
N VAL A 152 -20.44 2.31 -38.05
CA VAL A 152 -21.16 1.59 -39.09
C VAL A 152 -22.46 0.98 -38.59
N ILE A 153 -22.62 0.79 -37.29
CA ILE A 153 -23.88 0.28 -36.74
C ILE A 153 -25.01 1.26 -37.03
N LEU A 154 -24.69 2.50 -37.40
CA LEU A 154 -25.72 3.48 -37.71
C LEU A 154 -26.56 3.05 -38.90
N TYR A 155 -25.91 2.59 -39.97
CA TYR A 155 -26.61 2.30 -41.21
C TYR A 155 -27.04 0.85 -41.34
N LEU A 156 -26.18 -0.09 -40.95
CA LEU A 156 -26.43 -1.50 -41.23
C LEU A 156 -26.99 -2.28 -40.06
N ARG A 157 -27.08 -1.70 -38.87
CA ARG A 157 -27.52 -2.52 -37.75
C ARG A 157 -28.67 -1.93 -36.94
N LEU A 158 -28.68 -0.62 -36.72
CA LEU A 158 -29.68 -0.04 -35.82
C LEU A 158 -31.12 -0.36 -36.23
N PRO A 159 -31.51 -0.26 -37.51
CA PRO A 159 -32.89 -0.62 -37.86
C PRO A 159 -33.26 -2.05 -37.51
N TRP A 160 -32.33 -2.99 -37.68
CA TRP A 160 -32.64 -4.37 -37.30
C TRP A 160 -32.81 -4.50 -35.80
N ILE A 161 -31.99 -3.80 -35.02
CA ILE A 161 -32.14 -3.82 -33.57
C ILE A 161 -33.49 -3.27 -33.17
N THR A 162 -33.90 -2.16 -33.77
CA THR A 162 -35.19 -1.57 -33.42
C THR A 162 -36.35 -2.45 -33.88
N ALA A 163 -36.17 -3.20 -34.96
CA ALA A 163 -37.22 -4.12 -35.39
C ALA A 163 -37.33 -5.30 -34.44
N GLN A 164 -36.20 -5.75 -33.88
CA GLN A 164 -36.21 -6.92 -33.02
C GLN A 164 -36.65 -6.60 -31.59
N ALA A 165 -36.30 -5.42 -31.07
CA ALA A 165 -36.55 -5.12 -29.66
C ALA A 165 -37.65 -4.11 -29.42
N GLY A 166 -38.08 -3.37 -30.44
CA GLY A 166 -39.04 -2.31 -30.25
C GLY A 166 -38.38 -0.97 -29.93
N ILE A 167 -39.17 0.09 -30.00
CA ILE A 167 -38.64 1.43 -29.80
C ILE A 167 -38.21 1.63 -28.36
N VAL A 168 -39.05 1.22 -27.40
CA VAL A 168 -38.81 1.54 -26.01
C VAL A 168 -37.52 0.91 -25.51
N LEU A 169 -37.27 -0.35 -25.87
CA LEU A 169 -36.08 -1.04 -25.37
C LEU A 169 -34.81 -0.47 -26.01
N THR A 170 -34.88 -0.09 -27.29
CA THR A 170 -33.75 0.61 -27.89
C THR A 170 -33.47 1.91 -27.15
N TRP A 171 -34.52 2.66 -26.82
CA TRP A 171 -34.33 3.92 -26.10
C TRP A 171 -33.67 3.67 -24.73
N ILE A 172 -34.11 2.62 -24.03
CA ILE A 172 -33.53 2.31 -22.72
C ILE A 172 -32.05 1.94 -22.87
N ILE A 173 -31.72 1.12 -23.86
CA ILE A 173 -30.32 0.73 -24.08
C ILE A 173 -29.46 1.96 -24.34
N ILE A 174 -29.94 2.83 -25.24
CA ILE A 174 -29.22 4.08 -25.52
C ILE A 174 -29.01 4.85 -24.23
N LEU A 175 -30.06 4.96 -23.42
CA LEU A 175 -29.96 5.75 -22.19
C LEU A 175 -28.89 5.20 -21.26
N LEU A 176 -28.85 3.88 -21.08
CA LEU A 176 -27.85 3.30 -20.18
C LEU A 176 -26.43 3.59 -20.68
N SER A 177 -26.19 3.35 -21.97
CA SER A 177 -24.87 3.64 -22.51
C SER A 177 -24.50 5.11 -22.28
N VAL A 178 -25.46 6.00 -22.50
CA VAL A 178 -25.19 7.43 -22.33
C VAL A 178 -24.86 7.75 -20.89
N THR A 179 -25.51 7.09 -19.93
CA THR A 179 -25.18 7.37 -18.53
C THR A 179 -23.73 7.05 -18.27
N VAL A 180 -23.28 5.86 -18.71
CA VAL A 180 -21.89 5.48 -18.45
C VAL A 180 -20.94 6.50 -19.08
N THR A 181 -21.16 6.80 -20.36
CA THR A 181 -20.25 7.68 -21.09
C THR A 181 -20.24 9.08 -20.50
N SER A 182 -21.41 9.61 -20.14
CA SER A 182 -21.51 10.96 -19.59
C SER A 182 -20.79 11.07 -18.26
N ILE A 183 -20.92 10.06 -17.39
CA ILE A 183 -20.18 10.11 -16.13
C ILE A 183 -18.68 10.15 -16.40
N THR A 184 -18.20 9.30 -17.32
CA THR A 184 -16.77 9.32 -17.60
C THR A 184 -16.34 10.69 -18.12
N GLY A 185 -17.14 11.30 -18.99
CA GLY A 185 -16.80 12.62 -19.50
C GLY A 185 -16.78 13.68 -18.41
N LEU A 186 -17.71 13.60 -17.46
CA LEU A 186 -17.68 14.52 -16.33
C LEU A 186 -16.37 14.39 -15.56
N SER A 187 -15.94 13.16 -15.31
CA SER A 187 -14.69 12.96 -14.58
C SER A 187 -13.49 13.53 -15.36
N ILE A 188 -13.43 13.28 -16.66
CA ILE A 188 -12.30 13.78 -17.45
C ILE A 188 -12.30 15.31 -17.47
N SER A 189 -13.47 15.92 -17.61
CA SER A 189 -13.54 17.37 -17.56
C SER A 189 -13.04 17.90 -16.21
N ALA A 190 -13.46 17.25 -15.12
CA ALA A 190 -13.04 17.71 -13.80
C ALA A 190 -11.52 17.64 -13.64
N ILE A 191 -10.91 16.56 -14.13
CA ILE A 191 -9.46 16.42 -13.98
C ILE A 191 -8.71 17.36 -14.91
N SER A 192 -9.32 17.75 -16.03
CA SER A 192 -8.56 18.48 -17.04
C SER A 192 -8.21 19.91 -16.66
N THR A 193 -8.82 20.48 -15.62
CA THR A 193 -8.57 21.89 -15.27
C THR A 193 -7.92 21.98 -13.89
N ASN A 194 -6.61 21.76 -13.84
CA ASN A 194 -5.82 22.01 -12.64
C ASN A 194 -4.41 22.34 -13.12
N GLY A 195 -4.16 23.63 -13.35
CA GLY A 195 -2.94 24.03 -14.01
C GLY A 195 -3.00 23.84 -15.53
N LYS A 196 -1.87 24.11 -16.17
CA LYS A 196 -1.78 24.10 -17.63
C LYS A 196 -1.39 22.71 -18.12
N VAL A 197 -2.23 22.12 -18.96
CA VAL A 197 -2.01 20.78 -19.50
C VAL A 197 -1.14 20.87 -20.74
N LYS A 198 -0.18 19.97 -20.86
CA LYS A 198 0.73 19.93 -21.98
C LYS A 198 0.38 18.74 -22.88
N SER A 199 1.22 18.52 -23.89
CA SER A 199 1.00 17.43 -24.84
C SER A 199 1.09 16.08 -24.13
N GLY A 200 0.26 15.14 -24.57
CA GLY A 200 0.25 13.81 -24.00
C GLY A 200 -1.14 13.20 -23.87
N GLY A 201 -2.16 14.04 -23.97
CA GLY A 201 -3.53 13.55 -23.94
C GLY A 201 -3.84 12.79 -22.67
N THR A 202 -4.55 11.67 -22.83
CA THR A 202 -5.04 10.91 -21.68
C THR A 202 -3.91 10.52 -20.73
N TYR A 203 -2.78 10.08 -21.29
CA TYR A 203 -1.68 9.62 -20.45
C TYR A 203 -1.14 10.74 -19.57
N PHE A 204 -0.95 11.94 -20.13
CA PHE A 204 -0.50 13.07 -19.34
C PHE A 204 -1.40 13.33 -18.14
N LEU A 205 -2.71 13.45 -18.39
CA LEU A 205 -3.64 13.72 -17.31
C LEU A 205 -3.59 12.62 -16.25
N ILE A 206 -3.76 11.37 -16.67
CA ILE A 206 -3.86 10.27 -15.72
C ILE A 206 -2.58 10.18 -14.88
N SER A 207 -1.43 10.16 -15.55
CA SER A 207 -0.18 10.01 -14.81
C SER A 207 0.05 11.19 -13.89
N ARG A 208 0.12 12.41 -14.44
CA ARG A 208 0.48 13.55 -13.61
C ARG A 208 -0.49 13.77 -12.47
N SER A 209 -1.73 13.29 -12.58
CA SER A 209 -2.70 13.46 -11.50
C SER A 209 -2.88 12.21 -10.65
N LEU A 210 -2.20 11.11 -10.95
CA LEU A 210 -2.33 9.90 -10.15
C LEU A 210 -1.00 9.23 -9.79
N GLY A 211 0.08 9.50 -10.51
CA GLY A 211 1.36 8.89 -10.21
C GLY A 211 1.90 8.07 -11.35
N PRO A 212 3.23 8.04 -11.49
CA PRO A 212 3.84 7.36 -12.65
C PRO A 212 3.55 5.87 -12.74
N GLU A 213 3.41 5.17 -11.61
CA GLU A 213 3.36 3.71 -11.65
C GLU A 213 2.21 3.20 -12.50
N LEU A 214 0.99 3.66 -12.21
CA LEU A 214 -0.14 3.22 -13.01
C LEU A 214 -0.14 3.87 -14.39
N GLY A 215 0.34 5.12 -14.47
CA GLY A 215 0.33 5.83 -15.73
C GLY A 215 1.13 5.14 -16.81
N GLY A 216 2.29 4.58 -16.44
CA GLY A 216 3.12 3.92 -17.45
C GLY A 216 2.42 2.77 -18.13
N SER A 217 1.90 1.82 -17.35
CA SER A 217 1.21 0.68 -17.91
C SER A 217 -0.03 1.10 -18.68
N ILE A 218 -0.80 2.06 -18.14
CA ILE A 218 -1.99 2.50 -18.85
C ILE A 218 -1.61 3.08 -20.20
N GLY A 219 -0.56 3.89 -20.25
CA GLY A 219 -0.16 4.49 -21.52
C GLY A 219 0.28 3.44 -22.53
N LEU A 220 1.06 2.45 -22.07
CA LEU A 220 1.51 1.41 -22.98
C LEU A 220 0.33 0.69 -23.62
N ILE A 221 -0.60 0.22 -22.79
CA ILE A 221 -1.74 -0.52 -23.32
C ILE A 221 -2.61 0.38 -24.19
N PHE A 222 -2.75 1.66 -23.81
CA PHE A 222 -3.57 2.58 -24.59
C PHE A 222 -3.02 2.76 -26.00
N ALA A 223 -1.71 2.96 -26.11
CA ALA A 223 -1.10 3.12 -27.43
C ALA A 223 -1.30 1.86 -28.26
N PHE A 224 -1.08 0.69 -27.66
CA PHE A 224 -1.28 -0.56 -28.40
C PHE A 224 -2.73 -0.67 -28.90
N ALA A 225 -3.69 -0.33 -28.05
CA ALA A 225 -5.10 -0.47 -28.42
C ALA A 225 -5.45 0.45 -29.60
N ASN A 226 -4.96 1.69 -29.59
CA ASN A 226 -5.24 2.58 -30.72
C ASN A 226 -4.59 2.05 -32.00
N ALA A 227 -3.34 1.59 -31.91
CA ALA A 227 -2.65 1.09 -33.08
C ALA A 227 -3.33 -0.15 -33.66
N VAL A 228 -4.10 -0.88 -32.87
CA VAL A 228 -4.87 -1.99 -33.45
C VAL A 228 -6.25 -1.53 -33.95
N GLY A 229 -6.88 -0.57 -33.28
CA GLY A 229 -8.16 -0.08 -33.75
C GLY A 229 -8.07 0.50 -35.15
N VAL A 230 -6.94 1.11 -35.49
CA VAL A 230 -6.80 1.62 -36.86
C VAL A 230 -6.98 0.49 -37.87
N ALA A 231 -6.29 -0.63 -37.65
CA ALA A 231 -6.42 -1.77 -38.55
C ALA A 231 -7.85 -2.30 -38.58
N MET A 232 -8.49 -2.38 -37.42
CA MET A 232 -9.87 -2.87 -37.40
C MET A 232 -10.76 -2.04 -38.33
N HIS A 233 -10.73 -0.71 -38.16
CA HIS A 233 -11.58 0.16 -38.97
C HIS A 233 -11.23 0.04 -40.45
N THR A 234 -9.94 -0.05 -40.78
CA THR A 234 -9.55 -0.18 -42.18
C THR A 234 -10.10 -1.46 -42.80
N VAL A 235 -10.04 -2.57 -42.07
CA VAL A 235 -10.58 -3.82 -42.60
C VAL A 235 -12.08 -3.70 -42.81
N GLY A 236 -12.78 -3.01 -41.91
CA GLY A 236 -14.20 -2.79 -42.14
C GLY A 236 -14.48 -2.04 -43.44
N PHE A 237 -13.71 -0.98 -43.69
CA PHE A 237 -13.87 -0.25 -44.94
C PHE A 237 -13.62 -1.16 -46.14
N ALA A 238 -12.56 -1.98 -46.08
CA ALA A 238 -12.25 -2.87 -47.18
C ALA A 238 -13.40 -3.84 -47.42
N GLU A 239 -14.02 -4.34 -46.34
CA GLU A 239 -15.17 -5.23 -46.48
C GLU A 239 -16.29 -4.55 -47.25
N THR A 240 -16.59 -3.30 -46.88
CA THR A 240 -17.67 -2.59 -47.57
C THR A 240 -17.35 -2.44 -49.06
N VAL A 241 -16.13 -2.03 -49.39
CA VAL A 241 -15.78 -1.80 -50.78
C VAL A 241 -15.86 -3.10 -51.57
N ARG A 242 -15.32 -4.19 -51.02
CA ARG A 242 -15.36 -5.47 -51.71
C ARG A 242 -16.78 -5.95 -51.91
N ASP A 243 -17.64 -5.77 -50.90
CA ASP A 243 -19.02 -6.20 -51.04
C ASP A 243 -19.71 -5.45 -52.17
N LEU A 244 -19.52 -4.13 -52.25
CA LEU A 244 -20.11 -3.38 -53.34
C LEU A 244 -19.58 -3.85 -54.69
N LEU A 245 -18.26 -4.04 -54.79
CA LEU A 245 -17.66 -4.44 -56.05
C LEU A 245 -18.21 -5.78 -56.52
N GLN A 246 -18.34 -6.73 -55.60
CA GLN A 246 -18.95 -8.01 -55.97
C GLN A 246 -20.41 -7.83 -56.38
N GLU A 247 -21.15 -6.99 -55.66
CA GLU A 247 -22.52 -6.69 -56.07
C GLU A 247 -22.56 -6.23 -57.52
N TYR A 248 -21.57 -5.45 -57.94
CA TYR A 248 -21.50 -5.04 -59.34
C TYR A 248 -20.94 -6.13 -60.25
N GLY A 249 -20.52 -7.26 -59.71
CA GLY A 249 -20.19 -8.43 -60.51
C GLY A 249 -18.86 -8.38 -61.26
N ALA A 250 -17.77 -8.17 -60.53
CA ALA A 250 -16.46 -8.14 -61.17
C ALA A 250 -15.35 -8.50 -60.18
N PRO A 251 -15.38 -9.67 -59.57
CA PRO A 251 -14.40 -10.00 -58.55
C PRO A 251 -13.06 -10.43 -59.12
N ILE A 252 -12.02 -10.30 -58.31
CA ILE A 252 -10.66 -10.47 -58.78
C ILE A 252 -10.11 -11.84 -58.41
N VAL A 253 -10.04 -12.14 -57.11
CA VAL A 253 -9.48 -13.42 -56.69
C VAL A 253 -10.48 -14.16 -55.81
N ASP A 254 -10.77 -13.60 -54.65
CA ASP A 254 -11.77 -14.17 -53.77
C ASP A 254 -12.00 -13.28 -52.55
N PRO A 255 -13.05 -13.53 -51.80
CA PRO A 255 -13.36 -12.71 -50.62
C PRO A 255 -12.16 -12.36 -49.76
N ILE A 256 -11.18 -13.27 -49.65
CA ILE A 256 -10.15 -13.14 -48.63
C ILE A 256 -8.89 -12.40 -49.08
N ASN A 257 -8.62 -12.30 -50.37
CA ASN A 257 -7.41 -11.67 -50.87
C ASN A 257 -7.62 -10.22 -51.30
N ASP A 258 -8.78 -9.93 -51.87
CA ASP A 258 -9.12 -8.55 -52.22
C ASP A 258 -9.16 -7.68 -50.98
N ILE A 259 -9.69 -8.21 -49.88
CA ILE A 259 -9.67 -7.49 -48.61
C ILE A 259 -8.25 -7.11 -48.26
N ARG A 260 -7.32 -8.06 -48.35
CA ARG A 260 -5.92 -7.78 -48.04
C ARG A 260 -5.38 -6.64 -48.89
N ILE A 261 -5.55 -6.74 -50.20
CA ILE A 261 -4.94 -5.75 -51.10
C ILE A 261 -5.55 -4.36 -50.85
N ILE A 262 -6.88 -4.27 -50.82
CA ILE A 262 -7.53 -2.98 -50.66
C ILE A 262 -7.16 -2.37 -49.31
N ALA A 263 -7.13 -3.18 -48.26
CA ALA A 263 -6.78 -2.66 -46.94
C ALA A 263 -5.36 -2.11 -46.92
N VAL A 264 -4.42 -2.83 -47.54
CA VAL A 264 -3.04 -2.34 -47.56
C VAL A 264 -2.98 -0.99 -48.26
N VAL A 265 -3.61 -0.88 -49.42
CA VAL A 265 -3.56 0.38 -50.16
C VAL A 265 -4.18 1.51 -49.35
N SER A 266 -5.32 1.25 -48.70
CA SER A 266 -5.98 2.29 -47.94
C SER A 266 -5.15 2.75 -46.74
N VAL A 267 -4.54 1.80 -46.03
CA VAL A 267 -3.70 2.19 -44.89
C VAL A 267 -2.50 2.99 -45.38
N THR A 268 -1.97 2.64 -46.55
CA THR A 268 -0.87 3.43 -47.10
C THR A 268 -1.32 4.87 -47.36
N VAL A 269 -2.51 5.04 -47.93
CA VAL A 269 -2.99 6.39 -48.21
C VAL A 269 -3.19 7.17 -46.91
N LEU A 270 -3.75 6.53 -45.89
CA LEU A 270 -3.93 7.20 -44.61
C LEU A 270 -2.60 7.62 -44.01
N LEU A 271 -1.60 6.73 -44.08
CA LEU A 271 -0.27 7.07 -43.57
C LEU A 271 0.30 8.26 -44.32
N ALA A 272 0.13 8.28 -45.65
CA ALA A 272 0.62 9.41 -46.43
C ALA A 272 -0.06 10.71 -46.01
N ILE A 273 -1.36 10.65 -45.72
CA ILE A 273 -2.08 11.85 -45.30
C ILE A 273 -1.55 12.35 -43.96
N SER A 274 -1.31 11.44 -43.02
CA SER A 274 -0.96 11.89 -41.67
C SER A 274 0.41 12.56 -41.61
N LEU A 275 1.28 12.35 -42.58
CA LEU A 275 2.63 12.90 -42.58
C LEU A 275 2.71 14.30 -43.19
N ALA A 276 1.64 14.76 -43.84
CA ALA A 276 1.68 16.06 -44.48
C ALA A 276 1.42 17.22 -43.53
N GLY A 277 0.99 16.95 -42.29
CA GLY A 277 0.78 18.00 -41.33
C GLY A 277 -0.65 18.09 -40.84
N MET A 278 -0.85 18.66 -39.64
CA MET A 278 -2.17 18.71 -39.03
C MET A 278 -3.17 19.56 -39.82
N GLU A 279 -2.70 20.45 -40.68
CA GLU A 279 -3.61 21.25 -41.50
C GLU A 279 -4.38 20.36 -42.47
N TRP A 280 -3.64 19.65 -43.34
CA TRP A 280 -4.26 18.69 -44.22
C TRP A 280 -5.09 17.68 -43.44
N GLU A 281 -4.61 17.31 -42.25
CA GLU A 281 -5.30 16.33 -41.42
C GLU A 281 -6.67 16.84 -40.98
N SER A 282 -6.76 18.12 -40.61
CA SER A 282 -8.02 18.71 -40.21
C SER A 282 -8.96 18.98 -41.37
N LYS A 283 -8.42 19.25 -42.57
CA LYS A 283 -9.29 19.45 -43.72
C LYS A 283 -10.09 18.20 -44.08
N ALA A 284 -9.46 17.02 -44.06
CA ALA A 284 -10.16 15.78 -44.38
C ALA A 284 -11.26 15.49 -43.37
N GLN A 285 -11.05 15.84 -42.10
CA GLN A 285 -12.09 15.63 -41.10
C GLN A 285 -13.35 16.42 -41.44
N VAL A 286 -13.18 17.69 -41.81
CA VAL A 286 -14.32 18.51 -42.21
C VAL A 286 -14.99 17.94 -43.45
N LEU A 287 -14.19 17.47 -44.41
CA LEU A 287 -14.76 16.90 -45.62
C LEU A 287 -15.63 15.69 -45.30
N PHE A 288 -15.13 14.78 -44.47
CA PHE A 288 -15.90 13.59 -44.09
C PHE A 288 -17.15 13.98 -43.33
N PHE A 289 -17.05 14.99 -42.44
CA PHE A 289 -18.22 15.47 -41.73
C PHE A 289 -19.28 15.96 -42.69
N LEU A 290 -18.87 16.72 -43.71
CA LEU A 290 -19.83 17.20 -44.70
C LEU A 290 -20.51 16.05 -45.42
N VAL A 291 -19.74 15.03 -45.81
CA VAL A 291 -20.33 13.89 -46.51
C VAL A 291 -21.37 13.20 -45.63
N ILE A 292 -21.05 12.99 -44.35
CA ILE A 292 -21.99 12.29 -43.47
C ILE A 292 -23.25 13.12 -43.27
N MET A 293 -23.09 14.45 -43.14
CA MET A 293 -24.26 15.32 -43.01
C MET A 293 -25.16 15.23 -44.24
N VAL A 294 -24.56 15.21 -45.43
CA VAL A 294 -25.34 15.11 -46.66
C VAL A 294 -26.09 13.77 -46.69
N SER A 295 -25.44 12.70 -46.25
CA SER A 295 -26.12 11.40 -46.20
C SER A 295 -27.33 11.45 -45.28
N PHE A 296 -27.17 12.05 -44.10
CA PHE A 296 -28.29 12.18 -43.16
C PHE A 296 -29.45 12.94 -43.80
N ALA A 297 -29.15 14.07 -44.43
CA ALA A 297 -30.19 14.87 -45.06
C ALA A 297 -30.89 14.08 -46.16
N ASN A 298 -30.13 13.34 -46.96
CA ASN A 298 -30.70 12.55 -48.05
C ASN A 298 -31.68 11.52 -47.51
N TYR A 299 -31.29 10.79 -46.46
CA TYR A 299 -32.20 9.81 -45.88
C TYR A 299 -33.46 10.48 -45.35
N LEU A 300 -33.31 11.61 -44.66
CA LEU A 300 -34.48 12.28 -44.10
C LEU A 300 -35.45 12.69 -45.20
N VAL A 301 -34.93 13.23 -46.31
CA VAL A 301 -35.81 13.65 -47.40
C VAL A 301 -36.46 12.45 -48.06
N GLY A 302 -35.70 11.36 -48.25
CA GLY A 302 -36.26 10.18 -48.88
C GLY A 302 -37.38 9.54 -48.07
N THR A 303 -37.30 9.64 -46.75
CA THR A 303 -38.31 8.98 -45.92
C THR A 303 -39.71 9.61 -46.04
N LEU A 304 -39.96 10.56 -46.94
CA LEU A 304 -41.21 11.33 -46.94
C LEU A 304 -42.11 11.08 -48.15
N ILE A 305 -41.54 10.85 -49.32
CA ILE A 305 -42.35 10.78 -50.55
C ILE A 305 -43.26 9.56 -50.50
N PRO A 306 -44.47 9.65 -51.05
CA PRO A 306 -45.31 8.46 -51.19
C PRO A 306 -44.54 7.30 -51.79
N PRO A 307 -44.98 6.06 -51.55
CA PRO A 307 -44.21 4.90 -52.02
C PRO A 307 -44.49 4.54 -53.47
N SER A 308 -43.44 4.04 -54.12
CA SER A 308 -43.54 3.51 -55.48
C SER A 308 -44.06 2.07 -55.41
N GLU A 309 -44.00 1.35 -56.54
CA GLU A 309 -44.40 -0.05 -56.51
C GLU A 309 -43.33 -0.93 -55.87
N ASP A 310 -42.05 -0.72 -56.25
CA ASP A 310 -40.97 -1.48 -55.64
C ASP A 310 -40.94 -1.28 -54.13
N LYS A 311 -40.99 -0.02 -53.69
CA LYS A 311 -40.98 0.25 -52.25
C LYS A 311 -42.21 -0.31 -51.58
N ALA A 312 -43.38 -0.18 -52.20
CA ALA A 312 -44.60 -0.69 -51.60
C ALA A 312 -44.53 -2.20 -51.39
N SER A 313 -43.95 -2.92 -52.36
CA SER A 313 -43.85 -4.37 -52.23
C SER A 313 -42.68 -4.81 -51.39
N LYS A 314 -42.14 -3.89 -50.58
CA LYS A 314 -41.01 -4.19 -49.72
C LYS A 314 -41.24 -3.78 -48.27
N GLY A 315 -42.37 -3.13 -47.98
CA GLY A 315 -42.73 -2.79 -46.62
C GLY A 315 -42.76 -1.30 -46.30
N PHE A 316 -42.37 -0.44 -47.24
CA PHE A 316 -42.33 0.99 -46.99
C PHE A 316 -43.68 1.61 -47.32
N PHE A 317 -44.23 2.35 -46.36
CA PHE A 317 -45.54 2.97 -46.55
C PHE A 317 -45.64 4.39 -46.02
N SER A 318 -44.52 5.02 -45.65
CA SER A 318 -44.56 6.36 -45.10
C SER A 318 -45.15 6.34 -43.69
N TYR A 319 -44.99 7.44 -42.96
CA TYR A 319 -45.41 7.50 -41.57
C TYR A 319 -46.89 7.11 -41.44
N ARG A 320 -47.15 6.05 -40.69
CA ARG A 320 -48.51 5.60 -40.41
C ARG A 320 -48.64 5.31 -38.93
N ALA A 321 -49.66 5.88 -38.29
CA ALA A 321 -49.83 5.67 -36.85
C ALA A 321 -50.01 4.20 -36.51
N ASP A 322 -50.56 3.41 -37.42
CA ASP A 322 -50.81 2.01 -37.12
C ASP A 322 -49.50 1.23 -37.02
N ILE A 323 -48.55 1.50 -37.91
CA ILE A 323 -47.24 0.87 -37.80
C ILE A 323 -46.55 1.28 -36.51
N PHE A 324 -46.59 2.57 -36.19
CA PHE A 324 -45.97 3.02 -34.95
C PHE A 324 -46.57 2.30 -33.74
N VAL A 325 -47.90 2.17 -33.72
CA VAL A 325 -48.55 1.43 -32.64
C VAL A 325 -48.06 -0.01 -32.61
N GLN A 326 -47.94 -0.64 -33.77
CA GLN A 326 -47.46 -2.01 -33.84
C GLN A 326 -46.05 -2.15 -33.28
N ASN A 327 -45.20 -1.16 -33.51
CA ASN A 327 -43.75 -1.30 -33.35
C ASN A 327 -43.24 -0.82 -32.00
N LEU A 328 -44.01 -1.01 -30.94
CA LEU A 328 -43.54 -0.68 -29.60
C LEU A 328 -43.29 -1.91 -28.73
N VAL A 329 -44.03 -2.99 -28.96
CA VAL A 329 -43.79 -4.26 -28.28
C VAL A 329 -42.60 -4.94 -28.96
N PRO A 330 -41.83 -5.74 -28.23
CA PRO A 330 -40.71 -6.46 -28.87
C PRO A 330 -41.18 -7.70 -29.62
N ASP A 331 -40.31 -8.17 -30.50
CA ASP A 331 -40.52 -9.44 -31.22
C ASP A 331 -39.16 -10.10 -31.39
N TRP A 332 -38.81 -10.97 -30.44
CA TRP A 332 -37.52 -11.64 -30.47
C TRP A 332 -37.54 -12.80 -31.45
N ARG A 333 -36.41 -13.02 -32.11
CA ARG A 333 -36.30 -14.09 -33.09
C ARG A 333 -34.86 -14.55 -33.16
N GLY A 334 -34.66 -15.86 -33.17
CA GLY A 334 -33.37 -16.44 -33.43
C GLY A 334 -32.54 -16.70 -32.19
N PRO A 335 -31.30 -17.14 -32.40
CA PRO A 335 -30.39 -17.37 -31.26
C PRO A 335 -29.95 -16.10 -30.58
N ASP A 336 -30.03 -14.95 -31.25
CA ASP A 336 -29.49 -13.70 -30.74
C ASP A 336 -30.57 -12.76 -30.21
N GLY A 337 -31.78 -13.26 -29.99
CA GLY A 337 -32.89 -12.43 -29.58
C GLY A 337 -33.09 -12.28 -28.08
N THR A 338 -32.22 -11.52 -27.43
CA THR A 338 -32.44 -11.22 -26.02
C THR A 338 -31.88 -9.84 -25.70
N PHE A 339 -32.42 -9.23 -24.65
CA PHE A 339 -31.98 -7.89 -24.24
C PHE A 339 -30.47 -7.82 -24.09
N PHE A 340 -29.89 -8.82 -23.44
CA PHE A 340 -28.45 -8.86 -23.28
C PHE A 340 -27.73 -8.84 -24.62
N GLY A 341 -28.24 -9.60 -25.60
CA GLY A 341 -27.59 -9.64 -26.90
C GLY A 341 -27.57 -8.27 -27.58
N MET A 342 -28.69 -7.56 -27.54
CA MET A 342 -28.73 -6.25 -28.17
C MET A 342 -27.86 -5.25 -27.42
N PHE A 343 -27.83 -5.30 -26.09
CA PHE A 343 -26.94 -4.39 -25.36
C PHE A 343 -25.48 -4.68 -25.71
N SER A 344 -25.11 -5.96 -25.80
CA SER A 344 -23.73 -6.30 -26.16
C SER A 344 -23.42 -5.85 -27.58
N ILE A 345 -24.38 -5.93 -28.49
CA ILE A 345 -24.13 -5.45 -29.85
C ILE A 345 -23.90 -3.94 -29.84
N PHE A 346 -24.80 -3.19 -29.20
CA PHE A 346 -24.79 -1.74 -29.40
C PHE A 346 -23.77 -1.01 -28.52
N PHE A 347 -23.44 -1.54 -27.34
CA PHE A 347 -22.66 -0.73 -26.39
C PHE A 347 -21.34 -0.25 -26.95
N PRO A 348 -20.51 -1.08 -27.59
CA PRO A 348 -19.21 -0.59 -28.09
C PRO A 348 -19.34 0.49 -29.13
N SER A 349 -20.52 0.67 -29.73
CA SER A 349 -20.64 1.60 -30.85
C SER A 349 -20.41 3.04 -30.44
N ALA A 350 -20.59 3.40 -29.16
CA ALA A 350 -20.38 4.77 -28.69
C ALA A 350 -19.47 4.76 -27.46
N THR A 351 -18.15 4.74 -27.70
CA THR A 351 -17.18 4.89 -26.62
C THR A 351 -15.96 5.70 -27.01
N GLY A 352 -15.87 6.22 -28.23
CA GLY A 352 -14.72 6.98 -28.64
C GLY A 352 -14.83 8.46 -28.33
N ILE A 353 -14.71 8.82 -27.05
CA ILE A 353 -14.94 10.18 -26.59
C ILE A 353 -13.66 10.91 -26.25
N LEU A 354 -12.51 10.24 -26.31
CA LEU A 354 -11.23 10.86 -26.03
C LEU A 354 -10.47 11.23 -27.30
N ALA A 355 -11.14 11.18 -28.46
CA ALA A 355 -10.44 11.46 -29.71
C ALA A 355 -9.95 12.90 -29.80
N GLY A 356 -10.55 13.81 -29.05
CA GLY A 356 -10.16 15.21 -29.12
C GLY A 356 -9.16 15.61 -28.06
N ALA A 357 -9.19 14.94 -26.90
CA ALA A 357 -8.25 15.26 -25.84
C ALA A 357 -6.85 14.75 -26.16
N ASN A 358 -6.75 13.71 -26.98
CA ASN A 358 -5.46 13.10 -27.28
C ASN A 358 -4.53 14.06 -28.03
N ILE A 359 -5.08 15.06 -28.72
CA ILE A 359 -4.27 16.04 -29.43
C ILE A 359 -4.20 17.31 -28.59
N SER A 360 -4.33 17.16 -27.27
CA SER A 360 -4.44 18.32 -26.39
C SER A 360 -3.29 19.30 -26.57
N GLY A 361 -2.10 18.82 -26.96
CA GLY A 361 -0.98 19.71 -27.11
C GLY A 361 -1.16 20.76 -28.19
N ASP A 362 -2.14 20.57 -29.07
CA ASP A 362 -2.33 21.44 -30.23
C ASP A 362 -3.48 22.42 -30.04
N LEU A 363 -4.05 22.53 -28.85
CA LEU A 363 -5.23 23.36 -28.62
C LEU A 363 -4.84 24.79 -28.27
N LYS A 364 -5.84 25.67 -28.35
CA LYS A 364 -5.62 27.08 -28.02
C LYS A 364 -5.67 27.31 -26.52
N ASP A 365 -6.81 26.99 -25.89
CA ASP A 365 -6.96 26.98 -24.44
C ASP A 365 -7.62 25.68 -24.05
N PRO A 366 -6.83 24.65 -23.72
CA PRO A 366 -7.42 23.34 -23.42
C PRO A 366 -8.46 23.35 -22.30
N ALA A 367 -8.24 24.15 -21.26
CA ALA A 367 -9.13 24.17 -20.11
C ALA A 367 -10.51 24.73 -20.44
N ILE A 368 -10.64 25.47 -21.54
CA ILE A 368 -11.94 25.94 -22.01
C ILE A 368 -12.40 25.20 -23.25
N ALA A 369 -11.60 24.27 -23.76
CA ALA A 369 -11.91 23.61 -25.02
C ALA A 369 -12.27 22.14 -24.89
N ILE A 370 -11.76 21.44 -23.87
CA ILE A 370 -12.01 20.00 -23.75
C ILE A 370 -13.45 19.72 -23.34
N PRO A 371 -13.91 20.23 -22.20
CA PRO A 371 -15.21 19.81 -21.66
C PRO A 371 -16.38 20.16 -22.55
N LYS A 372 -16.43 21.40 -23.03
CA LYS A 372 -17.54 21.85 -23.85
C LYS A 372 -17.65 20.99 -25.11
N GLY A 373 -16.53 20.80 -25.82
CA GLY A 373 -16.56 19.97 -27.01
C GLY A 373 -17.03 18.57 -26.74
N THR A 374 -16.49 17.95 -25.69
CA THR A 374 -16.84 16.55 -25.39
C THR A 374 -18.33 16.40 -25.07
N LEU A 375 -18.84 17.26 -24.18
CA LEU A 375 -20.25 17.18 -23.79
C LEU A 375 -21.17 17.43 -24.99
N MET A 376 -20.86 18.45 -25.80
CA MET A 376 -21.71 18.73 -26.94
C MET A 376 -21.72 17.58 -27.92
N ALA A 377 -20.56 16.97 -28.16
CA ALA A 377 -20.50 15.84 -29.08
C ALA A 377 -21.38 14.69 -28.58
N ILE A 378 -21.29 14.39 -27.28
CA ILE A 378 -22.11 13.31 -26.73
C ILE A 378 -23.59 13.61 -26.93
N PHE A 379 -24.01 14.84 -26.59
CA PHE A 379 -25.41 15.21 -26.70
C PHE A 379 -25.92 15.06 -28.13
N TRP A 380 -25.17 15.59 -29.09
CA TRP A 380 -25.63 15.55 -30.49
C TRP A 380 -25.70 14.12 -31.01
N THR A 381 -24.70 13.29 -30.68
CA THR A 381 -24.74 11.90 -31.16
C THR A 381 -25.94 11.16 -30.58
N THR A 382 -26.24 11.36 -29.30
CA THR A 382 -27.39 10.70 -28.71
C THR A 382 -28.68 11.14 -29.38
N ILE A 383 -28.82 12.44 -29.63
CA ILE A 383 -30.02 12.94 -30.32
C ILE A 383 -30.16 12.25 -31.67
N SER A 384 -29.06 12.14 -32.42
CA SER A 384 -29.14 11.54 -33.76
C SER A 384 -29.57 10.07 -33.68
N TYR A 385 -29.01 9.32 -32.74
CA TYR A 385 -29.37 7.91 -32.61
C TYR A 385 -30.85 7.76 -32.31
N LEU A 386 -31.35 8.52 -31.33
CA LEU A 386 -32.77 8.44 -30.98
C LEU A 386 -33.65 8.83 -32.17
N ALA A 387 -33.28 9.88 -32.89
CA ALA A 387 -34.08 10.31 -34.03
C ALA A 387 -34.17 9.21 -35.08
N ILE A 388 -33.03 8.61 -35.41
CA ILE A 388 -33.06 7.54 -36.41
C ILE A 388 -33.97 6.42 -35.96
N SER A 389 -33.82 5.97 -34.71
CA SER A 389 -34.63 4.86 -34.23
C SER A 389 -36.13 5.18 -34.34
N ALA A 390 -36.54 6.32 -33.78
CA ALA A 390 -37.96 6.65 -33.75
C ALA A 390 -38.51 6.81 -35.16
N THR A 391 -37.79 7.52 -36.02
CA THR A 391 -38.30 7.77 -37.36
C THR A 391 -38.48 6.47 -38.14
N ILE A 392 -37.46 5.62 -38.14
CA ILE A 392 -37.59 4.39 -38.93
C ILE A 392 -38.63 3.46 -38.34
N GLY A 393 -38.83 3.47 -37.03
CA GLY A 393 -39.77 2.54 -36.45
C GLY A 393 -41.23 2.75 -36.83
N SER A 394 -41.50 3.64 -37.78
CA SER A 394 -42.88 3.99 -38.12
C SER A 394 -43.21 3.90 -39.60
N CYS A 395 -42.26 3.60 -40.47
CA CYS A 395 -42.50 3.58 -41.90
C CYS A 395 -42.50 2.19 -42.51
N VAL A 396 -41.77 1.24 -41.94
CA VAL A 396 -41.56 -0.07 -42.52
C VAL A 396 -42.35 -1.11 -41.73
N VAL A 397 -42.89 -2.10 -42.45
CA VAL A 397 -43.49 -3.27 -41.81
C VAL A 397 -42.37 -4.24 -41.49
N ARG A 398 -42.67 -5.26 -40.68
CA ARG A 398 -41.65 -6.23 -40.31
C ARG A 398 -41.39 -7.26 -41.41
N ASP A 399 -42.38 -7.57 -42.24
CA ASP A 399 -42.25 -8.56 -43.28
C ASP A 399 -42.76 -8.04 -44.61
N ALA A 400 -42.17 -8.55 -45.69
CA ALA A 400 -42.56 -8.19 -47.04
C ALA A 400 -42.00 -9.20 -48.04
N SER A 401 -42.84 -9.71 -48.94
CA SER A 401 -42.39 -10.71 -49.89
C SER A 401 -41.40 -10.12 -50.90
N GLY A 402 -41.72 -8.94 -51.43
CA GLY A 402 -40.87 -8.31 -52.41
C GLY A 402 -41.20 -8.62 -53.86
N VAL A 403 -42.30 -9.32 -54.12
CA VAL A 403 -42.75 -9.62 -55.48
C VAL A 403 -43.88 -8.66 -55.84
N LEU A 404 -43.81 -8.10 -57.04
CA LEU A 404 -44.76 -7.07 -57.45
C LEU A 404 -46.15 -7.62 -57.74
N ASN A 405 -46.27 -8.92 -57.98
CA ASN A 405 -47.54 -9.51 -58.37
C ASN A 405 -48.43 -9.82 -57.17
N ASP A 406 -47.92 -9.69 -55.95
CA ASP A 406 -48.63 -10.11 -54.75
C ASP A 406 -49.73 -9.12 -54.33
N THR A 407 -50.00 -8.09 -55.13
CA THR A 407 -50.99 -7.10 -54.75
C THR A 407 -52.34 -7.74 -54.47
N VAL A 408 -53.17 -7.04 -53.69
CA VAL A 408 -54.44 -7.56 -53.22
C VAL A 408 -55.51 -7.25 -54.26
N THR A 409 -55.81 -8.24 -55.10
CA THR A 409 -57.01 -8.11 -55.91
C THR A 409 -58.10 -9.03 -55.39
N PRO A 410 -59.37 -8.72 -55.66
CA PRO A 410 -60.47 -9.47 -55.05
C PRO A 410 -60.65 -10.82 -55.72
N GLY A 411 -60.64 -11.88 -54.93
CA GLY A 411 -60.85 -13.22 -55.44
C GLY A 411 -59.79 -14.22 -55.07
N TRP A 412 -58.53 -13.80 -55.08
CA TRP A 412 -57.39 -14.64 -54.75
C TRP A 412 -56.70 -14.12 -53.50
N GLY A 413 -56.34 -15.03 -52.60
CA GLY A 413 -55.64 -14.68 -51.38
C GLY A 413 -56.60 -14.35 -50.24
N ALA A 414 -56.07 -14.41 -49.03
CA ALA A 414 -56.82 -14.09 -47.82
C ALA A 414 -55.90 -13.24 -46.93
N CYS A 415 -56.20 -11.94 -46.88
CA CYS A 415 -55.27 -10.99 -46.30
C CYS A 415 -55.15 -11.16 -44.79
N GLU A 416 -54.01 -10.71 -44.26
CA GLU A 416 -53.74 -10.78 -42.83
C GLU A 416 -52.88 -9.58 -42.45
N GLY A 417 -52.97 -9.18 -41.18
CA GLY A 417 -52.21 -8.04 -40.72
C GLY A 417 -52.65 -6.75 -41.37
N LEU A 418 -52.16 -5.62 -40.86
CA LEU A 418 -52.53 -4.32 -41.42
C LEU A 418 -51.95 -4.08 -42.81
N ALA A 419 -51.06 -4.95 -43.29
CA ALA A 419 -50.54 -4.80 -44.65
C ALA A 419 -51.65 -4.89 -45.69
N CYS A 420 -52.76 -5.54 -45.37
CA CYS A 420 -53.89 -5.64 -46.28
C CYS A 420 -54.89 -4.51 -46.08
N SER A 421 -54.57 -3.53 -45.25
CA SER A 421 -55.37 -2.33 -45.16
C SER A 421 -54.99 -1.32 -46.23
N TYR A 422 -53.73 -1.32 -46.64
CA TYR A 422 -53.27 -0.50 -47.76
C TYR A 422 -53.19 -1.28 -49.06
N GLY A 423 -53.62 -2.53 -49.08
CA GLY A 423 -53.73 -3.28 -50.32
C GLY A 423 -52.52 -4.10 -50.69
N TRP A 424 -52.04 -4.93 -49.77
CA TRP A 424 -50.94 -5.84 -50.07
C TRP A 424 -51.14 -7.13 -49.27
N ASN A 425 -50.64 -8.23 -49.83
CA ASN A 425 -50.93 -9.57 -49.31
C ASN A 425 -49.62 -10.34 -49.15
N PHE A 426 -49.25 -10.65 -47.91
CA PHE A 426 -48.09 -11.47 -47.60
C PHE A 426 -48.47 -12.60 -46.66
N THR A 427 -49.56 -13.30 -46.98
CA THR A 427 -49.99 -14.42 -46.14
C THR A 427 -49.06 -15.60 -46.29
N GLU A 428 -48.55 -15.84 -47.50
CA GLU A 428 -47.77 -17.05 -47.77
C GLU A 428 -46.50 -17.10 -46.93
N CYS A 429 -45.59 -16.14 -47.14
CA CYS A 429 -44.31 -16.19 -46.46
C CYS A 429 -44.48 -16.01 -44.95
N THR A 430 -45.37 -15.11 -44.53
CA THR A 430 -45.61 -14.93 -43.10
C THR A 430 -46.25 -16.16 -42.49
N GLN A 431 -46.81 -17.05 -43.32
CA GLN A 431 -47.27 -18.34 -42.82
C GLN A 431 -46.11 -19.32 -42.73
N GLN A 432 -45.33 -19.44 -43.80
CA GLN A 432 -44.18 -20.33 -43.83
C GLN A 432 -42.94 -19.72 -43.19
N HIS A 433 -42.91 -18.41 -43.01
CA HIS A 433 -41.76 -17.72 -42.42
C HIS A 433 -40.50 -17.92 -43.27
N SER A 434 -40.59 -17.49 -44.53
CA SER A 434 -39.49 -17.72 -45.47
C SER A 434 -39.19 -16.57 -46.42
N CYS A 435 -39.79 -15.39 -46.26
CA CYS A 435 -39.51 -14.30 -47.18
C CYS A 435 -38.27 -13.51 -46.75
N HIS A 436 -37.72 -12.74 -47.68
CA HIS A 436 -36.42 -12.11 -47.52
C HIS A 436 -36.49 -10.59 -47.40
N TYR A 437 -37.66 -10.02 -47.17
CA TYR A 437 -37.80 -8.59 -47.03
C TYR A 437 -38.56 -8.24 -45.76
N GLY A 438 -38.58 -6.95 -45.45
CA GLY A 438 -39.12 -6.45 -44.20
C GLY A 438 -38.01 -5.85 -43.35
N LEU A 439 -38.44 -5.31 -42.21
CA LEU A 439 -37.49 -4.68 -41.30
C LEU A 439 -36.61 -5.70 -40.61
N ILE A 440 -37.21 -6.79 -40.12
CA ILE A 440 -36.48 -7.77 -39.31
C ILE A 440 -35.73 -8.79 -40.14
N ASN A 441 -35.85 -8.75 -41.48
CA ASN A 441 -35.17 -9.69 -42.34
C ASN A 441 -34.17 -9.06 -43.29
N TYR A 442 -34.07 -7.74 -43.33
CA TYR A 442 -33.25 -7.03 -44.31
C TYR A 442 -32.28 -6.10 -43.60
N TYR A 443 -31.06 -5.98 -44.14
CA TYR A 443 -30.00 -5.20 -43.52
C TYR A 443 -29.77 -3.85 -44.18
N GLN A 444 -29.96 -3.73 -45.49
CA GLN A 444 -29.75 -2.47 -46.20
C GLN A 444 -31.04 -1.69 -46.37
N THR A 445 -31.94 -1.78 -45.38
CA THR A 445 -33.23 -1.11 -45.46
C THR A 445 -33.10 0.41 -45.46
N MET A 446 -32.20 0.94 -44.62
CA MET A 446 -32.07 2.39 -44.53
C MET A 446 -31.56 3.00 -45.82
N SER A 447 -30.93 2.22 -46.69
CA SER A 447 -30.52 2.69 -48.00
C SER A 447 -31.61 2.53 -49.04
N MET A 448 -32.48 1.53 -48.89
CA MET A 448 -33.64 1.41 -49.76
C MET A 448 -34.61 2.56 -49.54
N VAL A 449 -34.90 2.88 -48.28
CA VAL A 449 -35.87 3.93 -47.98
C VAL A 449 -35.42 5.26 -48.58
N SER A 450 -34.13 5.58 -48.45
CA SER A 450 -33.62 6.84 -48.95
C SER A 450 -33.73 6.90 -50.48
N GLY A 451 -33.59 8.12 -51.01
CA GLY A 451 -33.79 8.35 -52.42
C GLY A 451 -32.61 8.10 -53.34
N PHE A 452 -31.43 7.82 -52.79
CA PHE A 452 -30.25 7.56 -53.61
C PHE A 452 -29.23 6.82 -52.77
N ALA A 453 -28.98 5.55 -53.10
CA ALA A 453 -28.12 4.70 -52.26
C ALA A 453 -26.64 5.07 -52.29
N PRO A 454 -26.08 5.58 -53.39
CA PRO A 454 -24.66 5.95 -53.35
C PRO A 454 -24.34 6.96 -52.26
N LEU A 455 -25.31 7.78 -51.86
CA LEU A 455 -25.10 8.66 -50.72
C LEU A 455 -24.84 7.86 -49.45
N ILE A 456 -25.61 6.79 -49.23
CA ILE A 456 -25.38 5.94 -48.07
C ILE A 456 -24.01 5.27 -48.16
N THR A 457 -23.63 4.84 -49.36
CA THR A 457 -22.29 4.27 -49.54
C THR A 457 -21.22 5.27 -49.11
N ALA A 458 -21.39 6.53 -49.51
CA ALA A 458 -20.46 7.58 -49.12
C ALA A 458 -20.44 7.77 -47.61
N GLY A 459 -21.61 7.73 -46.97
CA GLY A 459 -21.66 7.86 -45.53
C GLY A 459 -20.85 6.79 -44.82
N ILE A 460 -21.02 5.53 -45.24
CA ILE A 460 -20.25 4.44 -44.64
C ILE A 460 -18.76 4.66 -44.84
N PHE A 461 -18.36 5.00 -46.08
CA PHE A 461 -16.95 5.26 -46.34
C PHE A 461 -16.40 6.30 -45.37
N GLY A 462 -17.10 7.43 -45.25
CA GLY A 462 -16.61 8.52 -44.44
C GLY A 462 -16.48 8.14 -42.97
N ALA A 463 -17.47 7.44 -42.43
CA ALA A 463 -17.40 7.04 -41.03
C ALA A 463 -16.18 6.16 -40.77
N THR A 464 -16.01 5.13 -41.60
CA THR A 464 -14.90 4.20 -41.36
C THR A 464 -13.55 4.92 -41.45
N LEU A 465 -13.37 5.74 -42.48
CA LEU A 465 -12.08 6.39 -42.67
C LEU A 465 -11.78 7.38 -41.56
N SER A 466 -12.80 8.13 -41.11
CA SER A 466 -12.58 9.05 -40.00
C SER A 466 -12.13 8.31 -38.75
N SER A 467 -12.76 7.18 -38.45
CA SER A 467 -12.35 6.42 -37.27
C SER A 467 -10.88 6.00 -37.37
N ALA A 468 -10.49 5.46 -38.53
CA ALA A 468 -9.11 5.01 -38.69
C ALA A 468 -8.12 6.15 -38.46
N LEU A 469 -8.40 7.31 -39.06
CA LEU A 469 -7.49 8.44 -38.94
C LEU A 469 -7.36 8.89 -37.49
N ALA A 470 -8.48 9.01 -36.78
CA ALA A 470 -8.42 9.44 -35.39
C ALA A 470 -7.58 8.48 -34.55
N CYS A 471 -7.79 7.18 -34.72
CA CYS A 471 -7.02 6.21 -33.95
C CYS A 471 -5.53 6.36 -34.22
N LEU A 472 -5.16 6.47 -35.50
CA LEU A 472 -3.74 6.57 -35.84
C LEU A 472 -3.10 7.76 -35.14
N VAL A 473 -3.69 8.95 -35.28
CA VAL A 473 -3.06 10.14 -34.74
C VAL A 473 -2.95 10.04 -33.22
N SER A 474 -4.01 9.58 -32.57
CA SER A 474 -3.98 9.47 -31.11
C SER A 474 -2.86 8.56 -30.66
N ALA A 475 -2.71 7.40 -31.31
CA ALA A 475 -1.67 6.46 -30.91
C ALA A 475 -0.29 7.09 -31.04
N ALA A 476 -0.03 7.77 -32.16
CA ALA A 476 1.29 8.35 -32.35
C ALA A 476 1.62 9.36 -31.26
N LYS A 477 0.68 10.27 -30.97
CA LYS A 477 0.96 11.29 -29.97
C LYS A 477 1.18 10.69 -28.59
N VAL A 478 0.33 9.74 -28.19
CA VAL A 478 0.48 9.13 -26.87
C VAL A 478 1.84 8.44 -26.76
N PHE A 479 2.26 7.72 -27.81
CA PHE A 479 3.53 7.02 -27.74
C PHE A 479 4.70 7.99 -27.62
N GLN A 480 4.67 9.08 -28.39
CA GLN A 480 5.76 10.06 -28.27
C GLN A 480 5.86 10.57 -26.84
N CYS A 481 4.74 10.99 -26.27
CA CYS A 481 4.79 11.55 -24.92
C CYS A 481 5.27 10.51 -23.91
N LEU A 482 4.77 9.28 -24.01
CA LEU A 482 5.17 8.27 -23.03
C LEU A 482 6.67 7.98 -23.11
N CYS A 483 7.19 7.85 -24.34
CA CYS A 483 8.62 7.55 -24.47
C CYS A 483 9.50 8.72 -24.06
N GLU A 484 8.97 9.94 -24.07
CA GLU A 484 9.78 11.07 -23.59
C GLU A 484 10.28 10.85 -22.16
N ASP A 485 9.39 10.38 -21.28
CA ASP A 485 9.69 10.40 -19.84
C ASP A 485 10.74 9.37 -19.42
N GLN A 486 11.15 8.47 -20.31
CA GLN A 486 12.22 7.52 -20.02
C GLN A 486 11.88 6.65 -18.81
N LEU A 487 10.81 5.86 -18.94
CA LEU A 487 10.37 4.96 -17.89
C LEU A 487 10.57 3.50 -18.23
N TYR A 488 10.98 3.18 -19.44
CA TYR A 488 11.24 1.83 -19.92
C TYR A 488 12.59 1.79 -20.61
N PRO A 489 13.18 0.61 -20.79
CA PRO A 489 14.60 0.54 -21.11
C PRO A 489 14.97 0.81 -22.56
N LEU A 490 14.16 0.35 -23.50
CA LEU A 490 14.58 0.36 -24.90
C LEU A 490 13.74 1.25 -25.81
N ILE A 491 12.49 1.52 -25.46
CA ILE A 491 11.58 2.24 -26.34
C ILE A 491 11.95 3.71 -26.41
N GLY A 492 13.00 4.11 -25.69
CA GLY A 492 13.40 5.51 -25.68
C GLY A 492 13.84 6.04 -27.02
N PHE A 493 14.23 5.15 -27.94
CA PHE A 493 14.66 5.60 -29.26
C PHE A 493 13.61 6.51 -29.88
N PHE A 494 12.34 6.13 -29.76
CA PHE A 494 11.25 6.96 -30.24
C PHE A 494 11.11 8.20 -29.37
N GLY A 495 10.77 9.32 -30.00
CA GLY A 495 10.59 10.55 -29.26
C GLY A 495 11.28 11.74 -29.89
N LYS A 496 11.99 11.52 -30.99
CA LYS A 496 12.65 12.59 -31.72
C LYS A 496 11.62 13.36 -32.53
N GLY A 497 11.53 14.67 -32.30
CA GLY A 497 10.63 15.52 -33.04
C GLY A 497 11.22 15.95 -34.37
N TYR A 498 10.48 16.81 -35.06
CA TYR A 498 10.90 17.29 -36.38
C TYR A 498 10.53 18.76 -36.52
N GLY A 499 10.59 19.25 -37.75
CA GLY A 499 10.51 20.67 -38.04
C GLY A 499 9.33 21.40 -37.42
N LYS A 500 9.60 22.58 -36.87
CA LYS A 500 8.57 23.36 -36.18
C LYS A 500 7.88 22.50 -35.14
N ASN A 501 6.66 22.04 -35.43
CA ASN A 501 5.98 21.12 -34.54
C ASN A 501 6.75 19.81 -34.47
N LYS A 502 7.09 19.39 -33.25
CA LYS A 502 7.78 18.13 -33.05
C LYS A 502 6.85 17.01 -33.50
N GLU A 503 7.13 16.43 -34.66
CA GLU A 503 6.27 15.43 -35.26
C GLU A 503 6.92 14.07 -35.21
N PRO A 504 6.37 13.12 -34.47
CA PRO A 504 6.98 11.78 -34.34
C PRO A 504 6.77 10.86 -35.55
N VAL A 505 7.54 11.12 -36.61
CA VAL A 505 7.51 10.22 -37.76
C VAL A 505 7.92 8.81 -37.33
N ARG A 506 8.74 8.70 -36.28
CA ARG A 506 9.14 7.39 -35.79
C ARG A 506 7.94 6.60 -35.31
N GLY A 507 7.14 7.20 -34.43
CA GLY A 507 5.93 6.54 -33.96
C GLY A 507 4.92 6.31 -35.07
N TYR A 508 4.82 7.26 -36.01
CA TYR A 508 3.92 7.07 -37.13
C TYR A 508 4.27 5.81 -37.91
N LEU A 509 5.57 5.64 -38.23
CA LEU A 509 5.99 4.46 -38.96
C LEU A 509 5.79 3.19 -38.14
N LEU A 510 6.10 3.25 -36.84
CA LEU A 510 5.89 2.09 -35.98
C LEU A 510 4.43 1.63 -36.03
N ALA A 511 3.49 2.56 -35.81
CA ALA A 511 2.08 2.20 -35.79
C ALA A 511 1.61 1.72 -37.17
N TYR A 512 2.09 2.35 -38.24
CA TYR A 512 1.70 1.89 -39.57
C TYR A 512 2.17 0.46 -39.81
N ALA A 513 3.40 0.14 -39.42
CA ALA A 513 3.92 -1.21 -39.61
C ALA A 513 3.11 -2.22 -38.80
N ILE A 514 2.77 -1.88 -37.56
CA ILE A 514 1.97 -2.79 -36.74
C ILE A 514 0.61 -3.00 -37.39
N ALA A 515 0.00 -1.93 -37.89
CA ALA A 515 -1.32 -2.04 -38.51
C ALA A 515 -1.28 -2.94 -39.74
N VAL A 516 -0.23 -2.82 -40.56
CA VAL A 516 -0.10 -3.69 -41.72
C VAL A 516 0.07 -5.14 -41.29
N ALA A 517 0.97 -5.37 -40.31
CA ALA A 517 1.21 -6.73 -39.86
C ALA A 517 -0.05 -7.36 -39.29
N PHE A 518 -0.98 -6.55 -38.80
CA PHE A 518 -2.23 -7.10 -38.29
C PHE A 518 -3.29 -7.27 -39.37
N ILE A 519 -3.37 -6.32 -40.31
CA ILE A 519 -4.35 -6.41 -41.37
C ILE A 519 -4.04 -7.55 -42.32
N ILE A 520 -2.78 -8.01 -42.38
CA ILE A 520 -2.47 -9.15 -43.23
C ILE A 520 -3.32 -10.35 -42.87
N ILE A 521 -3.63 -10.55 -41.57
CA ILE A 521 -4.42 -11.69 -41.16
C ILE A 521 -5.84 -11.61 -41.74
N ALA A 522 -6.46 -10.44 -41.62
CA ALA A 522 -7.79 -10.18 -42.17
C ALA A 522 -8.89 -10.85 -41.36
N GLU A 523 -8.52 -11.69 -40.40
CA GLU A 523 -9.48 -12.32 -39.50
C GLU A 523 -9.16 -11.84 -38.09
N LEU A 524 -10.08 -11.08 -37.50
CA LEU A 524 -9.80 -10.42 -36.23
C LEU A 524 -10.95 -10.53 -35.23
N ASN A 525 -11.96 -11.36 -35.49
CA ASN A 525 -13.07 -11.48 -34.54
C ASN A 525 -12.63 -12.09 -33.22
N THR A 526 -11.44 -12.67 -33.16
CA THR A 526 -10.86 -13.18 -31.92
C THR A 526 -9.82 -12.24 -31.33
N ILE A 527 -9.76 -11.00 -31.79
CA ILE A 527 -8.81 -10.04 -31.26
C ILE A 527 -9.52 -8.75 -30.85
N ALA A 528 -10.84 -8.69 -31.07
CA ALA A 528 -11.57 -7.46 -30.76
C ALA A 528 -11.85 -7.32 -29.27
N PRO A 529 -12.34 -8.34 -28.57
CA PRO A 529 -12.65 -8.17 -27.14
C PRO A 529 -11.46 -7.74 -26.31
N ILE A 530 -10.26 -8.17 -26.65
CA ILE A 530 -9.07 -7.72 -25.93
C ILE A 530 -8.99 -6.19 -25.97
N ILE A 531 -9.13 -5.63 -27.17
CA ILE A 531 -9.02 -4.18 -27.34
C ILE A 531 -10.14 -3.46 -26.60
N SER A 532 -11.37 -3.97 -26.72
CA SER A 532 -12.48 -3.35 -26.01
C SER A 532 -12.21 -3.30 -24.51
N ASN A 533 -11.74 -4.42 -23.94
CA ASN A 533 -11.51 -4.46 -22.51
C ASN A 533 -10.36 -3.55 -22.10
N PHE A 534 -9.34 -3.40 -22.95
CA PHE A 534 -8.30 -2.43 -22.67
C PHE A 534 -8.87 -1.01 -22.57
N PHE A 535 -9.74 -0.65 -23.51
CA PHE A 535 -10.35 0.67 -23.45
C PHE A 535 -11.18 0.85 -22.17
N LEU A 536 -11.92 -0.19 -21.78
CA LEU A 536 -12.70 -0.10 -20.56
C LEU A 536 -11.82 0.06 -19.33
N CYS A 537 -10.67 -0.62 -19.32
CA CYS A 537 -9.71 -0.41 -18.24
C CYS A 537 -9.26 1.05 -18.18
N SER A 538 -9.03 1.65 -19.35
CA SER A 538 -8.69 3.07 -19.36
C SER A 538 -9.79 3.92 -18.72
N TYR A 539 -11.05 3.63 -19.08
CA TYR A 539 -12.17 4.33 -18.45
C TYR A 539 -12.10 4.21 -16.92
N ALA A 540 -11.90 2.99 -16.43
CA ALA A 540 -11.88 2.75 -14.99
C ALA A 540 -10.78 3.54 -14.31
N LEU A 541 -9.58 3.56 -14.91
CA LEU A 541 -8.47 4.29 -14.34
C LEU A 541 -8.76 5.79 -14.28
N ILE A 542 -9.37 6.34 -15.34
CA ILE A 542 -9.69 7.77 -15.31
C ILE A 542 -10.63 8.08 -14.16
N ASN A 543 -11.70 7.29 -14.03
CA ASN A 543 -12.69 7.57 -13.00
C ASN A 543 -12.08 7.45 -11.61
N PHE A 544 -11.25 6.43 -11.38
CA PHE A 544 -10.64 6.26 -10.08
C PHE A 544 -9.67 7.40 -9.77
N SER A 545 -8.94 7.88 -10.78
CA SER A 545 -8.07 9.04 -10.56
C SER A 545 -8.88 10.22 -10.03
N CYS A 546 -10.00 10.52 -10.68
CA CYS A 546 -10.84 11.61 -10.21
C CYS A 546 -11.28 11.38 -8.77
N PHE A 547 -11.82 10.19 -8.47
CA PHE A 547 -12.38 9.95 -7.14
C PHE A 547 -11.32 10.08 -6.06
N HIS A 548 -10.14 9.48 -6.29
CA HIS A 548 -9.08 9.53 -5.29
C HIS A 548 -8.62 10.96 -5.07
N ALA A 549 -8.35 11.69 -6.15
CA ALA A 549 -7.94 13.09 -5.98
C ALA A 549 -8.96 13.87 -5.17
N SER A 550 -10.25 13.68 -5.46
CA SER A 550 -11.27 14.41 -4.72
C SER A 550 -11.27 14.04 -3.24
N ILE A 551 -11.14 12.74 -2.93
CA ILE A 551 -11.27 12.30 -1.56
C ILE A 551 -10.08 12.78 -0.72
N THR A 552 -8.89 12.78 -1.29
CA THR A 552 -7.72 13.19 -0.52
C THR A 552 -7.81 14.66 -0.11
N ASN A 553 -8.14 15.54 -1.05
CA ASN A 553 -8.37 16.96 -0.77
C ASN A 553 -7.13 17.65 -0.21
N SER A 554 -6.07 17.65 -1.01
CA SER A 554 -4.90 18.43 -0.64
C SER A 554 -5.12 19.91 -0.98
N PRO A 555 -4.38 20.81 -0.34
CA PRO A 555 -4.57 22.24 -0.63
C PRO A 555 -4.20 22.64 -2.05
N GLY A 556 -3.49 21.79 -2.78
CA GLY A 556 -3.18 22.01 -4.18
C GLY A 556 -4.20 21.50 -5.16
N TRP A 557 -5.36 21.02 -4.69
CA TRP A 557 -6.41 20.45 -5.54
C TRP A 557 -7.52 21.49 -5.67
N ARG A 558 -7.46 22.28 -6.73
CA ARG A 558 -8.42 23.36 -6.97
C ARG A 558 -8.79 23.40 -8.44
N PRO A 559 -9.76 22.60 -8.85
CA PRO A 559 -10.22 22.64 -10.24
C PRO A 559 -11.32 23.69 -10.45
N SER A 560 -11.30 24.31 -11.62
CA SER A 560 -12.29 25.33 -11.95
C SER A 560 -13.64 24.74 -12.33
N PHE A 561 -13.66 23.59 -12.98
CA PHE A 561 -14.90 22.91 -13.32
C PHE A 561 -15.47 22.24 -12.07
N GLN A 562 -16.66 22.66 -11.65
CA GLN A 562 -17.24 22.25 -10.38
C GLN A 562 -18.64 21.68 -10.56
N TYR A 563 -18.78 20.77 -11.51
CA TYR A 563 -20.07 20.14 -11.82
C TYR A 563 -19.94 18.61 -11.79
N TYR A 564 -19.33 18.09 -10.73
CA TYR A 564 -19.10 16.66 -10.62
C TYR A 564 -19.29 16.24 -9.16
N ASN A 565 -19.06 14.95 -8.90
CA ASN A 565 -19.23 14.38 -7.57
C ASN A 565 -18.37 13.12 -7.47
N LYS A 566 -17.75 12.90 -6.31
CA LYS A 566 -16.80 11.81 -6.18
C LYS A 566 -17.49 10.45 -6.10
N TRP A 567 -18.63 10.37 -5.41
CA TRP A 567 -19.33 9.09 -5.31
C TRP A 567 -19.74 8.57 -6.68
N ALA A 568 -20.21 9.48 -7.55
CA ALA A 568 -20.58 9.08 -8.90
C ALA A 568 -19.37 8.56 -9.67
N ALA A 569 -18.20 9.18 -9.49
CA ALA A 569 -17.00 8.68 -10.15
C ALA A 569 -16.64 7.27 -9.67
N LEU A 570 -16.70 7.04 -8.36
CA LEU A 570 -16.42 5.71 -7.84
C LEU A 570 -17.39 4.68 -8.42
N PHE A 571 -18.68 5.02 -8.44
CA PHE A 571 -19.67 4.15 -9.04
C PHE A 571 -19.35 3.88 -10.51
N GLY A 572 -18.89 4.91 -11.22
CA GLY A 572 -18.55 4.74 -12.62
C GLY A 572 -17.43 3.74 -12.83
N ALA A 573 -16.38 3.84 -12.02
CA ALA A 573 -15.28 2.88 -12.14
C ALA A 573 -15.76 1.46 -11.84
N ILE A 574 -16.57 1.30 -10.79
CA ILE A 574 -17.05 -0.04 -10.45
C ILE A 574 -17.90 -0.61 -11.58
N ILE A 575 -18.83 0.19 -12.11
CA ILE A 575 -19.69 -0.30 -13.18
C ILE A 575 -18.86 -0.61 -14.42
N SER A 576 -17.81 0.17 -14.68
CA SER A 576 -16.94 -0.13 -15.81
C SER A 576 -16.36 -1.54 -15.69
N VAL A 577 -15.79 -1.86 -14.52
CA VAL A 577 -15.22 -3.20 -14.36
C VAL A 577 -16.31 -4.27 -14.44
N VAL A 578 -17.49 -3.96 -13.91
CA VAL A 578 -18.59 -4.93 -13.97
C VAL A 578 -18.94 -5.24 -15.43
N ILE A 579 -19.07 -4.22 -16.26
CA ILE A 579 -19.38 -4.42 -17.67
C ILE A 579 -18.26 -5.19 -18.35
N MET A 580 -17.01 -4.87 -18.03
CA MET A 580 -15.89 -5.62 -18.59
C MET A 580 -16.06 -7.11 -18.34
N PHE A 581 -16.32 -7.49 -17.09
CA PHE A 581 -16.45 -8.91 -16.77
C PHE A 581 -17.77 -9.47 -17.28
N LEU A 582 -18.72 -8.62 -17.64
CA LEU A 582 -20.01 -9.04 -18.16
C LEU A 582 -20.02 -9.23 -19.67
N LEU A 583 -19.04 -8.71 -20.40
CA LEU A 583 -19.00 -8.92 -21.84
C LEU A 583 -18.37 -10.27 -22.21
N THR A 584 -17.09 -10.45 -21.88
CA THR A 584 -16.38 -11.68 -22.24
C THR A 584 -15.29 -11.92 -21.21
N TRP A 585 -15.45 -12.98 -20.41
CA TRP A 585 -14.69 -13.09 -19.16
C TRP A 585 -13.21 -13.34 -19.40
N TRP A 586 -12.85 -14.20 -20.36
CA TRP A 586 -11.43 -14.53 -20.50
C TRP A 586 -10.63 -13.33 -20.97
N ALA A 587 -11.18 -12.52 -21.87
CA ALA A 587 -10.49 -11.32 -22.30
C ALA A 587 -10.30 -10.35 -21.14
N ALA A 588 -11.29 -10.27 -20.24
CA ALA A 588 -11.14 -9.43 -19.06
C ALA A 588 -10.04 -9.94 -18.15
N LEU A 589 -9.97 -11.25 -17.94
CA LEU A 589 -8.89 -11.81 -17.15
C LEU A 589 -7.53 -11.47 -17.75
N ILE A 590 -7.40 -11.61 -19.07
CA ILE A 590 -6.12 -11.29 -19.70
C ILE A 590 -5.78 -9.82 -19.54
N ALA A 591 -6.76 -8.94 -19.77
CA ALA A 591 -6.50 -7.50 -19.67
C ALA A 591 -6.03 -7.13 -18.27
N ILE A 592 -6.73 -7.61 -17.25
CA ILE A 592 -6.37 -7.27 -15.88
C ILE A 592 -5.02 -7.86 -15.52
N GLY A 593 -4.71 -9.06 -16.02
CA GLY A 593 -3.40 -9.63 -15.78
C GLY A 593 -2.28 -8.80 -16.37
N VAL A 594 -2.47 -8.30 -17.60
CA VAL A 594 -1.45 -7.46 -18.21
C VAL A 594 -1.27 -6.17 -17.41
N VAL A 595 -2.38 -5.55 -17.01
CA VAL A 595 -2.28 -4.34 -16.20
C VAL A 595 -1.46 -4.62 -14.95
N LEU A 596 -1.78 -5.72 -14.26
CA LEU A 596 -1.09 -6.05 -13.01
C LEU A 596 0.39 -6.28 -13.22
N PHE A 597 0.76 -7.06 -14.24
CA PHE A 597 2.17 -7.35 -14.47
C PHE A 597 2.94 -6.08 -14.80
N LEU A 598 2.36 -5.20 -15.62
CA LEU A 598 3.05 -3.96 -15.94
C LEU A 598 3.21 -3.08 -14.71
N LEU A 599 2.18 -3.01 -13.87
CA LEU A 599 2.28 -2.23 -12.65
C LEU A 599 3.40 -2.76 -11.75
N LEU A 600 3.50 -4.08 -11.64
CA LEU A 600 4.57 -4.67 -10.83
C LEU A 600 5.95 -4.34 -11.39
N TYR A 601 6.13 -4.44 -12.70
CA TYR A 601 7.42 -4.09 -13.27
C TYR A 601 7.75 -2.63 -12.99
N VAL A 602 6.78 -1.73 -13.19
CA VAL A 602 7.04 -0.31 -12.94
C VAL A 602 7.47 -0.10 -11.50
N ILE A 603 6.69 -0.64 -10.55
CA ILE A 603 7.02 -0.44 -9.14
C ILE A 603 8.40 -0.98 -8.82
N TYR A 604 8.77 -2.11 -9.44
CA TYR A 604 10.08 -2.68 -9.18
C TYR A 604 11.19 -1.83 -9.79
N LYS A 605 10.89 -1.12 -10.88
CA LYS A 605 11.93 -0.38 -11.58
C LYS A 605 12.41 0.85 -10.82
N LYS A 606 11.59 1.39 -9.91
CA LYS A 606 11.99 2.55 -9.12
C LYS A 606 12.22 3.79 -9.98
N PRO A 607 11.18 4.35 -10.60
CA PRO A 607 11.33 5.62 -11.40
C PRO A 607 12.10 6.72 -10.69
N GLU A 608 12.62 7.70 -11.44
CA GLU A 608 13.49 8.72 -10.88
C GLU A 608 12.90 10.12 -11.05
N VAL A 609 11.58 10.25 -10.94
CA VAL A 609 10.89 11.49 -11.26
C VAL A 609 9.88 11.81 -10.16
N ASN A 610 9.52 13.09 -10.05
CA ASN A 610 8.58 13.55 -9.03
C ASN A 610 7.72 14.66 -9.62
N TRP A 611 6.40 14.41 -9.73
CA TRP A 611 5.47 15.38 -10.29
C TRP A 611 4.40 15.85 -9.34
N GLY A 612 4.15 15.14 -8.25
CA GLY A 612 3.18 15.57 -7.25
C GLY A 612 1.84 14.88 -7.44
N SER A 613 1.56 13.85 -6.63
CA SER A 613 0.40 13.01 -6.86
C SER A 613 -0.43 12.92 -5.59
N SER A 614 -1.62 12.35 -5.73
CA SER A 614 -2.50 12.17 -4.59
C SER A 614 -1.97 11.10 -3.63
N VAL A 615 -1.08 10.23 -4.10
CA VAL A 615 -0.56 9.17 -3.24
C VAL A 615 0.35 9.73 -2.15
N GLN A 616 1.24 10.66 -2.50
CA GLN A 616 2.13 11.25 -1.51
C GLN A 616 1.35 12.08 -0.49
N ALA A 617 0.36 12.84 -0.96
CA ALA A 617 -0.51 13.56 -0.04
C ALA A 617 -1.25 12.60 0.87
N GLY A 618 -1.69 11.46 0.35
CA GLY A 618 -2.32 10.47 1.19
C GLY A 618 -1.40 9.91 2.25
N SER A 619 -0.13 9.72 1.90
CA SER A 619 0.83 9.24 2.89
C SER A 619 0.99 10.24 4.03
N TYR A 620 1.10 11.53 3.69
CA TYR A 620 1.13 12.54 4.74
C TYR A 620 -0.15 12.51 5.56
N ASN A 621 -1.30 12.37 4.89
CA ASN A 621 -2.58 12.30 5.58
C ASN A 621 -2.59 11.19 6.62
N LEU A 622 -2.16 10.00 6.22
CA LEU A 622 -2.17 8.85 7.13
C LEU A 622 -1.21 9.05 8.29
N ALA A 623 -0.01 9.56 8.01
CA ALA A 623 0.93 9.84 9.10
C ALA A 623 0.30 10.77 10.14
N LEU A 624 -0.27 11.88 9.67
CA LEU A 624 -0.86 12.85 10.60
C LEU A 624 -2.03 12.24 11.36
N SER A 625 -2.91 11.51 10.66
CA SER A 625 -4.10 10.95 11.29
C SER A 625 -3.73 9.94 12.38
N TYR A 626 -2.75 9.08 12.12
CA TYR A 626 -2.39 8.09 13.13
C TYR A 626 -1.62 8.72 14.29
N SER A 627 -0.81 9.74 14.03
CA SER A 627 -0.20 10.45 15.15
C SER A 627 -1.26 11.04 16.06
N VAL A 628 -2.26 11.71 15.47
CA VAL A 628 -3.32 12.32 16.27
C VAL A 628 -4.10 11.24 17.02
N GLY A 629 -4.35 10.11 16.37
CA GLY A 629 -5.05 9.02 17.04
C GLY A 629 -4.29 8.50 18.25
N LEU A 630 -2.98 8.29 18.10
CA LEU A 630 -2.20 7.84 19.25
C LEU A 630 -2.23 8.88 20.36
N ASN A 631 -2.15 10.17 20.00
CA ASN A 631 -2.17 11.21 21.03
C ASN A 631 -3.49 11.26 21.77
N GLU A 632 -4.61 10.94 21.09
CA GLU A 632 -5.92 11.09 21.72
C GLU A 632 -6.05 10.21 22.96
N VAL A 633 -5.59 8.96 22.88
CA VAL A 633 -5.77 8.04 23.99
C VAL A 633 -5.02 8.53 25.23
N GLU A 634 -5.56 8.21 26.39
CA GLU A 634 -4.92 8.55 27.66
C GLU A 634 -3.58 7.83 27.78
N ASP A 635 -2.83 8.17 28.83
CA ASP A 635 -1.55 7.57 29.13
C ASP A 635 -1.72 6.47 30.19
N HIS A 636 -0.94 5.40 30.04
CA HIS A 636 -0.92 4.33 31.03
C HIS A 636 0.40 3.59 30.92
N ILE A 637 0.71 2.82 31.96
CA ILE A 637 2.03 2.18 32.08
C ILE A 637 2.20 0.99 31.15
N LYS A 638 1.13 0.48 30.55
CA LYS A 638 1.29 -0.82 29.88
C LYS A 638 1.90 -0.72 28.51
N ASN A 639 2.58 0.35 28.15
CA ASN A 639 3.17 0.46 26.82
C ASN A 639 4.59 1.01 26.91
N TYR A 640 5.42 0.42 27.78
CA TYR A 640 6.81 0.80 27.80
C TYR A 640 7.51 0.31 26.54
N ARG A 641 8.36 1.17 25.97
CA ARG A 641 9.20 0.82 24.84
C ARG A 641 10.49 1.61 24.93
N PRO A 642 11.62 1.02 24.54
CA PRO A 642 12.88 1.76 24.51
C PRO A 642 12.93 2.70 23.30
N GLN A 643 12.98 4.00 23.57
CA GLN A 643 13.02 5.03 22.53
C GLN A 643 14.30 5.82 22.69
N CYS A 644 15.17 5.77 21.69
CA CYS A 644 16.56 6.14 21.83
C CYS A 644 16.91 7.39 21.03
N LEU A 645 17.68 8.27 21.66
CA LEU A 645 18.39 9.35 20.97
C LEU A 645 19.88 9.01 20.98
N VAL A 646 20.46 8.90 19.79
CA VAL A 646 21.84 8.46 19.62
C VAL A 646 22.67 9.64 19.16
N LEU A 647 23.71 9.97 19.92
CA LEU A 647 24.60 11.07 19.53
C LEU A 647 25.63 10.52 18.55
N THR A 648 25.46 10.83 17.27
CA THR A 648 26.30 10.23 16.24
C THR A 648 26.95 11.24 15.30
N GLY A 649 26.69 12.54 15.44
CA GLY A 649 27.17 13.51 14.49
C GLY A 649 26.73 13.15 13.08
N PRO A 650 27.61 13.36 12.11
CA PRO A 650 27.32 12.89 10.75
C PRO A 650 27.08 11.39 10.75
N PRO A 651 25.95 10.94 10.20
CA PRO A 651 25.62 9.51 10.33
C PRO A 651 26.64 8.58 9.71
N ASN A 652 27.31 9.01 8.64
CA ASN A 652 28.26 8.14 7.95
C ASN A 652 29.66 8.21 8.54
N PHE A 653 29.86 8.95 9.64
CA PHE A 653 31.15 8.94 10.31
C PHE A 653 31.29 7.72 11.22
N ARG A 654 30.38 7.57 12.18
CA ARG A 654 30.39 6.45 13.12
C ARG A 654 29.24 5.52 12.81
N PRO A 655 29.41 4.58 11.87
CA PRO A 655 28.28 3.73 11.48
C PRO A 655 28.05 2.54 12.40
N ALA A 656 29.04 2.16 13.21
CA ALA A 656 28.86 1.01 14.10
C ALA A 656 27.78 1.29 15.13
N LEU A 657 27.73 2.52 15.67
CA LEU A 657 26.70 2.86 16.63
C LEU A 657 25.32 2.79 15.99
N VAL A 658 25.18 3.32 14.77
CA VAL A 658 23.90 3.28 14.08
C VAL A 658 23.46 1.85 13.85
N ASP A 659 24.38 1.00 13.37
CA ASP A 659 24.04 -0.40 13.12
C ASP A 659 23.61 -1.10 14.41
N PHE A 660 24.36 -0.88 15.51
CA PHE A 660 24.04 -1.55 16.75
C PHE A 660 22.65 -1.16 17.25
N VAL A 661 22.34 0.14 17.23
CA VAL A 661 21.03 0.55 17.74
C VAL A 661 19.92 0.09 16.82
N GLY A 662 20.12 0.22 15.49
CA GLY A 662 19.10 -0.21 14.56
C GLY A 662 18.81 -1.69 14.65
N THR A 663 19.80 -2.49 15.07
CA THR A 663 19.57 -3.93 15.18
C THR A 663 18.39 -4.24 16.08
N PHE A 664 18.34 -3.65 17.27
CA PHE A 664 17.29 -3.97 18.23
C PHE A 664 16.16 -2.94 18.26
N THR A 665 16.28 -1.83 17.52
CA THR A 665 15.21 -0.85 17.48
C THR A 665 14.20 -1.11 16.36
N ARG A 666 14.62 -1.76 15.29
CA ARG A 666 13.79 -1.87 14.08
C ARG A 666 12.44 -2.51 14.38
N ASN A 667 11.39 -1.94 13.80
CA ASN A 667 10.01 -2.42 13.88
C ASN A 667 9.43 -2.38 15.29
N LEU A 668 10.12 -1.77 16.24
CA LEU A 668 9.64 -1.85 17.61
C LEU A 668 9.52 -0.51 18.31
N SER A 669 10.42 0.43 18.05
CA SER A 669 10.39 1.70 18.76
C SER A 669 11.08 2.77 17.95
N LEU A 670 10.96 4.01 18.43
CA LEU A 670 11.51 5.16 17.74
C LEU A 670 13.01 5.27 17.97
N MET A 671 13.73 5.67 16.91
CA MET A 671 15.17 5.91 16.95
C MET A 671 15.44 7.27 16.35
N ILE A 672 16.35 8.03 16.96
CA ILE A 672 16.70 9.36 16.47
C ILE A 672 18.21 9.52 16.46
N CYS A 673 18.73 10.15 15.41
CA CYS A 673 20.15 10.46 15.27
C CYS A 673 20.35 11.96 15.50
N GLY A 674 21.30 12.31 16.36
CA GLY A 674 21.58 13.69 16.69
C GLY A 674 22.88 14.17 16.08
N HIS A 675 22.96 15.48 15.82
CA HIS A 675 24.16 16.08 15.25
C HIS A 675 24.18 17.54 15.64
N VAL A 676 25.26 17.98 16.30
CA VAL A 676 25.37 19.34 16.81
C VAL A 676 26.42 20.08 15.99
N LEU A 677 26.00 21.13 15.29
CA LEU A 677 26.89 22.03 14.59
C LEU A 677 27.09 23.27 15.43
N ILE A 678 28.34 23.67 15.63
CA ILE A 678 28.60 24.71 16.61
C ILE A 678 28.04 26.05 16.13
N GLY A 679 28.67 26.64 15.12
CA GLY A 679 28.11 27.80 14.47
C GLY A 679 28.23 29.03 15.34
N PRO A 680 28.76 30.11 14.78
CA PRO A 680 28.54 31.43 15.38
C PRO A 680 27.16 31.95 15.02
N HIS A 681 26.43 32.37 16.06
CA HIS A 681 25.12 32.99 15.89
C HIS A 681 24.03 31.95 15.61
N LYS A 682 23.13 32.25 14.68
CA LYS A 682 22.05 31.32 14.34
C LYS A 682 21.43 31.68 12.99
N GLN A 683 21.40 30.74 12.07
CA GLN A 683 20.78 30.96 10.77
C GLN A 683 20.56 29.63 10.08
N ARG A 684 19.78 29.66 9.01
CA ARG A 684 19.50 28.47 8.21
C ARG A 684 19.53 28.89 6.74
N MET A 685 20.55 28.45 6.03
CA MET A 685 20.68 28.65 4.60
C MET A 685 20.35 27.37 3.86
N PRO A 686 20.13 27.44 2.54
CA PRO A 686 19.78 26.23 1.79
C PRO A 686 20.83 25.13 1.88
N GLU A 687 22.08 25.48 2.19
CA GLU A 687 23.11 24.46 2.32
C GLU A 687 22.75 23.46 3.41
N LEU A 688 22.22 23.95 4.53
CA LEU A 688 21.79 23.04 5.59
C LEU A 688 20.68 22.12 5.11
N GLN A 689 19.71 22.66 4.36
CA GLN A 689 18.62 21.83 3.87
C GLN A 689 19.13 20.75 2.93
N LEU A 690 20.05 21.10 2.04
CA LEU A 690 20.60 20.11 1.12
C LEU A 690 21.40 19.04 1.86
N ILE A 691 22.23 19.47 2.83
CA ILE A 691 23.02 18.51 3.59
C ILE A 691 22.10 17.55 4.34
N ALA A 692 21.04 18.08 4.94
CA ALA A 692 20.10 17.24 5.68
C ALA A 692 19.38 16.26 4.76
N ASN A 693 18.94 16.72 3.58
CA ASN A 693 18.28 15.81 2.65
C ASN A 693 19.25 14.71 2.21
N GLY A 694 20.51 15.06 1.98
CA GLY A 694 21.49 14.04 1.66
C GLY A 694 21.67 13.03 2.77
N HIS A 695 21.72 13.52 4.01
CA HIS A 695 21.86 12.61 5.15
C HIS A 695 20.66 11.67 5.26
N THR A 696 19.45 12.20 5.06
CA THR A 696 18.27 11.35 5.10
C THR A 696 18.31 10.30 4.00
N LYS A 697 18.74 10.69 2.80
CA LYS A 697 18.87 9.72 1.72
C LYS A 697 19.88 8.62 2.07
N TRP A 698 21.03 9.01 2.61
CA TRP A 698 22.04 8.02 3.01
C TRP A 698 21.47 7.06 4.04
N LEU A 699 20.76 7.60 5.05
CA LEU A 699 20.20 6.73 6.08
C LEU A 699 19.17 5.78 5.48
N ASN A 700 18.32 6.28 4.59
CA ASN A 700 17.28 5.44 3.99
C ASN A 700 17.83 4.49 2.93
N LYS A 701 19.10 4.60 2.56
CA LYS A 701 19.68 3.70 1.58
C LYS A 701 20.33 2.46 2.20
N ARG A 702 20.28 2.31 3.52
CA ARG A 702 20.85 1.14 4.19
C ARG A 702 19.82 0.40 5.02
N LYS A 703 18.54 0.57 4.71
CA LYS A 703 17.44 -0.11 5.41
C LYS A 703 17.47 0.18 6.91
N ILE A 704 17.57 1.46 7.25
CA ILE A 704 17.57 1.92 8.63
C ILE A 704 16.38 2.83 8.84
N LYS A 705 15.72 2.70 9.99
CA LYS A 705 14.53 3.47 10.32
C LYS A 705 14.89 4.45 11.45
N ALA A 706 15.30 5.66 11.08
CA ALA A 706 15.70 6.66 12.04
C ALA A 706 15.49 8.04 11.44
N PHE A 707 15.25 9.01 12.31
CA PHE A 707 15.12 10.40 11.90
C PHE A 707 16.44 11.12 12.17
N TYR A 708 16.87 11.94 11.22
CA TYR A 708 18.10 12.71 11.35
C TYR A 708 17.76 14.15 11.69
N SER A 709 18.38 14.66 12.76
CA SER A 709 18.12 16.01 13.23
C SER A 709 19.44 16.71 13.55
N ASP A 710 19.49 18.02 13.29
CA ASP A 710 20.68 18.81 13.53
C ASP A 710 20.29 20.13 14.18
N VAL A 711 21.20 20.65 15.01
CA VAL A 711 21.00 21.93 15.68
C VAL A 711 22.33 22.69 15.69
N ILE A 712 22.25 23.98 16.01
CA ILE A 712 23.40 24.87 16.09
C ILE A 712 23.52 25.38 17.52
N ALA A 713 24.73 25.32 18.06
CA ALA A 713 24.97 25.74 19.43
C ALA A 713 26.46 25.98 19.62
N GLU A 714 26.80 26.72 20.68
CA GLU A 714 28.20 27.08 20.89
C GLU A 714 29.06 25.88 21.25
N ASP A 715 28.54 24.91 22.00
CA ASP A 715 29.28 23.71 22.34
C ASP A 715 28.37 22.50 22.22
N LEU A 716 28.90 21.34 22.58
CA LEU A 716 28.17 20.09 22.46
C LEU A 716 27.11 19.94 23.55
N ARG A 717 27.44 20.33 24.78
CA ARG A 717 26.51 20.16 25.89
C ARG A 717 25.20 20.89 25.63
N ARG A 718 25.28 22.13 25.14
CA ARG A 718 24.06 22.90 24.91
C ARG A 718 23.20 22.30 23.81
N GLY A 719 23.83 21.82 22.73
CA GLY A 719 23.05 21.17 21.69
C GLY A 719 22.37 19.91 22.18
N VAL A 720 23.08 19.13 23.00
CA VAL A 720 22.48 17.92 23.55
C VAL A 720 21.32 18.27 24.47
N GLN A 721 21.47 19.34 25.25
CA GLN A 721 20.37 19.81 26.09
C GLN A 721 19.16 20.19 25.26
N ILE A 722 19.39 20.91 24.15
CA ILE A 722 18.30 21.30 23.27
C ILE A 722 17.56 20.07 22.76
N LEU A 723 18.31 19.09 22.23
CA LEU A 723 17.68 17.90 21.69
C LEU A 723 16.92 17.13 22.76
N MET A 724 17.51 16.99 23.95
CA MET A 724 16.85 16.27 25.04
C MET A 724 15.60 17.00 25.52
N GLN A 725 15.56 18.32 25.40
CA GLN A 725 14.45 19.07 25.94
C GLN A 725 13.26 19.15 24.99
N ALA A 726 13.51 19.21 23.68
CA ALA A 726 12.42 19.57 22.77
C ALA A 726 12.08 18.53 21.70
N ALA A 727 12.91 17.53 21.47
CA ALA A 727 12.67 16.62 20.36
C ALA A 727 11.43 15.75 20.60
N GLY A 728 10.79 15.33 19.51
CA GLY A 728 9.70 14.39 19.56
C GLY A 728 8.36 15.00 19.15
N LEU A 729 7.30 14.27 19.45
CA LEU A 729 5.95 14.75 19.16
C LEU A 729 4.95 13.93 19.96
N GLY A 730 4.17 14.58 20.80
CA GLY A 730 3.17 13.86 21.59
C GLY A 730 3.82 12.82 22.47
N ARG A 731 3.52 11.55 22.20
CA ARG A 731 4.04 10.44 23.00
C ARG A 731 5.36 9.90 22.47
N MET A 732 5.57 9.91 21.15
CA MET A 732 6.81 9.41 20.57
C MET A 732 7.92 10.42 20.85
N LYS A 733 8.56 10.26 22.00
CA LYS A 733 9.76 10.99 22.39
C LYS A 733 10.72 10.03 23.06
N PRO A 734 12.02 10.32 23.03
CA PRO A 734 12.99 9.37 23.57
C PRO A 734 13.00 9.36 25.09
N ASN A 735 13.52 8.25 25.63
CA ASN A 735 13.80 8.15 27.06
C ASN A 735 15.12 7.44 27.35
N ILE A 736 15.97 7.23 26.36
CA ILE A 736 17.31 6.68 26.55
C ILE A 736 18.27 7.46 25.66
N LEU A 737 19.49 7.64 26.16
CA LEU A 737 20.53 8.37 25.45
C LEU A 737 21.72 7.45 25.23
N VAL A 738 22.13 7.32 23.97
CA VAL A 738 23.22 6.41 23.59
C VAL A 738 24.38 7.24 23.05
N VAL A 739 25.54 7.11 23.70
CA VAL A 739 26.72 7.88 23.39
C VAL A 739 27.94 6.96 23.32
N GLY A 740 28.96 7.42 22.60
CA GLY A 740 30.18 6.66 22.44
C GLY A 740 31.30 7.14 23.34
N PHE A 741 32.32 6.29 23.48
CA PHE A 741 33.41 6.52 24.42
C PHE A 741 34.45 7.48 23.83
N LYS A 742 34.91 8.42 24.66
CA LYS A 742 35.97 9.34 24.24
C LYS A 742 37.31 8.77 24.68
N LYS A 743 37.89 7.94 23.81
CA LYS A 743 39.10 7.19 24.15
C LYS A 743 40.33 8.06 24.31
N ASN A 744 40.30 9.32 23.87
CA ASN A 744 41.44 10.21 23.94
C ASN A 744 41.36 11.19 25.10
N TRP A 745 40.79 10.76 26.22
CA TRP A 745 40.60 11.66 27.35
C TRP A 745 41.89 11.91 28.12
N GLN A 746 42.93 11.11 27.91
CA GLN A 746 44.19 11.33 28.62
C GLN A 746 44.95 12.51 28.07
N SER A 747 44.80 12.81 26.78
CA SER A 747 45.49 13.90 26.12
C SER A 747 44.44 14.81 25.48
N ALA A 748 43.94 15.76 26.27
CA ALA A 748 42.91 16.68 25.80
C ALA A 748 42.74 17.78 26.84
N HIS A 749 42.37 18.96 26.37
CA HIS A 749 42.14 20.08 27.27
C HIS A 749 41.07 19.69 28.28
N PRO A 750 41.34 19.78 29.58
CA PRO A 750 40.43 19.17 30.57
C PRO A 750 38.98 19.59 30.44
N ALA A 751 38.70 20.82 29.98
CA ALA A 751 37.32 21.25 29.86
C ALA A 751 36.51 20.32 28.96
N THR A 752 37.17 19.67 28.00
CA THR A 752 36.45 18.75 27.11
C THR A 752 35.89 17.56 27.87
N VAL A 753 36.73 16.91 28.68
CA VAL A 753 36.24 15.81 29.51
C VAL A 753 35.23 16.33 30.51
N GLU A 754 35.41 17.57 30.98
CA GLU A 754 34.44 18.17 31.88
C GLU A 754 33.06 18.23 31.22
N ASP A 755 33.00 18.69 29.97
CA ASP A 755 31.72 18.76 29.29
C ASP A 755 31.15 17.39 28.97
N TYR A 756 32.01 16.41 28.68
CA TYR A 756 31.54 15.04 28.48
C TYR A 756 30.83 14.52 29.73
N ILE A 757 31.49 14.64 30.87
CA ILE A 757 30.88 14.18 32.12
C ILE A 757 29.64 15.00 32.44
N GLY A 758 29.64 16.29 32.09
CA GLY A 758 28.45 17.09 32.28
C GLY A 758 27.27 16.61 31.43
N ILE A 759 27.55 16.16 30.21
CA ILE A 759 26.51 15.56 29.39
C ILE A 759 25.92 14.35 30.11
N LEU A 760 26.79 13.50 30.63
CA LEU A 760 26.31 12.33 31.38
C LEU A 760 25.46 12.75 32.57
N HIS A 761 25.92 13.76 33.33
CA HIS A 761 25.19 14.20 34.51
C HIS A 761 23.83 14.77 34.15
N ASP A 762 23.75 15.58 33.09
CA ASP A 762 22.47 16.11 32.65
C ASP A 762 21.52 14.99 32.25
N ALA A 763 22.01 14.02 31.48
CA ALA A 763 21.16 12.90 31.10
C ALA A 763 20.63 12.18 32.33
N PHE A 764 21.50 11.93 33.31
CA PHE A 764 21.05 11.30 34.55
C PHE A 764 20.00 12.14 35.25
N ASP A 765 20.16 13.46 35.20
CA ASP A 765 19.27 14.39 35.88
C ASP A 765 17.95 14.58 35.18
N PHE A 766 17.82 14.16 33.92
CA PHE A 766 16.56 14.29 33.18
C PHE A 766 15.65 13.07 33.31
N ASN A 767 16.00 12.09 34.14
CA ASN A 767 15.24 10.84 34.25
C ASN A 767 15.37 10.01 32.97
N TYR A 768 16.59 9.94 32.45
CA TYR A 768 16.92 9.17 31.25
C TYR A 768 17.56 7.85 31.65
N GLY A 769 17.69 6.97 30.67
CA GLY A 769 18.60 5.84 30.74
C GLY A 769 19.83 6.17 29.91
N VAL A 770 20.95 5.57 30.27
CA VAL A 770 22.24 5.93 29.68
C VAL A 770 22.91 4.68 29.10
N CYS A 771 23.50 4.84 27.92
CA CYS A 771 24.29 3.78 27.31
C CYS A 771 25.59 4.35 26.78
N VAL A 772 26.71 3.75 27.18
CA VAL A 772 28.04 4.16 26.75
C VAL A 772 28.64 3.00 25.97
N MET A 773 28.99 3.25 24.71
CA MET A 773 29.56 2.24 23.85
C MET A 773 31.06 2.46 23.70
N ARG A 774 31.80 1.37 23.55
CA ARG A 774 33.25 1.43 23.61
C ARG A 774 33.85 0.28 22.80
N MET A 775 34.85 0.59 21.98
CA MET A 775 35.51 -0.39 21.13
C MET A 775 37.01 -0.15 21.17
N ARG A 776 37.76 -1.23 20.97
CA ARG A 776 39.22 -1.15 21.13
C ARG A 776 39.87 -0.34 20.01
N GLU A 777 39.33 -0.40 18.80
CA GLU A 777 39.93 0.35 17.69
C GLU A 777 39.50 1.81 17.71
N GLY A 778 38.19 2.05 17.69
CA GLY A 778 37.65 3.40 17.63
C GLY A 778 36.38 3.41 16.79
N LEU A 779 35.53 4.41 17.07
CA LEU A 779 34.26 4.51 16.37
C LEU A 779 34.29 5.42 15.16
N ASN A 780 35.13 6.45 15.16
CA ASN A 780 35.20 7.38 14.04
C ASN A 780 36.29 7.00 13.05
N GLU A 815 31.07 0.94 -1.83
CA GLU A 815 30.34 2.18 -1.60
C GLU A 815 30.15 2.40 -0.11
N GLN A 816 29.14 1.74 0.45
CA GLN A 816 28.98 1.72 1.90
C GLN A 816 30.12 0.94 2.54
N ALA A 817 30.51 1.35 3.73
CA ALA A 817 31.49 0.60 4.49
C ALA A 817 30.80 -0.48 5.32
N THR A 818 31.54 -1.53 5.65
CA THR A 818 31.01 -2.64 6.42
C THR A 818 31.16 -2.37 7.91
N THR A 819 30.80 -3.35 8.72
CA THR A 819 30.90 -3.24 10.18
C THR A 819 30.66 -4.61 10.78
N ILE A 820 31.29 -4.85 11.93
CA ILE A 820 31.18 -6.15 12.60
C ILE A 820 29.75 -6.47 12.99
N PHE A 821 28.88 -5.46 13.09
CA PHE A 821 27.50 -5.70 13.50
C PHE A 821 26.61 -6.18 12.35
N GLN A 822 27.14 -6.25 11.13
CA GLN A 822 26.40 -6.70 9.97
C GLN A 822 26.85 -8.07 9.48
N SER A 823 27.63 -8.78 10.27
CA SER A 823 28.16 -10.09 9.90
C SER A 823 27.63 -11.15 10.86
N GLU A 824 27.91 -12.40 10.49
CA GLU A 824 27.48 -13.54 11.29
C GLU A 824 28.30 -13.63 12.58
N GLN A 825 27.72 -14.29 13.57
CA GLN A 825 28.36 -14.43 14.88
C GLN A 825 28.77 -15.86 15.20
N GLY A 826 28.00 -16.84 14.80
CA GLY A 826 28.37 -18.24 15.03
C GLY A 826 27.86 -18.73 16.38
N LYS A 827 28.79 -19.14 17.24
CA LYS A 827 28.42 -19.74 18.53
C LYS A 827 29.06 -19.03 19.71
N LYS A 828 29.70 -17.87 19.51
CA LYS A 828 30.24 -17.13 20.63
C LYS A 828 29.13 -16.82 21.63
N THR A 829 29.54 -16.47 22.85
CA THR A 829 28.61 -16.28 23.96
C THR A 829 28.54 -14.81 24.36
N ILE A 830 27.49 -14.48 25.12
CA ILE A 830 27.26 -13.14 25.64
C ILE A 830 27.29 -13.19 27.15
N ASP A 831 28.09 -12.32 27.77
CA ASP A 831 28.27 -12.30 29.21
C ASP A 831 27.66 -11.03 29.79
N ILE A 832 26.84 -11.20 30.83
CA ILE A 832 26.14 -10.10 31.49
C ILE A 832 26.53 -10.08 32.96
N TYR A 833 26.89 -8.90 33.46
CA TYR A 833 27.34 -8.72 34.84
C TYR A 833 26.34 -7.82 35.55
N TRP A 834 25.33 -8.44 36.16
CA TRP A 834 24.22 -7.74 36.78
C TRP A 834 24.55 -7.48 38.25
N LEU A 835 24.86 -6.22 38.59
CA LEU A 835 25.23 -5.87 39.94
C LEU A 835 24.28 -4.89 40.62
N PHE A 836 23.25 -4.41 39.92
CA PHE A 836 22.35 -3.44 40.51
C PHE A 836 20.98 -3.54 39.86
N ASP A 837 19.94 -3.55 40.67
CA ASP A 837 18.56 -3.67 40.19
C ASP A 837 18.04 -2.29 39.86
N ASP A 838 17.98 -1.98 38.56
CA ASP A 838 17.57 -0.66 38.08
C ASP A 838 16.28 -0.68 37.29
N GLY A 839 15.58 -1.82 37.24
CA GLY A 839 14.39 -1.96 36.43
C GLY A 839 14.51 -2.99 35.32
N GLY A 840 15.65 -3.63 35.13
CA GLY A 840 15.77 -4.66 34.13
C GLY A 840 16.09 -4.20 32.73
N LEU A 841 16.35 -2.92 32.53
CA LEU A 841 16.82 -2.48 31.21
C LEU A 841 18.20 -3.07 30.91
N THR A 842 19.00 -3.36 31.93
CA THR A 842 20.27 -4.02 31.73
C THR A 842 20.10 -5.43 31.18
N LEU A 843 18.91 -6.00 31.29
CA LEU A 843 18.62 -7.33 30.77
C LEU A 843 17.77 -7.33 29.51
N LEU A 844 16.99 -6.27 29.28
CA LEU A 844 16.12 -6.24 28.09
C LEU A 844 16.94 -6.07 26.83
N ILE A 845 17.97 -5.21 26.85
CA ILE A 845 18.76 -4.98 25.64
C ILE A 845 19.45 -6.25 25.18
N PRO A 846 20.18 -6.99 26.02
CA PRO A 846 20.74 -8.28 25.57
C PRO A 846 19.68 -9.27 25.14
N TYR A 847 18.50 -9.26 25.77
CA TYR A 847 17.46 -10.21 25.42
C TYR A 847 16.87 -9.93 24.04
N LEU A 848 16.53 -8.67 23.77
CA LEU A 848 15.98 -8.32 22.46
C LEU A 848 16.99 -8.51 21.34
N LEU A 849 18.28 -8.50 21.65
CA LEU A 849 19.31 -8.75 20.65
C LEU A 849 19.50 -10.23 20.35
N GLY A 850 18.81 -11.11 21.07
CA GLY A 850 18.88 -12.54 20.85
C GLY A 850 17.67 -13.18 20.23
N ARG A 851 16.75 -12.40 19.67
CA ARG A 851 15.64 -12.93 18.90
C ARG A 851 15.89 -12.85 17.40
N LYS A 852 17.08 -12.45 16.99
CA LYS A 852 17.39 -12.22 15.59
C LYS A 852 18.06 -13.44 14.97
N ARG A 853 18.19 -13.39 13.64
CA ARG A 853 18.77 -14.50 12.90
C ARG A 853 20.29 -14.47 12.88
N ARG A 854 20.91 -13.46 13.49
CA ARG A 854 22.36 -13.35 13.54
C ARG A 854 22.94 -13.61 14.92
N TRP A 855 22.14 -13.49 15.97
CA TRP A 855 22.55 -13.86 17.33
C TRP A 855 21.82 -15.09 17.83
N SER A 856 21.13 -15.82 16.95
CA SER A 856 20.27 -16.91 17.40
C SER A 856 21.06 -18.10 17.90
N LYS A 857 22.29 -18.30 17.42
CA LYS A 857 23.09 -19.42 17.89
C LYS A 857 23.96 -19.07 19.08
N CYS A 858 24.02 -17.79 19.45
CA CYS A 858 24.85 -17.37 20.58
C CYS A 858 24.23 -17.83 21.89
N LYS A 859 25.09 -18.21 22.84
CA LYS A 859 24.66 -18.68 24.15
C LYS A 859 24.86 -17.57 25.17
N ILE A 860 23.82 -17.32 25.98
CA ILE A 860 23.82 -16.23 26.94
C ILE A 860 24.23 -16.77 28.30
N ARG A 861 25.35 -16.27 28.83
CA ARG A 861 25.81 -16.58 30.17
C ARG A 861 25.52 -15.39 31.07
N VAL A 862 24.89 -15.64 32.22
CA VAL A 862 24.53 -14.59 33.15
C VAL A 862 25.33 -14.80 34.43
N PHE A 863 26.19 -13.85 34.77
CA PHE A 863 26.96 -13.87 36.00
C PHE A 863 26.19 -13.07 37.04
N VAL A 864 25.15 -13.70 37.58
CA VAL A 864 24.13 -12.97 38.35
C VAL A 864 24.63 -12.92 39.79
N GLY A 865 25.50 -11.94 40.04
CA GLY A 865 25.70 -11.51 41.41
C GLY A 865 24.47 -10.73 41.80
N GLY A 866 23.36 -11.46 41.98
CA GLY A 866 22.02 -10.93 41.80
C GLY A 866 21.79 -9.48 42.20
N GLN A 867 22.24 -9.09 43.39
CA GLN A 867 22.14 -7.69 43.79
C GLN A 867 23.31 -7.39 44.72
N ILE A 868 24.42 -6.92 44.14
CA ILE A 868 25.63 -6.69 44.90
C ILE A 868 25.36 -5.64 45.96
N ASN A 869 25.10 -4.40 45.54
CA ASN A 869 24.55 -3.38 46.42
C ASN A 869 23.05 -3.23 46.21
N ARG A 870 22.32 -4.35 46.15
CA ARG A 870 20.87 -4.28 45.99
C ARG A 870 20.14 -5.39 46.74
N MET A 871 20.70 -5.86 47.87
CA MET A 871 20.09 -6.93 48.65
C MET A 871 19.90 -8.19 47.79
N ASP A 872 21.04 -8.74 47.38
CA ASP A 872 21.04 -9.90 46.49
C ASP A 872 20.29 -11.07 47.12
N GLN A 873 19.82 -11.97 46.26
CA GLN A 873 19.17 -13.21 46.69
C GLN A 873 20.13 -14.36 46.45
N GLU A 874 20.30 -15.21 47.47
CA GLU A 874 21.35 -16.21 47.41
C GLU A 874 21.15 -17.19 46.26
N ARG A 875 20.12 -18.03 46.33
CA ARG A 875 19.97 -19.05 45.29
C ARG A 875 18.56 -19.13 44.71
N LYS A 876 17.53 -18.95 45.53
CA LYS A 876 16.17 -19.16 45.08
C LYS A 876 15.67 -18.04 44.17
N ALA A 877 15.60 -16.82 44.70
CA ALA A 877 15.04 -15.71 43.94
C ALA A 877 15.87 -15.33 42.73
N ILE A 878 17.15 -15.72 42.69
CA ILE A 878 18.00 -15.35 41.57
C ILE A 878 17.44 -15.91 40.26
N ILE A 879 17.02 -17.18 40.27
CA ILE A 879 16.48 -17.80 39.06
C ILE A 879 15.01 -17.53 38.86
N SER A 880 14.36 -16.81 39.77
CA SER A 880 12.96 -16.48 39.61
C SER A 880 12.76 -15.17 38.85
N LEU A 881 13.56 -14.15 39.16
CA LEU A 881 13.47 -12.88 38.44
C LEU A 881 13.80 -13.07 36.97
N LEU A 882 14.95 -13.69 36.68
CA LEU A 882 15.30 -13.98 35.29
C LEU A 882 14.27 -14.88 34.64
N SER A 883 13.63 -15.75 35.42
CA SER A 883 12.57 -16.58 34.86
C SER A 883 11.41 -15.73 34.36
N LYS A 884 11.02 -14.72 35.13
CA LYS A 884 9.92 -13.85 34.72
C LYS A 884 10.23 -13.06 33.46
N PHE A 885 11.49 -13.00 33.05
CA PHE A 885 11.89 -12.30 31.84
C PHE A 885 11.80 -13.18 30.60
N ARG A 886 11.26 -14.39 30.75
CA ARG A 886 11.11 -15.33 29.63
C ARG A 886 12.32 -15.27 28.73
N LEU A 887 13.50 -15.28 29.35
CA LEU A 887 14.75 -15.03 28.64
C LEU A 887 15.38 -16.29 28.08
N GLY A 888 15.02 -17.46 28.61
CA GLY A 888 15.73 -18.66 28.23
C GLY A 888 17.12 -18.77 28.83
N PHE A 889 17.39 -18.02 29.90
CA PHE A 889 18.70 -18.03 30.54
C PHE A 889 19.22 -19.45 30.69
N HIS A 890 20.38 -19.71 30.09
CA HIS A 890 20.92 -21.05 30.05
C HIS A 890 22.01 -21.31 31.08
N GLU A 891 22.55 -20.28 31.71
CA GLU A 891 23.59 -20.47 32.71
C GLU A 891 23.55 -19.34 33.72
N VAL A 892 24.21 -19.56 34.85
CA VAL A 892 24.24 -18.62 35.96
C VAL A 892 25.51 -18.89 36.75
N HIS A 893 26.15 -17.84 37.25
CA HIS A 893 27.32 -17.94 38.10
C HIS A 893 27.23 -16.95 39.24
N ILE A 894 28.15 -17.08 40.19
CA ILE A 894 28.16 -16.28 41.41
C ILE A 894 29.55 -15.71 41.63
N LEU A 895 29.62 -14.42 41.92
CA LEU A 895 30.89 -13.73 42.18
C LEU A 895 30.81 -13.00 43.52
N PRO A 896 31.31 -13.60 44.60
CA PRO A 896 31.22 -12.95 45.91
C PRO A 896 32.47 -12.17 46.29
N ASP A 897 33.52 -12.31 45.49
CA ASP A 897 34.84 -11.78 45.85
C ASP A 897 35.10 -10.39 45.28
N ILE A 898 34.22 -9.45 45.58
CA ILE A 898 34.43 -8.07 45.15
C ILE A 898 35.39 -7.36 46.09
N ASN A 899 35.15 -7.46 47.40
CA ASN A 899 35.92 -6.72 48.38
C ASN A 899 37.40 -7.10 48.38
N GLN A 900 37.73 -8.31 47.94
CA GLN A 900 39.09 -8.82 48.04
C GLN A 900 40.08 -7.79 47.50
N ASN A 901 41.29 -7.82 48.04
CA ASN A 901 42.32 -6.88 47.62
C ASN A 901 42.85 -7.28 46.25
N PRO A 902 42.76 -6.42 45.25
CA PRO A 902 43.31 -6.76 43.93
C PRO A 902 44.83 -6.76 43.97
N ARG A 903 45.41 -7.50 43.03
CA ARG A 903 46.86 -7.50 42.89
C ARG A 903 47.40 -6.09 42.88
N ALA A 904 48.36 -5.81 43.77
CA ALA A 904 48.89 -4.46 43.89
C ALA A 904 49.53 -3.98 42.59
N GLU A 905 49.90 -4.90 41.71
CA GLU A 905 50.44 -4.50 40.41
C GLU A 905 49.41 -3.75 39.59
N HIS A 906 48.14 -4.21 39.62
CA HIS A 906 47.10 -3.53 38.86
C HIS A 906 46.68 -2.22 39.54
N THR A 907 46.68 -2.19 40.87
CA THR A 907 46.36 -0.95 41.57
C THR A 907 47.32 0.17 41.17
N LYS A 908 48.60 -0.16 41.00
CA LYS A 908 49.59 0.85 40.62
C LYS A 908 49.19 1.56 39.34
N ARG A 909 48.69 0.81 38.36
CA ARG A 909 48.27 1.43 37.10
C ARG A 909 47.19 2.47 37.32
N PHE A 910 46.42 2.36 38.41
CA PHE A 910 45.36 3.32 38.69
C PHE A 910 45.91 4.61 39.27
N GLU A 911 46.95 4.52 40.13
CA GLU A 911 47.51 5.73 40.72
C GLU A 911 48.25 6.56 39.68
N ASP A 912 48.76 5.91 38.62
CA ASP A 912 49.56 6.64 37.64
C ASP A 912 48.70 7.57 36.78
N MET A 913 47.52 7.10 36.35
CA MET A 913 46.68 7.91 35.48
C MET A 913 46.03 9.06 36.24
N ILE A 914 45.63 8.81 37.49
CA ILE A 914 45.05 9.87 38.32
C ILE A 914 46.06 10.90 38.78
N ALA A 915 47.35 10.64 38.62
CA ALA A 915 48.37 11.56 39.11
C ALA A 915 48.28 12.94 38.47
N PRO A 916 48.14 13.08 37.15
CA PRO A 916 48.21 14.42 36.55
C PRO A 916 47.10 15.35 36.99
N PHE A 917 46.00 14.85 37.54
CA PHE A 917 44.90 15.68 38.00
C PHE A 917 44.96 15.94 39.50
N ARG A 918 46.05 15.55 40.16
CA ARG A 918 46.17 15.74 41.59
C ARG A 918 46.33 17.23 41.92
N LEU A 919 45.57 17.70 42.90
CA LEU A 919 45.74 19.06 43.41
C LEU A 919 46.68 19.11 44.61
N ASN A 920 47.01 17.97 45.21
CA ASN A 920 47.88 17.89 46.38
C ASN A 920 47.52 18.99 47.39
N ASP A 921 46.27 18.93 47.85
CA ASP A 921 45.70 19.91 48.76
C ASP A 921 45.41 19.31 50.14
N GLY A 922 46.32 18.48 50.65
CA GLY A 922 46.04 17.76 51.88
C GLY A 922 45.88 18.68 53.08
N PHE A 923 46.74 19.69 53.19
CA PHE A 923 46.76 20.56 54.36
C PHE A 923 45.81 21.75 54.23
N LYS A 924 45.06 21.83 53.13
CA LYS A 924 44.12 22.92 52.93
C LYS A 924 42.79 22.62 53.60
N ASP A 925 42.12 23.66 54.06
CA ASP A 925 40.81 23.50 54.66
C ASP A 925 39.75 23.29 53.57
N GLU A 926 38.60 22.76 53.99
CA GLU A 926 37.53 22.50 53.05
C GLU A 926 36.90 23.79 52.54
N ALA A 927 37.01 24.88 53.32
CA ALA A 927 36.43 26.15 52.90
C ALA A 927 37.21 26.74 51.73
N THR A 928 38.54 26.76 51.81
CA THR A 928 39.37 27.40 50.81
C THR A 928 39.71 26.50 49.63
N VAL A 929 39.39 25.21 49.71
CA VAL A 929 39.66 24.33 48.57
C VAL A 929 38.82 24.75 47.37
N ASN A 930 37.59 25.20 47.62
CA ASN A 930 36.74 25.67 46.54
C ASN A 930 37.35 26.85 45.79
N GLU A 931 38.23 27.61 46.46
CA GLU A 931 38.83 28.77 45.82
C GLU A 931 39.60 28.38 44.56
N MET A 932 40.41 27.32 44.63
CA MET A 932 41.26 26.97 43.50
C MET A 932 40.47 26.48 42.30
N ARG A 933 39.24 26.00 42.50
CA ARG A 933 38.49 25.40 41.41
C ARG A 933 37.74 26.42 40.55
N ARG A 934 37.74 27.70 40.92
CA ARG A 934 37.02 28.69 40.13
C ARG A 934 37.61 28.85 38.74
N ASP A 935 38.83 28.36 38.53
CA ASP A 935 39.45 28.34 37.22
C ASP A 935 39.79 26.94 36.72
N CYS A 936 39.99 25.98 37.62
CA CYS A 936 40.32 24.60 37.27
C CYS A 936 39.39 23.67 38.03
N PRO A 937 38.13 23.58 37.60
CA PRO A 937 37.17 22.74 38.35
C PRO A 937 37.40 21.26 38.20
N TRP A 938 38.18 20.84 37.21
CA TRP A 938 38.34 19.41 36.95
C TRP A 938 39.23 18.73 37.98
N LYS A 939 40.18 19.46 38.56
CA LYS A 939 41.21 18.84 39.39
C LYS A 939 40.61 18.24 40.65
N ILE A 940 41.19 17.11 41.09
CA ILE A 940 40.74 16.38 42.25
C ILE A 940 41.37 16.97 43.52
N SER A 941 40.71 16.74 44.65
CA SER A 941 41.20 17.18 45.95
C SER A 941 41.85 16.02 46.69
N ASP A 942 42.43 16.34 47.86
CA ASP A 942 43.06 15.30 48.66
C ASP A 942 42.05 14.61 49.58
N GLU A 943 41.22 15.40 50.28
CA GLU A 943 40.19 14.80 51.12
C GLU A 943 39.26 13.91 50.32
N GLU A 944 39.10 14.18 49.03
CA GLU A 944 38.24 13.35 48.18
C GLU A 944 38.91 12.03 47.81
N ILE A 945 40.25 11.99 47.77
CA ILE A 945 40.94 10.75 47.41
C ILE A 945 40.75 9.71 48.50
N THR A 946 40.91 10.11 49.76
CA THR A 946 40.70 9.19 50.87
C THR A 946 39.23 8.89 51.10
N LYS A 947 38.33 9.82 50.76
CA LYS A 947 36.90 9.56 50.86
C LYS A 947 36.44 8.57 49.81
N ASN A 948 36.86 8.75 48.55
CA ASN A 948 36.53 7.81 47.48
C ASN A 948 37.69 6.85 47.26
N ARG A 949 37.86 5.93 48.22
CA ARG A 949 38.90 4.93 48.16
C ARG A 949 38.35 3.52 48.07
N VAL A 950 37.45 3.13 48.99
CA VAL A 950 36.87 1.80 48.93
C VAL A 950 36.10 1.62 47.63
N LYS A 951 35.29 2.62 47.27
CA LYS A 951 34.51 2.53 46.04
C LYS A 951 35.39 2.58 44.79
N SER A 952 36.67 2.95 44.94
CA SER A 952 37.61 2.93 43.82
C SER A 952 38.37 1.62 43.72
N LEU A 953 38.26 0.75 44.72
CA LEU A 953 38.92 -0.54 44.65
C LEU A 953 38.06 -1.58 43.93
N ARG A 954 36.74 -1.46 44.02
CA ARG A 954 35.86 -2.41 43.35
C ARG A 954 36.08 -2.37 41.84
N GLN A 955 36.30 -1.19 41.27
CA GLN A 955 36.43 -1.07 39.82
C GLN A 955 37.64 -1.85 39.32
N VAL A 956 38.79 -1.64 39.94
CA VAL A 956 40.00 -2.34 39.50
C VAL A 956 39.88 -3.84 39.76
N ARG A 957 39.29 -4.22 40.89
CA ARG A 957 39.13 -5.63 41.21
C ARG A 957 38.14 -6.30 40.25
N LEU A 958 37.03 -5.63 39.95
CA LEU A 958 36.05 -6.21 39.04
C LEU A 958 36.63 -6.40 37.66
N ASN A 959 37.47 -5.47 37.20
CA ASN A 959 38.16 -5.65 35.93
C ASN A 959 39.03 -6.90 35.94
N GLU A 960 39.43 -7.38 37.12
CA GLU A 960 40.18 -8.63 37.18
C GLU A 960 39.33 -9.80 36.74
N ILE A 961 38.12 -9.93 37.28
CA ILE A 961 37.28 -11.08 36.99
C ILE A 961 36.93 -11.12 35.51
N VAL A 962 36.47 -9.99 34.96
CA VAL A 962 36.01 -9.97 33.57
C VAL A 962 37.13 -10.40 32.63
N LEU A 963 38.36 -10.03 32.94
CA LEU A 963 39.48 -10.40 32.08
C LEU A 963 39.82 -11.88 32.17
N ASP A 964 39.02 -12.69 32.86
CA ASP A 964 39.26 -14.11 32.97
C ASP A 964 38.14 -14.98 32.42
N TYR A 965 36.99 -14.39 32.09
CA TYR A 965 35.87 -15.15 31.55
C TYR A 965 35.53 -14.75 30.12
N SER A 966 35.26 -13.47 29.89
CA SER A 966 34.81 -12.98 28.58
C SER A 966 35.98 -12.49 27.73
N ARG A 967 37.00 -13.32 27.56
CA ARG A 967 38.07 -13.03 26.63
C ARG A 967 37.77 -13.56 25.23
N ASP A 968 36.70 -14.34 25.07
CA ASP A 968 36.29 -14.88 23.79
C ASP A 968 34.77 -14.79 23.67
N ALA A 969 34.21 -13.65 24.07
CA ALA A 969 32.77 -13.45 24.12
C ALA A 969 32.41 -12.35 23.14
N ALA A 970 31.37 -12.58 22.35
CA ALA A 970 30.99 -11.60 21.32
C ALA A 970 30.62 -10.26 21.94
N LEU A 971 29.87 -10.28 23.04
CA LEU A 971 29.44 -9.05 23.69
C LEU A 971 29.70 -9.15 25.19
N ILE A 972 29.78 -7.98 25.83
CA ILE A 972 29.91 -7.87 27.28
C ILE A 972 29.03 -6.73 27.76
N VAL A 973 28.28 -6.98 28.84
CA VAL A 973 27.39 -5.99 29.43
C VAL A 973 27.70 -5.88 30.92
N ILE A 974 27.93 -4.66 31.39
CA ILE A 974 28.17 -4.40 32.81
C ILE A 974 27.31 -3.23 33.27
N THR A 975 27.09 -3.17 34.57
CA THR A 975 26.31 -2.10 35.17
C THR A 975 27.13 -0.82 35.24
N LEU A 976 26.61 0.27 34.69
CA LEU A 976 27.35 1.52 34.63
C LEU A 976 27.42 2.18 36.00
N PRO A 977 28.61 2.43 36.55
CA PRO A 977 28.70 3.17 37.81
C PRO A 977 28.03 4.53 37.70
N ILE A 978 27.75 5.12 38.86
CA ILE A 978 27.13 6.43 38.93
C ILE A 978 27.84 7.27 39.97
N GLY A 979 27.56 8.57 39.96
CA GLY A 979 28.16 9.48 40.90
C GLY A 979 27.28 10.65 41.27
N ARG A 980 27.26 11.01 42.55
CA ARG A 980 26.48 12.14 43.02
C ARG A 980 27.13 13.44 42.57
N LYS A 981 26.33 14.38 42.08
CA LYS A 981 26.86 15.66 41.65
C LYS A 981 27.61 16.34 42.78
N GLY A 982 28.80 16.85 42.49
CA GLY A 982 29.62 17.54 43.47
C GLY A 982 30.46 16.64 44.35
N LYS A 983 29.91 15.49 44.75
CA LYS A 983 30.65 14.58 45.60
C LYS A 983 31.77 13.86 44.88
N CYS A 984 31.85 13.99 43.55
CA CYS A 984 32.89 13.36 42.76
C CYS A 984 33.55 14.39 41.85
N PRO A 985 34.88 14.47 41.82
CA PRO A 985 35.53 15.28 40.79
C PRO A 985 35.32 14.64 39.42
N SER A 986 35.06 15.49 38.42
CA SER A 986 34.69 14.99 37.11
C SER A 986 35.78 14.09 36.52
N SER A 987 37.04 14.53 36.60
CA SER A 987 38.13 13.75 36.04
C SER A 987 38.26 12.40 36.73
N LEU A 988 37.87 12.32 38.01
CA LEU A 988 37.89 11.04 38.71
C LEU A 988 36.90 10.06 38.10
N TYR A 989 35.66 10.51 37.90
CA TYR A 989 34.63 9.64 37.35
C TYR A 989 35.01 9.11 35.97
N MET A 990 35.79 9.88 35.21
CA MET A 990 36.30 9.39 33.94
C MET A 990 37.45 8.40 34.12
N ALA A 991 38.07 8.35 35.29
CA ALA A 991 39.07 7.33 35.56
C ALA A 991 38.43 5.97 35.80
N TRP A 992 37.32 5.94 36.54
CA TRP A 992 36.64 4.68 36.81
C TRP A 992 36.16 4.02 35.52
N LEU A 993 35.63 4.81 34.59
CA LEU A 993 35.15 4.24 33.33
C LEU A 993 36.27 3.57 32.56
N GLU A 994 37.44 4.22 32.47
CA GLU A 994 38.55 3.65 31.72
C GLU A 994 39.01 2.32 32.32
N THR A 995 39.15 2.27 33.64
CA THR A 995 39.64 1.03 34.26
C THR A 995 38.66 -0.11 34.08
N LEU A 996 37.36 0.17 34.24
CA LEU A 996 36.35 -0.88 34.12
C LEU A 996 36.47 -1.61 32.80
N SER A 997 36.33 -0.90 31.69
CA SER A 997 36.42 -1.47 30.35
C SER A 997 37.79 -1.12 29.79
N GLN A 998 38.68 -2.11 29.76
CA GLN A 998 40.04 -1.87 29.27
C GLN A 998 40.72 -3.21 29.06
N ASP A 999 41.47 -3.31 27.95
CA ASP A 999 42.22 -4.51 27.60
C ASP A 999 41.32 -5.62 27.08
N LEU A 1000 40.15 -5.28 26.54
CA LEU A 1000 39.20 -6.27 26.06
C LEU A 1000 39.06 -6.19 24.54
N ARG A 1001 38.91 -7.35 23.92
CA ARG A 1001 38.80 -7.42 22.46
C ARG A 1001 37.39 -7.08 21.98
N PRO A 1002 36.34 -7.64 22.57
CA PRO A 1002 34.99 -7.46 22.01
C PRO A 1002 34.45 -6.08 22.30
N PRO A 1003 33.36 -5.69 21.65
CA PRO A 1003 32.67 -4.45 22.03
C PRO A 1003 32.08 -4.57 23.43
N VAL A 1004 32.04 -3.43 24.12
CA VAL A 1004 31.62 -3.38 25.53
C VAL A 1004 30.52 -2.36 25.68
N ILE A 1005 29.46 -2.73 26.40
CA ILE A 1005 28.32 -1.84 26.64
C ILE A 1005 28.16 -1.68 28.15
N LEU A 1006 27.87 -0.45 28.57
CA LEU A 1006 27.61 -0.13 29.97
C LEU A 1006 26.24 0.53 30.07
N ILE A 1007 25.39 0.03 30.98
CA ILE A 1007 24.00 0.44 31.02
C ILE A 1007 23.54 0.67 32.46
N ARG A 1008 22.52 1.50 32.60
CA ARG A 1008 21.85 1.73 33.88
C ARG A 1008 20.48 2.31 33.60
N GLY A 1009 19.43 1.59 33.98
CA GLY A 1009 18.08 1.96 33.59
C GLY A 1009 17.49 3.09 34.41
N ASN A 1010 16.36 3.60 33.90
CA ASN A 1010 15.63 4.71 34.51
C ASN A 1010 14.97 4.32 35.82
N GLN A 1011 15.04 3.06 36.22
CA GLN A 1011 14.38 2.57 37.42
C GLN A 1011 12.86 2.62 37.28
N GLU A 1012 12.36 2.15 36.14
CA GLU A 1012 10.95 2.01 35.87
C GLU A 1012 10.66 0.59 35.42
N ASN A 1013 9.51 0.05 35.78
CA ASN A 1013 9.20 -1.33 35.41
C ASN A 1013 9.11 -1.57 33.92
N VAL A 1014 10.09 -2.25 33.34
CA VAL A 1014 10.11 -2.53 31.92
C VAL A 1014 9.43 -3.83 31.57
N LEU A 1015 8.87 -4.50 32.56
CA LEU A 1015 8.17 -5.79 32.36
C LEU A 1015 6.82 -5.71 31.66
N THR A 1016 6.27 -4.51 31.53
CA THR A 1016 5.06 -4.24 30.76
C THR A 1016 5.15 -4.46 29.26
N PHE A 1017 6.37 -4.46 28.73
CA PHE A 1017 6.60 -4.63 27.31
C PHE A 1017 6.06 -5.97 26.77
N TYR A 1018 6.23 -7.05 27.53
CA TYR A 1018 5.78 -8.39 27.13
C TYR A 1018 4.27 -8.51 26.95
N CYS A 1019 3.84 -9.50 26.16
CA CYS A 1019 2.41 -9.67 25.97
C CYS A 1019 1.94 -10.93 26.67
N GLY B 136 2.73 -40.05 15.61
CA GLY B 136 3.89 -39.65 14.81
C GLY B 136 4.34 -40.74 13.87
N TRP B 137 4.43 -41.96 14.38
CA TRP B 137 4.83 -43.11 13.58
C TRP B 137 3.64 -43.90 13.05
N VAL B 138 2.55 -43.93 13.81
CA VAL B 138 1.30 -44.55 13.37
C VAL B 138 0.24 -43.47 13.34
N LYS B 139 -0.05 -42.89 14.51
CA LYS B 139 -0.97 -41.76 14.56
C LYS B 139 -0.40 -40.53 13.87
N GLY B 140 0.87 -40.55 13.50
CA GLY B 140 1.46 -39.47 12.74
C GLY B 140 2.02 -39.91 11.41
N VAL B 141 2.36 -41.20 11.28
CA VAL B 141 3.03 -41.72 10.10
C VAL B 141 2.21 -42.79 9.40
N MET B 142 1.83 -43.85 10.12
CA MET B 142 1.31 -45.05 9.49
C MET B 142 0.00 -45.56 10.07
N ILE B 143 -0.68 -44.79 10.92
CA ILE B 143 -2.04 -45.14 11.34
C ILE B 143 -2.96 -43.96 11.04
N ARG B 144 -2.73 -42.83 11.73
CA ARG B 144 -3.49 -41.63 11.41
C ARG B 144 -2.96 -40.99 10.13
N CYS B 145 -1.65 -41.07 9.90
CA CYS B 145 -1.11 -40.81 8.57
C CYS B 145 -1.22 -42.03 7.68
N MET B 146 -1.62 -43.18 8.22
CA MET B 146 -1.99 -44.31 7.36
C MET B 146 -3.12 -43.90 6.43
N LEU B 147 -4.28 -43.56 7.00
CA LEU B 147 -5.37 -43.02 6.20
C LEU B 147 -4.94 -41.80 5.40
N ASN B 148 -3.83 -41.17 5.77
CA ASN B 148 -3.25 -40.10 4.98
C ASN B 148 -2.06 -40.56 4.14
N ILE B 149 -1.57 -41.79 4.34
CA ILE B 149 -0.54 -42.35 3.49
C ILE B 149 -0.99 -43.70 2.92
N TRP B 150 -1.19 -44.68 3.81
CA TRP B 150 -1.51 -46.05 3.42
C TRP B 150 -2.62 -46.61 4.30
N GLY B 151 -3.71 -45.86 4.43
CA GLY B 151 -4.75 -46.21 5.38
C GLY B 151 -6.15 -46.10 4.84
N VAL B 152 -7.01 -45.34 5.53
CA VAL B 152 -8.41 -45.22 5.18
C VAL B 152 -8.53 -45.02 3.67
N ILE B 153 -7.84 -44.00 3.15
CA ILE B 153 -7.79 -43.78 1.71
C ILE B 153 -7.09 -44.91 0.97
N LEU B 154 -6.51 -45.86 1.70
CA LEU B 154 -5.96 -47.08 1.12
C LEU B 154 -6.67 -48.34 1.58
N TYR B 155 -7.15 -48.39 2.81
CA TYR B 155 -7.88 -49.56 3.29
C TYR B 155 -9.30 -49.61 2.74
N LEU B 156 -9.80 -48.53 2.14
CA LEU B 156 -11.14 -48.51 1.58
C LEU B 156 -11.16 -48.70 0.07
N ARG B 157 -10.42 -47.86 -0.68
CA ARG B 157 -10.53 -47.86 -2.13
C ARG B 157 -9.17 -47.94 -2.82
N LEU B 158 -8.18 -48.55 -2.16
CA LEU B 158 -6.89 -48.77 -2.79
C LEU B 158 -6.95 -49.98 -3.71
N PRO B 159 -7.54 -51.09 -3.23
CA PRO B 159 -7.63 -52.27 -4.10
C PRO B 159 -8.36 -52.01 -5.40
N TRP B 160 -9.36 -51.12 -5.39
CA TRP B 160 -10.08 -50.81 -6.62
C TRP B 160 -9.14 -50.17 -7.65
N ILE B 161 -8.34 -49.19 -7.21
CA ILE B 161 -7.38 -48.56 -8.11
C ILE B 161 -6.36 -49.59 -8.59
N THR B 162 -5.88 -50.43 -7.67
CA THR B 162 -4.87 -51.42 -8.04
C THR B 162 -5.41 -52.38 -9.10
N ALA B 163 -6.65 -52.84 -8.93
CA ALA B 163 -7.26 -53.74 -9.90
C ALA B 163 -7.47 -53.04 -11.24
N GLN B 164 -8.05 -51.84 -11.22
CA GLN B 164 -8.29 -51.13 -12.47
C GLN B 164 -7.02 -50.67 -13.14
N ALA B 165 -5.88 -50.71 -12.45
CA ALA B 165 -4.60 -50.32 -13.03
C ALA B 165 -3.73 -51.51 -13.41
N GLY B 166 -3.48 -52.41 -12.46
CA GLY B 166 -2.54 -53.49 -12.63
C GLY B 166 -1.35 -53.35 -11.71
N ILE B 167 -0.56 -54.43 -11.66
CA ILE B 167 0.56 -54.48 -10.73
C ILE B 167 1.62 -53.44 -11.11
N VAL B 168 2.02 -53.42 -12.39
CA VAL B 168 3.12 -52.55 -12.79
C VAL B 168 2.72 -51.08 -12.66
N LEU B 169 1.52 -50.72 -13.08
CA LEU B 169 1.10 -49.32 -13.02
C LEU B 169 0.97 -48.85 -11.57
N THR B 170 0.38 -49.67 -10.71
CA THR B 170 0.28 -49.31 -9.29
C THR B 170 1.66 -49.18 -8.67
N TRP B 171 2.57 -50.09 -9.03
CA TRP B 171 3.95 -50.00 -8.53
C TRP B 171 4.60 -48.70 -8.98
N ILE B 172 4.38 -48.30 -10.23
CA ILE B 172 4.99 -47.08 -10.76
C ILE B 172 4.45 -45.86 -10.04
N ILE B 173 3.13 -45.81 -9.83
CA ILE B 173 2.54 -44.69 -9.12
C ILE B 173 3.08 -44.62 -7.70
N ILE B 174 3.19 -45.77 -7.03
CA ILE B 174 3.75 -45.79 -5.68
C ILE B 174 5.18 -45.28 -5.70
N LEU B 175 5.96 -45.68 -6.70
CA LEU B 175 7.36 -45.24 -6.78
C LEU B 175 7.44 -43.72 -6.94
N LEU B 176 6.62 -43.16 -7.83
CA LEU B 176 6.67 -41.71 -8.06
C LEU B 176 6.27 -40.95 -6.80
N SER B 177 5.18 -41.39 -6.16
CA SER B 177 4.76 -40.75 -4.92
C SER B 177 5.84 -40.84 -3.85
N VAL B 178 6.47 -42.01 -3.73
CA VAL B 178 7.51 -42.20 -2.72
C VAL B 178 8.69 -41.28 -3.01
N THR B 179 9.04 -41.11 -4.28
CA THR B 179 10.13 -40.22 -4.63
C THR B 179 9.82 -38.78 -4.23
N VAL B 180 8.63 -38.30 -4.57
CA VAL B 180 8.27 -36.93 -4.21
C VAL B 180 8.30 -36.75 -2.70
N THR B 181 7.69 -37.69 -1.97
CA THR B 181 7.64 -37.58 -0.52
C THR B 181 9.03 -37.66 0.08
N SER B 182 9.90 -38.51 -0.46
CA SER B 182 11.25 -38.64 0.10
C SER B 182 12.05 -37.37 -0.08
N ILE B 183 12.01 -36.77 -1.28
CA ILE B 183 12.73 -35.52 -1.48
C ILE B 183 12.19 -34.45 -0.54
N THR B 184 10.87 -34.35 -0.43
CA THR B 184 10.29 -33.36 0.47
C THR B 184 10.72 -33.61 1.91
N GLY B 185 10.70 -34.86 2.35
CA GLY B 185 11.07 -35.17 3.72
C GLY B 185 12.53 -34.89 4.02
N LEU B 186 13.41 -35.22 3.07
CA LEU B 186 14.81 -34.87 3.24
C LEU B 186 14.97 -33.37 3.44
N SER B 187 14.38 -32.58 2.55
CA SER B 187 14.49 -31.12 2.70
C SER B 187 13.91 -30.66 4.03
N ILE B 188 12.74 -31.18 4.40
CA ILE B 188 12.05 -30.72 5.59
C ILE B 188 12.89 -31.00 6.83
N SER B 189 13.37 -32.24 6.97
CA SER B 189 14.18 -32.59 8.13
C SER B 189 15.48 -31.80 8.17
N ALA B 190 16.16 -31.67 7.02
CA ALA B 190 17.42 -30.96 7.00
C ALA B 190 17.25 -29.51 7.43
N ILE B 191 16.17 -28.86 6.97
CA ILE B 191 15.90 -27.49 7.39
C ILE B 191 15.51 -27.45 8.87
N SER B 192 14.71 -28.42 9.32
CA SER B 192 14.19 -28.40 10.69
C SER B 192 15.30 -28.54 11.72
N THR B 193 16.27 -29.41 11.45
CA THR B 193 17.37 -29.66 12.39
C THR B 193 18.47 -28.61 12.21
N ASN B 194 18.14 -27.37 12.54
CA ASN B 194 19.07 -26.24 12.43
C ASN B 194 18.90 -25.37 13.67
N GLY B 195 19.74 -25.60 14.67
CA GLY B 195 19.70 -24.84 15.90
C GLY B 195 19.01 -25.59 17.03
N LYS B 196 19.25 -25.12 18.26
CA LYS B 196 18.58 -25.69 19.41
C LYS B 196 17.08 -25.51 19.30
N VAL B 197 16.32 -26.58 19.53
CA VAL B 197 14.89 -26.59 19.26
C VAL B 197 14.12 -26.21 20.52
N LYS B 198 13.25 -25.22 20.39
CA LYS B 198 12.27 -24.88 21.41
C LYS B 198 10.89 -25.21 20.85
N SER B 199 10.20 -26.15 21.49
CA SER B 199 8.93 -26.64 20.98
C SER B 199 7.92 -25.50 20.89
N GLY B 200 6.80 -25.78 20.24
CA GLY B 200 5.77 -24.78 20.06
C GLY B 200 5.03 -24.84 18.74
N GLY B 201 5.62 -25.46 17.73
CA GLY B 201 4.94 -25.62 16.46
C GLY B 201 5.86 -25.66 15.26
N THR B 202 5.52 -26.53 14.30
CA THR B 202 6.27 -26.59 13.05
C THR B 202 6.18 -25.29 12.25
N TYR B 203 5.04 -24.60 12.32
CA TYR B 203 4.94 -23.30 11.68
C TYR B 203 5.92 -22.32 12.29
N PHE B 204 6.01 -22.31 13.62
CA PHE B 204 6.99 -21.45 14.29
C PHE B 204 8.41 -21.81 13.89
N LEU B 205 8.72 -23.11 13.83
CA LEU B 205 10.06 -23.53 13.46
C LEU B 205 10.40 -23.10 12.03
N ILE B 206 9.49 -23.32 11.09
CA ILE B 206 9.75 -22.95 9.71
C ILE B 206 9.93 -21.46 9.58
N SER B 207 9.09 -20.68 10.26
CA SER B 207 9.24 -19.21 10.19
C SER B 207 10.57 -18.78 10.76
N ARG B 208 10.97 -19.33 11.91
CA ARG B 208 12.23 -18.96 12.53
C ARG B 208 13.43 -19.35 11.67
N SER B 209 13.30 -20.42 10.87
CA SER B 209 14.42 -20.84 10.05
C SER B 209 14.51 -20.08 8.73
N LEU B 210 13.40 -19.91 8.02
CA LEU B 210 13.41 -19.29 6.70
C LEU B 210 12.88 -17.86 6.70
N GLY B 211 12.62 -17.28 7.87
CA GLY B 211 12.07 -15.93 7.94
C GLY B 211 10.56 -15.92 7.85
N PRO B 212 9.96 -14.73 7.96
CA PRO B 212 8.49 -14.64 7.89
C PRO B 212 7.94 -14.53 6.49
N GLU B 213 8.74 -13.99 5.56
CA GLU B 213 8.24 -13.76 4.20
C GLU B 213 7.68 -15.02 3.59
N LEU B 214 8.44 -16.13 3.65
CA LEU B 214 7.95 -17.41 3.15
C LEU B 214 7.11 -18.14 4.18
N GLY B 215 7.35 -17.89 5.47
CA GLY B 215 6.62 -18.58 6.51
C GLY B 215 5.13 -18.30 6.46
N GLY B 216 4.75 -17.06 6.17
CA GLY B 216 3.33 -16.74 6.08
C GLY B 216 2.63 -17.54 5.00
N SER B 217 3.21 -17.58 3.80
CA SER B 217 2.60 -18.33 2.71
C SER B 217 2.55 -19.82 3.02
N ILE B 218 3.63 -20.36 3.60
CA ILE B 218 3.65 -21.77 3.93
C ILE B 218 2.53 -22.08 4.94
N GLY B 219 2.38 -21.23 5.95
CA GLY B 219 1.33 -21.46 6.93
C GLY B 219 -0.06 -21.38 6.34
N LEU B 220 -0.29 -20.40 5.45
CA LEU B 220 -1.60 -20.30 4.82
C LEU B 220 -1.91 -21.55 4.01
N ILE B 221 -0.96 -22.00 3.19
CA ILE B 221 -1.18 -23.18 2.36
C ILE B 221 -1.43 -24.39 3.23
N PHE B 222 -0.67 -24.56 4.30
CA PHE B 222 -0.86 -25.70 5.19
C PHE B 222 -2.23 -25.66 5.85
N ALA B 223 -2.68 -24.47 6.28
CA ALA B 223 -4.00 -24.35 6.87
C ALA B 223 -5.08 -24.83 5.91
N PHE B 224 -5.06 -24.29 4.67
CA PHE B 224 -6.07 -24.69 3.70
C PHE B 224 -6.03 -26.18 3.43
N ALA B 225 -4.82 -26.73 3.23
CA ALA B 225 -4.70 -28.15 2.94
C ALA B 225 -5.21 -29.00 4.10
N ASN B 226 -4.88 -28.63 5.33
CA ASN B 226 -5.32 -29.40 6.48
C ASN B 226 -6.83 -29.40 6.60
N ALA B 227 -7.46 -28.24 6.42
CA ALA B 227 -8.92 -28.20 6.49
C ALA B 227 -9.56 -29.06 5.41
N VAL B 228 -9.06 -28.96 4.18
CA VAL B 228 -9.64 -29.75 3.09
C VAL B 228 -9.44 -31.24 3.36
N GLY B 229 -8.27 -31.63 3.86
CA GLY B 229 -8.03 -33.03 4.17
C GLY B 229 -8.91 -33.55 5.28
N VAL B 230 -9.14 -32.74 6.31
CA VAL B 230 -10.07 -33.14 7.35
C VAL B 230 -11.45 -33.38 6.76
N ALA B 231 -11.90 -32.46 5.91
CA ALA B 231 -13.20 -32.64 5.27
C ALA B 231 -13.26 -33.95 4.50
N MET B 232 -12.23 -34.22 3.69
CA MET B 232 -12.25 -35.42 2.83
C MET B 232 -12.21 -36.70 3.65
N HIS B 233 -11.32 -36.76 4.66
CA HIS B 233 -11.24 -37.96 5.48
C HIS B 233 -12.52 -38.18 6.26
N THR B 234 -13.12 -37.10 6.79
CA THR B 234 -14.38 -37.25 7.52
C THR B 234 -15.48 -37.78 6.60
N VAL B 235 -15.56 -37.26 5.38
CA VAL B 235 -16.56 -37.75 4.44
C VAL B 235 -16.33 -39.22 4.13
N GLY B 236 -15.08 -39.61 3.90
CA GLY B 236 -14.78 -41.01 3.64
C GLY B 236 -15.20 -41.91 4.78
N PHE B 237 -14.86 -41.52 6.01
CA PHE B 237 -15.21 -42.31 7.18
C PHE B 237 -16.72 -42.42 7.34
N ALA B 238 -17.43 -41.31 7.17
CA ALA B 238 -18.89 -41.34 7.29
C ALA B 238 -19.50 -42.26 6.24
N GLU B 239 -19.00 -42.19 5.00
CA GLU B 239 -19.52 -43.07 3.96
C GLU B 239 -19.27 -44.53 4.30
N THR B 240 -18.06 -44.84 4.79
CA THR B 240 -17.76 -46.23 5.16
C THR B 240 -18.67 -46.72 6.27
N VAL B 241 -18.88 -45.89 7.29
CA VAL B 241 -19.75 -46.29 8.40
C VAL B 241 -21.17 -46.50 7.91
N ARG B 242 -21.65 -45.61 7.04
CA ARG B 242 -23.00 -45.75 6.50
C ARG B 242 -23.14 -47.05 5.71
N ASP B 243 -22.14 -47.37 4.88
CA ASP B 243 -22.20 -48.63 4.15
C ASP B 243 -22.21 -49.82 5.09
N LEU B 244 -21.35 -49.78 6.12
CA LEU B 244 -21.30 -50.87 7.08
C LEU B 244 -22.65 -51.09 7.74
N LEU B 245 -23.32 -49.99 8.13
CA LEU B 245 -24.66 -50.10 8.69
C LEU B 245 -25.65 -50.63 7.65
N GLN B 246 -25.53 -50.17 6.41
CA GLN B 246 -26.44 -50.59 5.35
C GLN B 246 -26.24 -52.05 4.98
N GLU B 247 -25.14 -52.66 5.40
CA GLU B 247 -24.94 -54.08 5.12
C GLU B 247 -26.03 -54.94 5.74
N TYR B 248 -26.78 -54.40 6.70
CA TYR B 248 -27.90 -55.10 7.32
C TYR B 248 -29.21 -54.89 6.57
N GLY B 249 -29.23 -54.06 5.53
CA GLY B 249 -30.43 -53.82 4.76
C GLY B 249 -31.49 -53.04 5.51
N ALA B 250 -31.21 -51.79 5.82
CA ALA B 250 -32.14 -50.93 6.56
C ALA B 250 -31.87 -49.48 6.17
N PRO B 251 -32.63 -48.92 5.23
CA PRO B 251 -32.38 -47.54 4.80
C PRO B 251 -33.13 -46.52 5.65
N ILE B 252 -32.49 -45.39 5.92
CA ILE B 252 -33.14 -44.35 6.72
C ILE B 252 -33.70 -43.25 5.82
N VAL B 253 -32.83 -42.57 5.07
CA VAL B 253 -33.23 -41.40 4.31
C VAL B 253 -33.01 -41.61 2.81
N ASP B 254 -31.77 -41.87 2.43
CA ASP B 254 -31.44 -41.97 1.01
C ASP B 254 -29.99 -42.41 0.82
N PRO B 255 -29.59 -42.73 -0.42
CA PRO B 255 -28.21 -43.16 -0.64
C PRO B 255 -27.19 -42.05 -0.42
N ILE B 256 -27.47 -40.88 -0.99
CA ILE B 256 -26.52 -39.77 -0.93
C ILE B 256 -26.77 -38.88 0.28
N ASN B 257 -28.05 -38.55 0.55
CA ASN B 257 -28.35 -37.62 1.63
C ASN B 257 -27.91 -38.17 2.99
N ASP B 258 -28.17 -39.46 3.24
CA ASP B 258 -27.83 -40.03 4.54
C ASP B 258 -26.34 -39.88 4.83
N ILE B 259 -25.50 -40.00 3.80
CA ILE B 259 -24.07 -39.78 3.98
C ILE B 259 -23.81 -38.36 4.45
N ARG B 260 -24.50 -37.38 3.86
CA ARG B 260 -24.32 -36.00 4.27
C ARG B 260 -24.75 -35.79 5.72
N ILE B 261 -25.86 -36.41 6.12
CA ILE B 261 -26.32 -36.27 7.50
C ILE B 261 -25.29 -36.85 8.46
N ILE B 262 -24.81 -38.07 8.17
CA ILE B 262 -23.85 -38.72 9.05
C ILE B 262 -22.56 -37.91 9.12
N ALA B 263 -22.15 -37.34 7.99
CA ALA B 263 -20.92 -36.53 7.97
C ALA B 263 -21.08 -35.26 8.79
N VAL B 264 -22.24 -34.60 8.70
CA VAL B 264 -22.48 -33.43 9.53
C VAL B 264 -22.42 -33.81 11.00
N VAL B 265 -23.04 -34.94 11.34
CA VAL B 265 -23.03 -35.40 12.74
C VAL B 265 -21.61 -35.64 13.20
N SER B 266 -20.80 -36.31 12.39
CA SER B 266 -19.44 -36.62 12.79
C SER B 266 -18.61 -35.36 12.96
N VAL B 267 -18.71 -34.42 12.02
CA VAL B 267 -17.95 -33.18 12.13
C VAL B 267 -18.37 -32.41 13.37
N THR B 268 -19.67 -32.34 13.64
CA THR B 268 -20.14 -31.67 14.85
C THR B 268 -19.60 -32.35 16.10
N VAL B 269 -19.55 -33.68 16.09
CA VAL B 269 -19.03 -34.40 17.25
C VAL B 269 -17.57 -34.07 17.48
N LEU B 270 -16.79 -34.01 16.39
CA LEU B 270 -15.39 -33.61 16.52
C LEU B 270 -15.30 -32.20 17.09
N LEU B 271 -16.16 -31.29 16.62
CA LEU B 271 -16.14 -29.93 17.15
C LEU B 271 -16.42 -29.93 18.64
N ALA B 272 -17.38 -30.73 19.08
CA ALA B 272 -17.66 -30.84 20.51
C ALA B 272 -16.46 -31.38 21.27
N ILE B 273 -15.77 -32.36 20.70
CA ILE B 273 -14.62 -32.99 21.35
C ILE B 273 -13.37 -32.19 21.10
N SER B 274 -13.53 -30.98 20.56
CA SER B 274 -12.37 -30.13 20.26
C SER B 274 -11.44 -29.98 21.45
N LEU B 275 -11.98 -29.84 22.66
CA LEU B 275 -11.19 -29.56 23.85
C LEU B 275 -11.57 -30.50 24.99
N ALA B 276 -11.62 -31.81 24.69
CA ALA B 276 -12.06 -32.78 25.69
C ALA B 276 -10.93 -33.14 26.66
N GLY B 277 -9.85 -33.73 26.15
CA GLY B 277 -8.77 -34.17 26.99
C GLY B 277 -7.44 -34.15 26.25
N MET B 278 -6.38 -34.43 26.99
CA MET B 278 -5.02 -34.41 26.46
C MET B 278 -4.37 -35.78 26.40
N GLU B 279 -4.28 -36.48 27.53
CA GLU B 279 -3.66 -37.81 27.55
C GLU B 279 -4.55 -38.87 26.93
N TRP B 280 -5.87 -38.66 26.94
CA TRP B 280 -6.77 -39.56 26.22
C TRP B 280 -6.39 -39.68 24.76
N GLU B 281 -5.86 -38.61 24.17
CA GLU B 281 -5.45 -38.66 22.77
C GLU B 281 -4.33 -39.67 22.57
N SER B 282 -3.29 -39.60 23.41
CA SER B 282 -2.18 -40.55 23.29
C SER B 282 -2.64 -41.97 23.59
N LYS B 283 -3.49 -42.15 24.60
CA LYS B 283 -3.99 -43.48 24.91
C LYS B 283 -4.76 -44.06 23.72
N ALA B 284 -5.64 -43.25 23.12
CA ALA B 284 -6.39 -43.71 21.95
C ALA B 284 -5.47 -43.95 20.76
N GLN B 285 -4.36 -43.21 20.67
CA GLN B 285 -3.41 -43.46 19.59
C GLN B 285 -2.76 -44.83 19.75
N VAL B 286 -2.32 -45.16 20.96
CA VAL B 286 -1.75 -46.49 21.19
C VAL B 286 -2.77 -47.57 20.90
N LEU B 287 -4.00 -47.40 21.40
CA LEU B 287 -5.05 -48.39 21.17
C LEU B 287 -5.36 -48.54 19.69
N PHE B 288 -5.42 -47.42 18.96
CA PHE B 288 -5.72 -47.49 17.54
C PHE B 288 -4.60 -48.16 16.76
N PHE B 289 -3.34 -47.91 17.14
CA PHE B 289 -2.24 -48.60 16.49
C PHE B 289 -2.34 -50.10 16.69
N LEU B 290 -2.63 -50.52 17.93
CA LEU B 290 -2.81 -51.94 18.20
C LEU B 290 -3.95 -52.52 17.37
N VAL B 291 -5.07 -51.80 17.30
CA VAL B 291 -6.24 -52.31 16.57
C VAL B 291 -5.94 -52.41 15.09
N ILE B 292 -5.22 -51.43 14.53
CA ILE B 292 -4.85 -51.48 13.13
C ILE B 292 -3.95 -52.69 12.86
N MET B 293 -2.99 -52.93 13.75
CA MET B 293 -2.13 -54.10 13.57
C MET B 293 -2.93 -55.39 13.61
N VAL B 294 -3.87 -55.49 14.55
CA VAL B 294 -4.68 -56.71 14.67
C VAL B 294 -5.56 -56.89 13.44
N SER B 295 -6.17 -55.80 12.96
CA SER B 295 -7.00 -55.89 11.78
C SER B 295 -6.19 -56.29 10.56
N PHE B 296 -4.97 -55.77 10.42
CA PHE B 296 -4.11 -56.18 9.32
C PHE B 296 -3.74 -57.65 9.42
N ALA B 297 -3.47 -58.14 10.63
CA ALA B 297 -3.18 -59.55 10.80
C ALA B 297 -4.37 -60.41 10.39
N ASN B 298 -5.57 -60.01 10.80
CA ASN B 298 -6.77 -60.75 10.41
C ASN B 298 -6.97 -60.70 8.90
N TYR B 299 -6.72 -59.53 8.29
CA TYR B 299 -6.86 -59.41 6.84
C TYR B 299 -5.90 -60.34 6.11
N LEU B 300 -4.65 -60.43 6.58
CA LEU B 300 -3.71 -61.35 5.98
C LEU B 300 -4.16 -62.80 6.18
N VAL B 301 -4.72 -63.11 7.35
CA VAL B 301 -5.15 -64.47 7.63
C VAL B 301 -6.30 -64.88 6.71
N GLY B 302 -7.26 -63.98 6.51
CA GLY B 302 -8.45 -64.31 5.76
C GLY B 302 -8.39 -64.00 4.28
N THR B 303 -7.34 -63.31 3.85
CA THR B 303 -7.27 -62.84 2.46
C THR B 303 -7.11 -64.01 1.49
N LEU B 304 -6.17 -64.91 1.77
CA LEU B 304 -5.93 -66.03 0.88
C LEU B 304 -7.06 -67.04 0.99
N ILE B 305 -8.16 -66.77 0.31
CA ILE B 305 -9.36 -67.61 0.37
C ILE B 305 -9.17 -68.84 -0.53
N PRO B 306 -9.32 -70.05 0.00
CA PRO B 306 -9.29 -71.24 -0.86
C PRO B 306 -10.61 -71.40 -1.59
N PRO B 307 -10.73 -72.42 -2.44
CA PRO B 307 -12.02 -72.65 -3.11
C PRO B 307 -13.17 -72.78 -2.11
N SER B 308 -14.24 -72.01 -2.33
CA SER B 308 -15.41 -72.10 -1.47
C SER B 308 -16.56 -71.35 -2.13
N GLU B 309 -17.76 -71.91 -1.97
CA GLU B 309 -18.96 -71.27 -2.51
C GLU B 309 -19.14 -69.89 -1.92
N ASP B 310 -18.89 -69.75 -0.61
CA ASP B 310 -18.97 -68.45 0.02
C ASP B 310 -17.97 -67.47 -0.61
N LYS B 311 -16.75 -67.94 -0.87
CA LYS B 311 -15.76 -67.10 -1.53
C LYS B 311 -16.16 -66.82 -2.97
N ALA B 312 -16.57 -67.86 -3.71
CA ALA B 312 -16.97 -67.67 -5.10
C ALA B 312 -18.11 -66.68 -5.23
N SER B 313 -18.96 -66.58 -4.20
CA SER B 313 -19.99 -65.56 -4.20
C SER B 313 -19.40 -64.17 -4.37
N LYS B 314 -18.18 -63.96 -3.87
CA LYS B 314 -17.46 -62.70 -4.06
C LYS B 314 -16.40 -62.78 -5.15
N GLY B 315 -16.06 -63.97 -5.62
CA GLY B 315 -15.13 -64.15 -6.72
C GLY B 315 -13.76 -64.68 -6.35
N PHE B 316 -13.42 -64.76 -5.06
CA PHE B 316 -12.10 -65.22 -4.67
C PHE B 316 -11.86 -66.64 -5.16
N PHE B 317 -10.65 -66.88 -5.70
CA PHE B 317 -10.26 -68.20 -6.17
C PHE B 317 -8.81 -68.52 -5.81
N SER B 318 -8.30 -67.91 -4.74
CA SER B 318 -6.96 -68.18 -4.22
C SER B 318 -5.94 -67.84 -5.31
N TYR B 319 -4.82 -68.55 -5.38
CA TYR B 319 -3.74 -68.23 -6.29
C TYR B 319 -3.92 -68.93 -7.63
N ARG B 320 -3.64 -68.20 -8.72
CA ARG B 320 -3.79 -68.73 -10.07
C ARG B 320 -2.88 -67.92 -10.97
N ALA B 321 -1.96 -68.61 -11.67
CA ALA B 321 -1.04 -67.91 -12.55
C ALA B 321 -1.77 -67.10 -13.61
N ASP B 322 -2.88 -67.65 -14.13
CA ASP B 322 -3.69 -66.90 -15.08
C ASP B 322 -4.20 -65.60 -14.46
N ILE B 323 -4.47 -65.61 -13.15
CA ILE B 323 -4.91 -64.39 -12.48
C ILE B 323 -3.83 -63.33 -12.55
N PHE B 324 -2.58 -63.72 -12.27
CA PHE B 324 -1.47 -62.77 -12.37
C PHE B 324 -1.29 -62.28 -13.80
N VAL B 325 -1.42 -63.19 -14.77
CA VAL B 325 -1.31 -62.78 -16.17
C VAL B 325 -2.37 -61.73 -16.50
N GLN B 326 -3.60 -61.96 -16.07
CA GLN B 326 -4.66 -60.98 -16.31
C GLN B 326 -4.33 -59.66 -15.64
N ASN B 327 -3.88 -59.70 -14.39
CA ASN B 327 -3.55 -58.47 -13.68
C ASN B 327 -2.43 -57.72 -14.38
N LEU B 328 -1.53 -58.44 -15.04
CA LEU B 328 -0.38 -57.80 -15.69
C LEU B 328 -0.78 -56.86 -16.82
N VAL B 329 -2.01 -56.94 -17.30
CA VAL B 329 -2.45 -56.09 -18.40
C VAL B 329 -3.28 -54.94 -17.85
N PRO B 330 -3.54 -53.90 -18.64
CA PRO B 330 -4.39 -52.79 -18.16
C PRO B 330 -5.85 -52.98 -18.55
N ASP B 331 -6.69 -52.17 -17.92
CA ASP B 331 -8.13 -52.18 -18.16
C ASP B 331 -8.75 -50.93 -17.54
N TRP B 332 -9.80 -50.40 -18.14
CA TRP B 332 -10.39 -49.15 -17.68
C TRP B 332 -11.90 -49.23 -17.68
N ARG B 333 -12.52 -48.46 -16.77
CA ARG B 333 -13.97 -48.30 -16.74
C ARG B 333 -14.29 -47.05 -15.92
N GLY B 334 -14.87 -46.04 -16.56
CA GLY B 334 -15.27 -44.85 -15.87
C GLY B 334 -14.68 -43.59 -16.45
N PRO B 335 -15.24 -42.43 -16.08
CA PRO B 335 -14.70 -41.16 -16.60
C PRO B 335 -13.26 -40.93 -16.23
N ASP B 336 -12.80 -41.47 -15.10
CA ASP B 336 -11.41 -41.37 -14.68
C ASP B 336 -10.56 -42.50 -15.24
N GLY B 337 -10.94 -43.07 -16.37
CA GLY B 337 -10.19 -44.18 -16.94
C GLY B 337 -8.89 -43.73 -17.57
N THR B 338 -8.14 -42.90 -16.87
CA THR B 338 -6.83 -42.44 -17.30
C THR B 338 -5.85 -42.59 -16.14
N PHE B 339 -4.63 -43.05 -16.45
CA PHE B 339 -3.65 -43.32 -15.41
C PHE B 339 -3.41 -42.10 -14.53
N PHE B 340 -3.43 -40.91 -15.13
CA PHE B 340 -3.27 -39.70 -14.32
C PHE B 340 -4.36 -39.60 -13.27
N GLY B 341 -5.54 -40.17 -13.54
CA GLY B 341 -6.56 -40.25 -12.51
C GLY B 341 -6.13 -41.11 -11.33
N MET B 342 -5.51 -42.25 -11.61
CA MET B 342 -4.96 -43.07 -10.53
C MET B 342 -3.89 -42.31 -9.77
N PHE B 343 -3.04 -41.57 -10.48
CA PHE B 343 -2.02 -40.78 -9.80
C PHE B 343 -2.64 -39.76 -8.86
N SER B 344 -3.68 -39.05 -9.34
CA SER B 344 -4.35 -38.06 -8.50
C SER B 344 -4.98 -38.71 -7.28
N ILE B 345 -5.62 -39.87 -7.47
CA ILE B 345 -6.28 -40.55 -6.35
C ILE B 345 -5.24 -40.97 -5.32
N PHE B 346 -4.10 -41.50 -5.78
CA PHE B 346 -3.08 -41.99 -4.86
C PHE B 346 -2.40 -40.84 -4.13
N PHE B 347 -2.17 -39.72 -4.81
CA PHE B 347 -1.51 -38.60 -4.17
C PHE B 347 -2.17 -38.18 -2.87
N PRO B 348 -3.50 -38.23 -2.72
CA PRO B 348 -4.11 -37.79 -1.46
C PRO B 348 -3.59 -38.52 -0.25
N SER B 349 -3.28 -39.81 -0.37
CA SER B 349 -2.80 -40.60 0.77
C SER B 349 -1.27 -40.68 0.77
N ALA B 350 -0.63 -39.52 0.93
CA ALA B 350 0.81 -39.45 1.15
C ALA B 350 1.15 -38.37 2.17
N THR B 351 0.35 -38.26 3.22
CA THR B 351 0.52 -37.19 4.19
C THR B 351 1.54 -37.53 5.28
N GLY B 352 2.43 -38.48 5.02
CA GLY B 352 3.51 -38.77 5.94
C GLY B 352 4.66 -37.81 5.80
N ILE B 353 5.04 -37.49 4.56
CA ILE B 353 6.07 -36.48 4.32
C ILE B 353 5.67 -35.18 5.00
N LEU B 354 4.42 -34.75 4.78
CA LEU B 354 3.87 -33.66 5.58
C LEU B 354 3.82 -34.06 7.05
N ALA B 355 3.46 -35.32 7.33
CA ALA B 355 3.58 -35.83 8.69
C ALA B 355 5.01 -35.72 9.19
N GLY B 356 5.99 -35.77 8.28
CA GLY B 356 7.35 -35.42 8.63
C GLY B 356 7.62 -33.94 8.68
N ALA B 357 6.61 -33.13 8.37
CA ALA B 357 6.72 -31.69 8.40
C ALA B 357 5.75 -31.11 9.42
N ASN B 358 4.54 -31.66 9.49
CA ASN B 358 3.53 -31.20 10.44
C ASN B 358 3.38 -32.11 11.65
N ILE B 359 3.74 -33.38 11.53
CA ILE B 359 3.68 -34.33 12.64
C ILE B 359 5.07 -34.73 13.11
N SER B 360 6.07 -33.89 12.86
CA SER B 360 7.44 -34.20 13.18
C SER B 360 7.92 -33.59 14.49
N GLY B 361 7.54 -32.35 14.78
CA GLY B 361 8.03 -31.67 15.96
C GLY B 361 7.43 -32.14 17.27
N ASP B 362 7.55 -33.44 17.56
CA ASP B 362 7.14 -34.01 18.83
C ASP B 362 8.17 -35.02 19.32
N LEU B 363 9.44 -34.65 19.24
CA LEU B 363 10.54 -35.54 19.63
C LEU B 363 11.21 -34.99 20.88
N LYS B 364 11.28 -35.83 21.92
CA LYS B 364 11.88 -35.39 23.18
C LYS B 364 13.32 -34.95 22.97
N ASP B 365 14.08 -35.72 22.20
CA ASP B 365 15.44 -35.33 21.84
C ASP B 365 15.44 -34.84 20.40
N PRO B 366 15.22 -33.54 20.18
CA PRO B 366 15.08 -33.04 18.80
C PRO B 366 16.34 -33.21 17.95
N ALA B 367 17.46 -33.59 18.55
CA ALA B 367 18.73 -33.65 17.83
C ALA B 367 18.72 -34.63 16.68
N ILE B 368 18.52 -35.92 16.95
CA ILE B 368 18.65 -36.97 15.95
C ILE B 368 17.37 -37.81 15.98
N ALA B 369 16.26 -37.17 16.32
CA ALA B 369 15.00 -37.89 16.43
C ALA B 369 14.16 -37.78 15.15
N ILE B 370 14.18 -36.61 14.52
CA ILE B 370 13.25 -36.31 13.42
C ILE B 370 13.58 -37.15 12.18
N PRO B 371 14.75 -36.95 11.57
CA PRO B 371 15.01 -37.61 10.27
C PRO B 371 14.88 -39.12 10.32
N LYS B 372 15.31 -39.75 11.42
CA LYS B 372 15.21 -41.20 11.53
C LYS B 372 13.75 -41.63 11.47
N GLY B 373 12.89 -40.95 12.21
CA GLY B 373 11.46 -41.25 12.14
C GLY B 373 10.92 -41.05 10.74
N THR B 374 11.30 -39.96 10.08
CA THR B 374 10.82 -39.72 8.72
C THR B 374 11.17 -40.90 7.81
N LEU B 375 12.46 -41.27 7.80
CA LEU B 375 12.90 -42.36 6.93
C LEU B 375 12.19 -43.66 7.27
N MET B 376 12.10 -44.00 8.55
CA MET B 376 11.50 -45.28 8.93
C MET B 376 10.03 -45.34 8.55
N ALA B 377 9.29 -44.26 8.85
CA ALA B 377 7.88 -44.21 8.47
C ALA B 377 7.71 -44.38 6.97
N ILE B 378 8.51 -43.64 6.19
CA ILE B 378 8.35 -43.68 4.74
C ILE B 378 8.62 -45.08 4.20
N PHE B 379 9.74 -45.68 4.63
CA PHE B 379 10.09 -47.01 4.13
C PHE B 379 9.04 -48.05 4.50
N TRP B 380 8.58 -48.02 5.76
CA TRP B 380 7.57 -48.97 6.18
C TRP B 380 6.29 -48.82 5.34
N THR B 381 5.86 -47.57 5.13
CA THR B 381 4.67 -47.34 4.32
C THR B 381 4.84 -47.91 2.93
N THR B 382 5.99 -47.65 2.30
CA THR B 382 6.20 -48.12 0.94
C THR B 382 6.14 -49.65 0.87
N ILE B 383 6.89 -50.31 1.75
CA ILE B 383 6.95 -51.78 1.70
C ILE B 383 5.57 -52.37 1.96
N SER B 384 4.86 -51.83 2.95
CA SER B 384 3.53 -52.36 3.28
C SER B 384 2.56 -52.18 2.11
N TYR B 385 2.59 -51.00 1.47
CA TYR B 385 1.71 -50.78 0.33
C TYR B 385 2.01 -51.76 -0.79
N LEU B 386 3.28 -51.99 -1.09
CA LEU B 386 3.62 -52.94 -2.14
C LEU B 386 3.12 -54.34 -1.79
N ALA B 387 3.28 -54.74 -0.52
CA ALA B 387 2.82 -56.07 -0.11
C ALA B 387 1.30 -56.19 -0.23
N ILE B 388 0.56 -55.16 0.18
CA ILE B 388 -0.89 -55.22 0.12
C ILE B 388 -1.35 -55.29 -1.33
N SER B 389 -0.74 -54.51 -2.22
CA SER B 389 -1.07 -54.60 -3.63
C SER B 389 -0.77 -55.99 -4.18
N ALA B 390 0.35 -56.58 -3.76
CA ALA B 390 0.69 -57.93 -4.21
C ALA B 390 -0.37 -58.93 -3.79
N THR B 391 -0.80 -58.87 -2.53
CA THR B 391 -1.83 -59.79 -2.07
C THR B 391 -3.13 -59.59 -2.85
N ILE B 392 -3.51 -58.33 -3.08
CA ILE B 392 -4.76 -58.05 -3.79
C ILE B 392 -4.71 -58.61 -5.20
N GLY B 393 -3.59 -58.40 -5.90
CA GLY B 393 -3.46 -58.93 -7.25
C GLY B 393 -3.32 -60.43 -7.30
N SER B 394 -2.86 -61.06 -6.21
CA SER B 394 -2.67 -62.50 -6.21
C SER B 394 -3.97 -63.25 -5.96
N CYS B 395 -4.72 -62.86 -4.92
CA CYS B 395 -5.82 -63.67 -4.43
C CYS B 395 -7.19 -63.03 -4.65
N VAL B 396 -7.42 -62.45 -5.82
CA VAL B 396 -8.69 -61.79 -6.12
C VAL B 396 -9.12 -62.14 -7.55
N VAL B 397 -10.38 -61.86 -7.85
CA VAL B 397 -10.91 -62.02 -9.20
C VAL B 397 -11.53 -60.71 -9.65
N ARG B 398 -11.66 -60.55 -10.96
CA ARG B 398 -12.15 -59.31 -11.55
C ARG B 398 -13.63 -59.37 -11.93
N ASP B 399 -14.31 -60.47 -11.65
CA ASP B 399 -15.73 -60.61 -11.95
C ASP B 399 -16.40 -61.44 -10.87
N ALA B 400 -17.73 -61.31 -10.78
CA ALA B 400 -18.52 -62.06 -9.84
C ALA B 400 -19.72 -62.64 -10.56
N SER B 401 -20.61 -63.27 -9.81
CA SER B 401 -21.78 -63.93 -10.37
C SER B 401 -23.07 -63.20 -10.05
N GLY B 402 -23.34 -62.96 -8.77
CA GLY B 402 -24.57 -62.32 -8.34
C GLY B 402 -25.65 -63.30 -7.95
N VAL B 403 -25.49 -64.59 -8.27
CA VAL B 403 -26.39 -65.64 -7.84
C VAL B 403 -25.53 -66.75 -7.23
N LEU B 404 -25.87 -67.17 -6.01
CA LEU B 404 -25.04 -68.13 -5.30
C LEU B 404 -24.91 -69.43 -6.09
N ASN B 405 -26.05 -70.02 -6.48
CA ASN B 405 -26.06 -71.27 -7.23
C ASN B 405 -26.21 -71.03 -8.73
N ASP B 406 -25.28 -70.25 -9.30
CA ASP B 406 -25.27 -69.99 -10.74
C ASP B 406 -24.24 -70.88 -11.42
N THR B 407 -24.59 -72.16 -11.54
CA THR B 407 -23.70 -73.16 -12.11
C THR B 407 -24.49 -74.05 -13.05
N VAL B 408 -23.78 -74.66 -14.01
CA VAL B 408 -24.38 -75.50 -15.04
C VAL B 408 -23.48 -76.72 -15.25
N THR B 409 -23.95 -77.61 -16.12
CA THR B 409 -23.20 -78.82 -16.43
C THR B 409 -22.49 -78.68 -17.77
N PRO B 410 -21.59 -79.63 -18.09
CA PRO B 410 -20.85 -79.53 -19.35
C PRO B 410 -21.77 -79.66 -20.55
N GLY B 411 -21.70 -78.67 -21.45
CA GLY B 411 -22.54 -78.62 -22.61
C GLY B 411 -23.92 -78.03 -22.37
N TRP B 412 -24.31 -77.84 -21.12
CA TRP B 412 -25.61 -77.30 -20.75
C TRP B 412 -25.39 -75.90 -20.19
N GLY B 413 -25.58 -74.89 -21.02
CA GLY B 413 -25.39 -73.52 -20.61
C GLY B 413 -23.96 -73.04 -20.80
N ALA B 414 -23.83 -71.73 -20.99
CA ALA B 414 -22.54 -71.12 -21.24
C ALA B 414 -21.66 -71.24 -20.00
N CYS B 415 -20.44 -71.76 -20.20
CA CYS B 415 -19.48 -71.90 -19.10
C CYS B 415 -18.10 -72.05 -19.72
N GLU B 416 -17.22 -71.08 -19.47
CA GLU B 416 -15.86 -71.14 -20.01
C GLU B 416 -14.98 -70.18 -19.22
N GLY B 417 -13.74 -70.03 -19.68
CA GLY B 417 -12.76 -69.23 -18.97
C GLY B 417 -12.17 -69.96 -17.79
N LEU B 418 -11.38 -69.22 -17.00
CA LEU B 418 -10.87 -69.78 -15.76
C LEU B 418 -12.02 -70.10 -14.81
N ALA B 419 -13.16 -69.46 -14.99
CA ALA B 419 -14.34 -69.78 -14.19
C ALA B 419 -14.75 -71.24 -14.34
N CYS B 420 -14.34 -71.89 -15.45
CA CYS B 420 -14.57 -73.32 -15.58
C CYS B 420 -14.15 -74.06 -14.32
N SER B 421 -13.19 -73.52 -13.56
CA SER B 421 -12.87 -74.07 -12.26
C SER B 421 -14.07 -73.97 -11.31
N TYR B 422 -14.76 -72.83 -11.33
CA TYR B 422 -15.92 -72.61 -10.48
C TYR B 422 -17.19 -72.28 -11.25
N GLY B 423 -17.18 -72.42 -12.57
CA GLY B 423 -18.38 -72.22 -13.37
C GLY B 423 -19.07 -70.89 -13.13
N TRP B 424 -18.42 -69.79 -13.50
CA TRP B 424 -18.98 -68.45 -13.34
C TRP B 424 -18.87 -67.73 -14.68
N ASN B 425 -19.99 -67.65 -15.40
CA ASN B 425 -20.04 -67.01 -16.70
C ASN B 425 -20.72 -65.65 -16.56
N PHE B 426 -20.10 -64.62 -17.14
CA PHE B 426 -20.65 -63.28 -17.10
C PHE B 426 -20.59 -62.61 -18.48
N THR B 427 -20.76 -63.40 -19.55
CA THR B 427 -20.70 -62.84 -20.89
C THR B 427 -21.77 -61.77 -21.07
N GLU B 428 -23.02 -62.11 -20.76
CA GLU B 428 -24.06 -61.07 -20.71
C GLU B 428 -23.75 -60.08 -19.60
N CYS B 429 -23.31 -60.57 -18.44
CA CYS B 429 -22.96 -59.70 -17.33
C CYS B 429 -21.79 -58.79 -17.68
N THR B 430 -20.77 -59.34 -18.35
CA THR B 430 -19.64 -58.51 -18.79
C THR B 430 -20.11 -57.48 -19.80
N GLN B 431 -20.94 -57.90 -20.76
CA GLN B 431 -21.37 -56.99 -21.82
C GLN B 431 -22.18 -55.83 -21.27
N GLN B 432 -23.21 -56.12 -20.49
CA GLN B 432 -24.10 -55.06 -20.00
C GLN B 432 -23.70 -54.58 -18.61
N HIS B 433 -22.40 -54.29 -18.42
CA HIS B 433 -21.89 -53.76 -17.16
C HIS B 433 -22.53 -54.47 -15.96
N SER B 434 -22.78 -55.76 -16.10
CA SER B 434 -23.52 -56.52 -15.09
C SER B 434 -22.54 -57.25 -14.17
N CYS B 435 -21.96 -56.46 -13.26
CA CYS B 435 -21.06 -56.98 -12.24
C CYS B 435 -21.53 -56.45 -10.89
N HIS B 436 -22.43 -57.21 -10.25
CA HIS B 436 -22.86 -56.85 -8.90
C HIS B 436 -21.69 -56.88 -7.93
N TYR B 437 -20.84 -57.88 -8.05
CA TYR B 437 -19.62 -57.99 -7.28
C TYR B 437 -18.45 -58.16 -8.23
N GLY B 438 -17.23 -58.00 -7.69
CA GLY B 438 -16.04 -58.12 -8.50
C GLY B 438 -14.97 -57.12 -8.11
N LEU B 439 -13.89 -57.03 -8.90
CA LEU B 439 -12.81 -56.10 -8.58
C LEU B 439 -13.28 -54.66 -8.72
N ILE B 440 -13.68 -54.27 -9.93
CA ILE B 440 -14.23 -52.94 -10.16
C ILE B 440 -15.73 -52.90 -9.93
N ASN B 441 -16.39 -54.05 -9.85
CA ASN B 441 -17.84 -54.07 -9.63
C ASN B 441 -18.19 -53.50 -8.26
N TYR B 442 -17.46 -53.90 -7.22
CA TYR B 442 -17.75 -53.51 -5.86
C TYR B 442 -16.58 -52.72 -5.29
N TYR B 443 -16.90 -51.67 -4.53
CA TYR B 443 -15.85 -50.78 -4.00
C TYR B 443 -14.99 -51.50 -2.98
N GLN B 444 -15.59 -52.33 -2.14
CA GLN B 444 -14.91 -52.93 -0.99
C GLN B 444 -14.94 -54.46 -1.14
N THR B 445 -13.80 -55.03 -1.53
CA THR B 445 -13.70 -56.48 -1.67
C THR B 445 -13.03 -57.11 -0.45
N MET B 446 -12.16 -56.37 0.24
CA MET B 446 -11.46 -56.93 1.39
C MET B 446 -12.42 -57.24 2.53
N SER B 447 -13.42 -56.38 2.73
CA SER B 447 -14.37 -56.60 3.82
C SER B 447 -15.00 -57.99 3.73
N MET B 448 -15.28 -58.44 2.50
CA MET B 448 -15.75 -59.81 2.30
C MET B 448 -14.61 -60.79 2.13
N VAL B 449 -13.38 -60.30 1.98
CA VAL B 449 -12.23 -61.19 1.87
C VAL B 449 -11.69 -61.61 3.23
N SER B 450 -11.90 -60.82 4.28
CA SER B 450 -11.40 -61.15 5.60
C SER B 450 -12.44 -61.94 6.38
N GLY B 451 -11.97 -62.89 7.19
CA GLY B 451 -12.88 -63.71 7.98
C GLY B 451 -13.61 -62.93 9.06
N PHE B 452 -12.91 -62.00 9.71
CA PHE B 452 -13.45 -61.22 10.83
C PHE B 452 -13.91 -59.88 10.28
N ALA B 453 -15.11 -59.86 9.70
CA ALA B 453 -15.65 -58.62 9.16
C ALA B 453 -15.78 -57.54 10.22
N PRO B 454 -16.37 -57.81 11.39
CA PRO B 454 -16.48 -56.75 12.40
C PRO B 454 -15.15 -56.15 12.80
N LEU B 455 -14.12 -56.99 12.95
CA LEU B 455 -12.81 -56.47 13.35
C LEU B 455 -12.25 -55.53 12.29
N ILE B 456 -12.33 -55.93 11.02
CA ILE B 456 -11.82 -55.09 9.94
C ILE B 456 -12.57 -53.77 9.91
N THR B 457 -13.89 -53.81 10.00
CA THR B 457 -14.67 -52.57 9.98
C THR B 457 -14.28 -51.66 11.13
N ALA B 458 -14.20 -52.22 12.35
CA ALA B 458 -13.88 -51.40 13.51
C ALA B 458 -12.50 -50.79 13.38
N GLY B 459 -11.52 -51.57 12.93
CA GLY B 459 -10.17 -51.03 12.81
C GLY B 459 -10.05 -49.95 11.76
N ILE B 460 -10.66 -50.18 10.58
CA ILE B 460 -10.60 -49.17 9.53
C ILE B 460 -11.26 -47.88 10.00
N PHE B 461 -12.43 -47.99 10.64
CA PHE B 461 -13.12 -46.81 11.13
C PHE B 461 -12.28 -46.07 12.17
N GLY B 462 -11.65 -46.81 13.08
CA GLY B 462 -10.80 -46.16 14.07
C GLY B 462 -9.64 -45.43 13.43
N ALA B 463 -8.99 -46.05 12.45
CA ALA B 463 -7.86 -45.40 11.79
C ALA B 463 -8.31 -44.12 11.09
N THR B 464 -9.45 -44.17 10.38
CA THR B 464 -9.93 -42.98 9.69
C THR B 464 -10.27 -41.86 10.68
N LEU B 465 -10.93 -42.21 11.78
CA LEU B 465 -11.26 -41.20 12.78
C LEU B 465 -10.01 -40.58 13.38
N SER B 466 -8.99 -41.40 13.65
CA SER B 466 -7.75 -40.87 14.20
C SER B 466 -7.08 -39.92 13.22
N SER B 467 -7.04 -40.29 11.94
CA SER B 467 -6.45 -39.42 10.94
C SER B 467 -7.17 -38.07 10.89
N ALA B 468 -8.51 -38.12 10.88
CA ALA B 468 -9.29 -36.89 10.83
C ALA B 468 -9.01 -36.01 12.05
N LEU B 469 -9.01 -36.62 13.23
CA LEU B 469 -8.75 -35.87 14.44
C LEU B 469 -7.37 -35.22 14.40
N ALA B 470 -6.37 -35.95 13.91
CA ALA B 470 -5.02 -35.41 13.82
C ALA B 470 -4.97 -34.21 12.87
N CYS B 471 -5.60 -34.32 11.72
CA CYS B 471 -5.59 -33.21 10.77
C CYS B 471 -6.27 -31.98 11.37
N LEU B 472 -7.42 -32.18 12.01
CA LEU B 472 -8.11 -31.06 12.66
C LEU B 472 -7.24 -30.45 13.75
N VAL B 473 -6.56 -31.28 14.52
CA VAL B 473 -5.66 -30.77 15.56
C VAL B 473 -4.56 -29.93 14.94
N SER B 474 -4.00 -30.38 13.81
CA SER B 474 -2.92 -29.63 13.17
C SER B 474 -3.41 -28.28 12.69
N ALA B 475 -4.58 -28.24 12.04
CA ALA B 475 -5.10 -26.96 11.56
C ALA B 475 -5.40 -26.02 12.72
N ALA B 476 -5.98 -26.56 13.80
CA ALA B 476 -6.26 -25.75 14.98
C ALA B 476 -4.98 -25.20 15.59
N LYS B 477 -3.93 -26.03 15.63
CA LYS B 477 -2.65 -25.56 16.13
C LYS B 477 -2.09 -24.45 15.27
N VAL B 478 -2.20 -24.59 13.94
CA VAL B 478 -1.73 -23.53 13.05
C VAL B 478 -2.44 -22.22 13.39
N PHE B 479 -3.76 -22.29 13.50
CA PHE B 479 -4.53 -21.07 13.81
C PHE B 479 -4.10 -20.49 15.15
N GLN B 480 -4.05 -21.31 16.19
CA GLN B 480 -3.74 -20.82 17.53
C GLN B 480 -2.34 -20.22 17.57
N CYS B 481 -1.34 -20.99 17.13
CA CYS B 481 0.03 -20.50 17.12
C CYS B 481 0.14 -19.20 16.33
N LEU B 482 -0.68 -19.04 15.28
CA LEU B 482 -0.77 -17.73 14.65
C LEU B 482 -1.26 -16.68 15.66
N CYS B 483 -2.31 -17.01 16.41
CA CYS B 483 -2.84 -16.11 17.43
C CYS B 483 -2.44 -16.50 18.85
N GLU B 484 -1.42 -17.34 18.99
CA GLU B 484 -1.07 -17.87 20.31
C GLU B 484 -0.63 -16.76 21.26
N ASP B 485 0.13 -15.80 20.76
CA ASP B 485 0.74 -14.77 21.61
C ASP B 485 -0.28 -13.73 22.07
N LYS B 496 -8.84 -13.76 20.91
CA LYS B 496 -9.13 -13.81 22.33
C LYS B 496 -8.89 -15.20 22.90
N GLY B 497 -8.56 -15.28 24.18
CA GLY B 497 -8.34 -16.54 24.85
C GLY B 497 -9.55 -16.98 25.66
N TYR B 498 -9.84 -18.28 25.59
CA TYR B 498 -10.96 -18.87 26.33
C TYR B 498 -10.44 -20.06 27.11
N GLY B 499 -10.68 -20.05 28.42
CA GLY B 499 -10.20 -21.12 29.27
C GLY B 499 -8.75 -20.93 29.67
N LYS B 500 -8.19 -21.99 30.24
CA LYS B 500 -6.81 -21.94 30.71
C LYS B 500 -5.85 -21.69 29.55
N ASN B 501 -5.79 -22.62 28.60
CA ASN B 501 -4.85 -22.50 27.49
C ASN B 501 -5.15 -21.28 26.62
N LYS B 502 -6.34 -20.70 26.75
CA LYS B 502 -6.75 -19.57 25.91
C LYS B 502 -6.75 -19.93 24.44
N GLU B 503 -6.96 -21.21 24.15
CA GLU B 503 -6.82 -21.71 22.78
C GLU B 503 -7.78 -20.97 21.85
N PRO B 504 -7.38 -20.74 20.61
CA PRO B 504 -8.23 -20.00 19.67
C PRO B 504 -9.37 -20.83 19.11
N VAL B 505 -10.48 -20.87 19.87
CA VAL B 505 -11.69 -21.53 19.37
C VAL B 505 -12.07 -20.98 18.01
N ARG B 506 -11.72 -19.73 17.72
CA ARG B 506 -12.07 -19.14 16.44
C ARG B 506 -11.44 -19.90 15.27
N GLY B 507 -10.16 -20.24 15.39
CA GLY B 507 -9.50 -20.97 14.31
C GLY B 507 -10.06 -22.36 14.09
N TYR B 508 -10.32 -23.08 15.18
CA TYR B 508 -10.92 -24.41 15.05
C TYR B 508 -12.31 -24.33 14.45
N LEU B 509 -13.09 -23.31 14.86
CA LEU B 509 -14.40 -23.11 14.27
C LEU B 509 -14.31 -22.81 12.78
N LEU B 510 -13.32 -21.99 12.39
CA LEU B 510 -13.14 -21.70 10.96
C LEU B 510 -12.75 -22.95 10.19
N ALA B 511 -11.88 -23.79 10.78
CA ALA B 511 -11.52 -25.04 10.13
C ALA B 511 -12.75 -25.93 9.96
N TYR B 512 -13.58 -26.01 11.00
CA TYR B 512 -14.82 -26.77 10.89
C TYR B 512 -15.73 -26.19 9.81
N ALA B 513 -15.77 -24.86 9.68
CA ALA B 513 -16.60 -24.25 8.65
C ALA B 513 -16.12 -24.65 7.26
N ILE B 514 -14.80 -24.56 7.01
CA ILE B 514 -14.27 -24.91 5.71
C ILE B 514 -14.52 -26.39 5.41
N ALA B 515 -14.30 -27.25 6.41
CA ALA B 515 -14.50 -28.68 6.21
C ALA B 515 -15.96 -29.01 5.95
N VAL B 516 -16.88 -28.35 6.67
CA VAL B 516 -18.31 -28.62 6.46
C VAL B 516 -18.75 -28.09 5.11
N ALA B 517 -18.21 -26.96 4.68
CA ALA B 517 -18.56 -26.43 3.37
C ALA B 517 -18.11 -27.36 2.25
N PHE B 518 -16.89 -27.90 2.36
CA PHE B 518 -16.40 -28.80 1.32
C PHE B 518 -16.93 -30.22 1.46
N ILE B 519 -17.50 -30.58 2.61
CA ILE B 519 -17.88 -31.96 2.89
C ILE B 519 -19.31 -32.27 2.50
N ILE B 520 -20.11 -31.27 2.14
CA ILE B 520 -21.51 -31.52 1.78
C ILE B 520 -21.60 -32.34 0.51
N ILE B 521 -20.63 -32.19 -0.40
CA ILE B 521 -20.69 -32.89 -1.69
C ILE B 521 -20.64 -34.39 -1.50
N ALA B 522 -19.79 -34.86 -0.59
CA ALA B 522 -19.74 -36.27 -0.21
C ALA B 522 -19.42 -37.17 -1.42
N GLU B 523 -18.22 -36.97 -1.97
CA GLU B 523 -17.72 -37.83 -3.04
C GLU B 523 -16.20 -37.78 -3.00
N LEU B 524 -15.58 -38.94 -2.72
CA LEU B 524 -14.13 -38.99 -2.56
C LEU B 524 -13.41 -38.79 -3.89
N ASN B 525 -13.98 -39.32 -4.98
CA ASN B 525 -13.29 -39.26 -6.27
C ASN B 525 -13.02 -37.82 -6.68
N THR B 526 -14.00 -36.93 -6.51
CA THR B 526 -13.80 -35.53 -6.86
C THR B 526 -12.97 -34.80 -5.80
N ILE B 527 -13.17 -35.15 -4.52
CA ILE B 527 -12.54 -34.39 -3.44
C ILE B 527 -11.04 -34.62 -3.42
N ALA B 528 -10.59 -35.86 -3.55
CA ALA B 528 -9.17 -36.18 -3.35
C ALA B 528 -8.23 -35.34 -4.21
N PRO B 529 -8.52 -35.06 -5.48
CA PRO B 529 -7.58 -34.25 -6.27
C PRO B 529 -7.27 -32.91 -5.64
N ILE B 530 -8.24 -32.28 -4.97
CA ILE B 530 -7.98 -31.00 -4.32
C ILE B 530 -6.92 -31.16 -3.24
N ILE B 531 -7.04 -32.20 -2.43
CA ILE B 531 -6.06 -32.46 -1.38
C ILE B 531 -4.69 -32.69 -2.00
N SER B 532 -4.62 -33.54 -3.03
CA SER B 532 -3.34 -33.82 -3.66
C SER B 532 -2.71 -32.53 -4.17
N ASN B 533 -3.49 -31.69 -4.85
CA ASN B 533 -2.95 -30.49 -5.46
C ASN B 533 -2.44 -29.51 -4.40
N PHE B 534 -3.27 -29.22 -3.39
CA PHE B 534 -2.87 -28.26 -2.37
C PHE B 534 -1.65 -28.74 -1.61
N PHE B 535 -1.62 -30.02 -1.24
CA PHE B 535 -0.47 -30.56 -0.50
C PHE B 535 0.79 -30.49 -1.35
N LEU B 536 0.70 -30.84 -2.63
CA LEU B 536 1.88 -30.79 -3.49
C LEU B 536 2.38 -29.37 -3.65
N CYS B 537 1.45 -28.41 -3.76
CA CYS B 537 1.87 -27.01 -3.85
C CYS B 537 2.62 -26.57 -2.59
N SER B 538 2.09 -26.94 -1.43
CA SER B 538 2.78 -26.57 -0.19
C SER B 538 4.17 -27.18 -0.12
N TYR B 539 4.27 -28.48 -0.43
CA TYR B 539 5.56 -29.16 -0.35
C TYR B 539 6.56 -28.55 -1.33
N ALA B 540 6.11 -28.27 -2.56
CA ALA B 540 6.99 -27.68 -3.55
C ALA B 540 7.48 -26.31 -3.12
N LEU B 541 6.59 -25.48 -2.58
CA LEU B 541 7.01 -24.17 -2.12
C LEU B 541 8.05 -24.30 -1.01
N ILE B 542 7.83 -25.21 -0.07
CA ILE B 542 8.78 -25.37 1.03
C ILE B 542 10.15 -25.78 0.49
N ASN B 543 10.19 -26.79 -0.39
CA ASN B 543 11.46 -27.25 -0.90
C ASN B 543 12.17 -26.16 -1.71
N PHE B 544 11.44 -25.48 -2.58
CA PHE B 544 12.05 -24.43 -3.40
C PHE B 544 12.58 -23.30 -2.54
N SER B 545 11.84 -22.90 -1.50
CA SER B 545 12.34 -21.86 -0.61
C SER B 545 13.60 -22.32 0.11
N CYS B 546 13.65 -23.58 0.55
CA CYS B 546 14.86 -24.07 1.19
C CYS B 546 16.05 -24.00 0.24
N PHE B 547 15.85 -24.41 -1.01
CA PHE B 547 16.92 -24.35 -2.00
C PHE B 547 17.37 -22.92 -2.24
N HIS B 548 16.41 -21.99 -2.33
CA HIS B 548 16.76 -20.59 -2.53
C HIS B 548 17.56 -20.05 -1.37
N ALA B 549 17.15 -20.35 -0.13
CA ALA B 549 17.89 -19.88 1.02
C ALA B 549 19.31 -20.45 1.01
N SER B 550 19.46 -21.72 0.68
CA SER B 550 20.81 -22.30 0.61
C SER B 550 21.64 -21.60 -0.46
N ILE B 551 21.03 -21.28 -1.60
CA ILE B 551 21.79 -20.67 -2.70
C ILE B 551 22.24 -19.26 -2.30
N THR B 552 21.32 -18.45 -1.77
CA THR B 552 21.59 -17.03 -1.57
C THR B 552 22.45 -16.75 -0.34
N ASN B 553 22.77 -17.77 0.46
CA ASN B 553 23.52 -17.58 1.70
C ASN B 553 22.77 -16.64 2.65
N SER B 554 21.61 -17.13 3.09
CA SER B 554 20.82 -16.39 4.06
C SER B 554 21.70 -15.95 5.22
N PRO B 555 21.33 -14.85 5.90
CA PRO B 555 22.22 -14.34 6.96
C PRO B 555 22.56 -15.36 8.03
N GLY B 556 21.60 -16.20 8.40
CA GLY B 556 21.83 -17.17 9.45
C GLY B 556 21.46 -18.59 9.07
N TRP B 557 21.75 -18.98 7.82
CA TRP B 557 21.40 -20.30 7.30
C TRP B 557 22.65 -21.14 7.15
N ARG B 558 22.73 -22.21 7.94
CA ARG B 558 23.81 -23.18 7.86
C ARG B 558 23.35 -24.50 8.50
N PRO B 559 22.29 -25.11 7.99
CA PRO B 559 21.74 -26.31 8.64
C PRO B 559 22.75 -27.45 8.64
N SER B 560 22.70 -28.27 9.69
CA SER B 560 23.59 -29.42 9.82
C SER B 560 22.83 -30.69 9.45
N PHE B 561 22.72 -30.94 8.15
CA PHE B 561 22.16 -32.17 7.61
C PHE B 561 23.20 -32.84 6.74
N GLN B 562 23.56 -34.08 7.08
CA GLN B 562 24.65 -34.74 6.36
C GLN B 562 24.31 -34.95 4.89
N TYR B 563 23.07 -35.32 4.59
CA TYR B 563 22.68 -35.64 3.22
C TYR B 563 22.04 -34.46 2.49
N TYR B 564 21.94 -33.29 3.10
CA TYR B 564 21.32 -32.16 2.44
C TYR B 564 22.16 -31.68 1.26
N ASN B 565 21.48 -31.27 0.19
CA ASN B 565 22.13 -30.74 -0.99
C ASN B 565 21.15 -29.86 -1.75
N LYS B 566 21.64 -28.71 -2.23
CA LYS B 566 20.76 -27.77 -2.93
C LYS B 566 20.20 -28.37 -4.22
N TRP B 567 21.04 -29.11 -4.95
CA TRP B 567 20.61 -29.65 -6.23
C TRP B 567 19.38 -30.55 -6.07
N ALA B 568 19.34 -31.35 -5.01
CA ALA B 568 18.17 -32.18 -4.78
C ALA B 568 16.92 -31.33 -4.57
N ALA B 569 17.06 -30.22 -3.86
CA ALA B 569 15.93 -29.32 -3.66
C ALA B 569 15.44 -28.75 -4.98
N LEU B 570 16.36 -28.32 -5.84
CA LEU B 570 15.96 -27.78 -7.14
C LEU B 570 15.26 -28.84 -7.98
N PHE B 571 15.79 -30.07 -7.99
CA PHE B 571 15.17 -31.14 -8.75
C PHE B 571 13.78 -31.45 -8.23
N GLY B 572 13.63 -31.52 -6.90
CA GLY B 572 12.32 -31.77 -6.34
C GLY B 572 11.33 -30.68 -6.69
N ALA B 573 11.76 -29.42 -6.61
CA ALA B 573 10.87 -28.33 -6.97
C ALA B 573 10.39 -28.47 -8.41
N ILE B 574 11.33 -28.71 -9.34
CA ILE B 574 10.96 -28.79 -10.75
C ILE B 574 10.01 -29.95 -11.00
N ILE B 575 10.36 -31.14 -10.51
CA ILE B 575 9.53 -32.31 -10.76
C ILE B 575 8.15 -32.15 -10.14
N SER B 576 8.09 -31.63 -8.91
CA SER B 576 6.80 -31.41 -8.26
C SER B 576 5.94 -30.43 -9.06
N VAL B 577 6.56 -29.35 -9.56
CA VAL B 577 5.80 -28.37 -10.33
C VAL B 577 5.23 -29.03 -11.58
N VAL B 578 6.05 -29.82 -12.28
CA VAL B 578 5.57 -30.48 -13.49
C VAL B 578 4.40 -31.41 -13.18
N ILE B 579 4.53 -32.19 -12.10
CA ILE B 579 3.49 -33.16 -11.78
C ILE B 579 2.21 -32.45 -11.37
N MET B 580 2.31 -31.35 -10.62
CA MET B 580 1.12 -30.61 -10.24
C MET B 580 0.44 -29.99 -11.46
N PHE B 581 1.23 -29.48 -12.41
CA PHE B 581 0.64 -28.94 -13.63
C PHE B 581 -0.08 -30.03 -14.42
N LEU B 582 0.52 -31.22 -14.51
CA LEU B 582 -0.09 -32.28 -15.31
C LEU B 582 -1.31 -32.89 -14.64
N LEU B 583 -1.35 -32.92 -13.31
CA LEU B 583 -2.46 -33.58 -12.63
C LEU B 583 -3.81 -32.97 -13.02
N THR B 584 -3.93 -31.66 -12.91
CA THR B 584 -5.15 -30.97 -13.33
C THR B 584 -4.79 -29.52 -13.65
N TRP B 585 -4.87 -29.14 -14.92
CA TRP B 585 -4.34 -27.87 -15.38
C TRP B 585 -5.00 -26.67 -14.71
N TRP B 586 -6.29 -26.47 -14.95
CA TRP B 586 -6.94 -25.25 -14.49
C TRP B 586 -6.93 -25.15 -12.97
N ALA B 587 -7.26 -26.23 -12.28
CA ALA B 587 -7.33 -26.20 -10.82
C ALA B 587 -5.96 -25.90 -10.22
N ALA B 588 -4.93 -26.59 -10.69
CA ALA B 588 -3.59 -26.36 -10.15
C ALA B 588 -3.11 -24.95 -10.44
N LEU B 589 -3.38 -24.45 -11.65
CA LEU B 589 -2.98 -23.08 -11.99
C LEU B 589 -3.71 -22.06 -11.11
N ILE B 590 -5.00 -22.29 -10.86
CA ILE B 590 -5.75 -21.39 -9.99
C ILE B 590 -5.18 -21.41 -8.58
N ALA B 591 -4.85 -22.59 -8.09
CA ALA B 591 -4.24 -22.68 -6.76
C ALA B 591 -2.92 -21.94 -6.72
N ILE B 592 -2.12 -22.07 -7.78
CA ILE B 592 -0.83 -21.37 -7.85
C ILE B 592 -1.05 -19.86 -7.83
N GLY B 593 -2.02 -19.38 -8.59
CA GLY B 593 -2.32 -17.95 -8.58
C GLY B 593 -2.76 -17.46 -7.23
N VAL B 594 -3.59 -18.25 -6.54
CA VAL B 594 -4.03 -17.87 -5.20
C VAL B 594 -2.84 -17.81 -4.26
N VAL B 595 -1.93 -18.78 -4.35
CA VAL B 595 -0.74 -18.79 -3.51
C VAL B 595 0.11 -17.56 -3.79
N LEU B 596 0.29 -17.23 -5.07
CA LEU B 596 1.10 -16.05 -5.41
C LEU B 596 0.48 -14.77 -4.88
N PHE B 597 -0.85 -14.66 -4.98
CA PHE B 597 -1.52 -13.50 -4.40
C PHE B 597 -1.29 -13.41 -2.90
N LEU B 598 -1.41 -14.54 -2.20
CA LEU B 598 -1.18 -14.53 -0.76
C LEU B 598 0.27 -14.22 -0.41
N LEU B 599 1.21 -14.64 -1.25
CA LEU B 599 2.62 -14.40 -0.95
C LEU B 599 2.99 -12.95 -1.21
N LEU B 600 2.41 -12.34 -2.24
CA LEU B 600 2.72 -10.94 -2.55
C LEU B 600 1.96 -9.96 -1.65
N TYR B 601 0.73 -10.30 -1.26
CA TYR B 601 -0.18 -9.32 -0.66
C TYR B 601 -0.35 -9.50 0.84
N VAL B 602 0.60 -10.14 1.52
CA VAL B 602 0.53 -10.30 2.96
C VAL B 602 1.84 -9.85 3.58
N ILE B 603 2.60 -9.03 2.88
CA ILE B 603 3.91 -8.60 3.35
C ILE B 603 4.04 -7.08 3.25
N TYR B 604 2.92 -6.41 3.00
CA TYR B 604 2.86 -4.95 2.99
C TYR B 604 1.77 -4.47 3.95
N LYS B 605 1.64 -5.16 5.09
CA LYS B 605 0.55 -4.88 6.00
C LYS B 605 0.76 -3.59 6.78
N LYS B 606 2.02 -3.27 7.10
CA LYS B 606 2.47 -2.10 7.84
C LYS B 606 2.91 -2.51 9.24
N PRO B 607 1.98 -2.83 10.15
CA PRO B 607 2.39 -3.28 11.49
C PRO B 607 2.73 -4.76 11.49
N GLU B 608 3.97 -5.10 11.13
CA GLU B 608 4.36 -6.49 10.92
C GLU B 608 4.64 -7.25 12.21
N VAL B 609 4.63 -6.58 13.36
CA VAL B 609 4.98 -7.24 14.62
C VAL B 609 3.72 -7.53 15.43
N ASN B 610 2.96 -6.49 15.77
CA ASN B 610 1.77 -6.62 16.60
C ASN B 610 2.12 -7.03 18.03
N TRP B 611 3.01 -6.27 18.65
CA TRP B 611 3.39 -6.52 20.03
C TRP B 611 2.24 -6.20 20.98
N GLY B 612 2.27 -6.82 22.16
CA GLY B 612 1.40 -6.47 23.28
C GLY B 612 -0.03 -6.15 22.92
N SER B 613 -0.80 -7.15 22.53
CA SER B 613 -2.16 -6.90 22.02
C SER B 613 -2.98 -6.08 23.01
N SER B 614 -3.31 -4.85 22.60
CA SER B 614 -4.08 -3.91 23.41
C SER B 614 -4.47 -2.75 22.50
N VAL B 615 -5.06 -1.71 23.09
CA VAL B 615 -5.42 -0.53 22.33
C VAL B 615 -4.21 0.38 22.12
N GLN B 616 -3.61 0.82 23.23
CA GLN B 616 -2.43 1.67 23.17
C GLN B 616 -1.35 1.05 22.30
N ALA B 617 -1.14 -0.26 22.43
CA ALA B 617 -0.06 -0.92 21.69
C ALA B 617 -0.31 -0.86 20.18
N GLY B 618 -1.53 -1.21 19.74
CA GLY B 618 -1.83 -1.15 18.32
C GLY B 618 -1.76 0.26 17.77
N SER B 619 -2.28 1.22 18.54
CA SER B 619 -2.21 2.62 18.12
C SER B 619 -0.76 3.04 17.92
N TYR B 620 0.10 2.72 18.89
CA TYR B 620 1.51 3.09 18.79
C TYR B 620 2.15 2.42 17.57
N ASN B 621 1.82 1.15 17.33
CA ASN B 621 2.41 0.44 16.20
C ASN B 621 2.05 1.11 14.89
N LEU B 622 0.77 1.42 14.70
CA LEU B 622 0.36 2.06 13.45
C LEU B 622 1.00 3.43 13.30
N ALA B 623 1.05 4.21 14.38
CA ALA B 623 1.64 5.54 14.30
C ALA B 623 3.09 5.45 13.88
N LEU B 624 3.86 4.55 14.50
CA LEU B 624 5.26 4.39 14.13
C LEU B 624 5.39 3.96 12.68
N SER B 625 4.58 2.98 12.26
CA SER B 625 4.71 2.46 10.90
C SER B 625 4.54 3.57 9.88
N TYR B 626 3.45 4.34 9.99
CA TYR B 626 3.21 5.37 8.98
C TYR B 626 4.15 6.55 9.11
N SER B 627 4.53 6.94 10.33
CA SER B 627 5.50 8.03 10.49
C SER B 627 6.82 7.68 9.84
N VAL B 628 7.29 6.44 10.02
CA VAL B 628 8.52 6.03 9.37
C VAL B 628 8.34 5.93 7.86
N GLY B 629 7.16 5.48 7.42
CA GLY B 629 6.91 5.38 5.99
C GLY B 629 6.99 6.72 5.27
N LEU B 630 6.50 7.78 5.92
CA LEU B 630 6.53 9.11 5.30
C LEU B 630 7.93 9.59 4.97
N ASN B 631 8.97 8.88 5.39
CA ASN B 631 10.34 9.35 5.21
C ASN B 631 10.84 9.19 3.78
N GLU B 632 10.31 8.22 3.03
CA GLU B 632 10.79 7.98 1.67
C GLU B 632 10.13 8.88 0.63
N VAL B 633 9.06 9.58 0.99
CA VAL B 633 8.28 10.36 0.04
C VAL B 633 8.85 11.78 -0.03
N GLU B 634 9.09 12.25 -1.25
CA GLU B 634 9.75 13.54 -1.47
C GLU B 634 8.73 14.68 -1.52
N ASP B 635 9.24 15.91 -1.61
CA ASP B 635 8.44 17.11 -1.47
C ASP B 635 8.20 17.79 -2.83
N HIS B 636 7.03 18.41 -2.97
CA HIS B 636 6.65 19.09 -4.20
C HIS B 636 5.69 20.22 -3.85
N ILE B 637 5.63 21.21 -4.74
CA ILE B 637 4.87 22.42 -4.45
C ILE B 637 3.37 22.14 -4.37
N LYS B 638 2.87 21.21 -5.19
CA LYS B 638 1.44 20.93 -5.19
C LYS B 638 0.95 20.51 -3.81
N ASN B 639 1.81 19.91 -2.99
CA ASN B 639 1.41 19.35 -1.71
C ASN B 639 1.98 20.13 -0.53
N TYR B 640 2.21 21.42 -0.70
CA TYR B 640 2.66 22.26 0.40
C TYR B 640 1.60 22.29 1.50
N ARG B 641 2.05 22.33 2.76
CA ARG B 641 1.15 22.39 3.90
C ARG B 641 1.69 23.32 4.97
N PRO B 642 0.84 24.17 5.56
CA PRO B 642 1.28 25.06 6.64
C PRO B 642 1.29 24.38 7.99
N GLN B 643 2.49 24.10 8.51
CA GLN B 643 2.67 23.57 9.85
C GLN B 643 2.85 24.74 10.81
N CYS B 644 1.99 24.83 11.82
CA CYS B 644 1.89 26.00 12.67
C CYS B 644 2.38 25.71 14.08
N LEU B 645 3.23 26.60 14.60
CA LEU B 645 3.65 26.63 15.99
C LEU B 645 3.03 27.87 16.63
N VAL B 646 2.12 27.68 17.57
CA VAL B 646 1.31 28.76 18.15
C VAL B 646 1.78 28.99 19.57
N LEU B 647 2.18 30.23 19.86
CA LEU B 647 2.67 30.58 21.20
C LEU B 647 1.48 30.97 22.06
N THR B 648 0.95 30.00 22.80
CA THR B 648 -0.24 30.18 23.60
C THR B 648 0.02 30.29 25.10
N GLY B 649 1.19 29.90 25.58
CA GLY B 649 1.37 29.68 26.99
C GLY B 649 0.42 28.59 27.44
N PRO B 650 -0.13 28.71 28.65
CA PRO B 650 -1.25 27.84 29.03
C PRO B 650 -2.42 28.06 28.09
N PRO B 651 -3.06 26.99 27.62
CA PRO B 651 -4.10 27.16 26.60
C PRO B 651 -5.41 27.70 27.15
N ASN B 652 -5.61 27.70 28.46
CA ASN B 652 -6.84 28.23 29.04
C ASN B 652 -6.77 29.72 29.33
N PHE B 653 -5.66 30.37 28.98
CA PHE B 653 -5.54 31.82 29.10
C PHE B 653 -5.82 32.54 27.79
N ARG B 654 -5.70 31.87 26.66
CA ARG B 654 -5.83 32.50 25.34
C ARG B 654 -6.47 31.51 24.37
N PRO B 655 -7.79 31.34 24.43
CA PRO B 655 -8.44 30.36 23.55
C PRO B 655 -8.77 30.88 22.17
N ALA B 656 -8.74 32.20 21.95
CA ALA B 656 -9.03 32.74 20.63
C ALA B 656 -8.00 32.28 19.60
N LEU B 657 -6.72 32.30 19.98
CA LEU B 657 -5.67 31.88 19.06
C LEU B 657 -5.84 30.42 18.66
N VAL B 658 -6.14 29.55 19.63
CA VAL B 658 -6.29 28.14 19.35
C VAL B 658 -7.52 27.89 18.49
N ASP B 659 -8.63 28.58 18.78
CA ASP B 659 -9.81 28.46 17.93
C ASP B 659 -9.49 28.86 16.50
N PHE B 660 -8.83 30.01 16.33
CA PHE B 660 -8.57 30.50 14.98
C PHE B 660 -7.64 29.59 14.20
N VAL B 661 -6.59 29.06 14.85
CA VAL B 661 -5.67 28.18 14.12
C VAL B 661 -6.35 26.83 13.83
N GLY B 662 -7.04 26.27 14.82
CA GLY B 662 -7.72 25.00 14.61
C GLY B 662 -8.76 25.06 13.51
N THR B 663 -9.44 26.21 13.36
CA THR B 663 -10.37 26.37 12.26
C THR B 663 -9.75 25.91 10.93
N PHE B 664 -8.65 26.53 10.52
CA PHE B 664 -8.11 26.26 9.19
C PHE B 664 -7.09 25.12 9.17
N THR B 665 -6.65 24.61 10.31
CA THR B 665 -5.71 23.49 10.28
C THR B 665 -6.36 22.12 10.50
N ARG B 666 -7.65 22.08 10.83
CA ARG B 666 -8.30 20.83 11.20
C ARG B 666 -8.19 19.78 10.10
N ASN B 667 -7.65 18.62 10.46
CA ASN B 667 -7.39 17.51 9.55
C ASN B 667 -6.85 17.96 8.20
N LEU B 668 -5.97 18.94 8.20
CA LEU B 668 -5.22 19.28 6.99
C LEU B 668 -3.72 19.35 7.21
N SER B 669 -3.27 19.84 8.37
CA SER B 669 -1.84 19.96 8.63
C SER B 669 -1.61 19.94 10.15
N LEU B 670 -0.36 20.19 10.55
CA LEU B 670 0.10 20.02 11.91
C LEU B 670 -0.07 21.29 12.72
N MET B 671 -0.36 21.13 14.01
CA MET B 671 -0.54 22.25 14.93
C MET B 671 0.12 21.93 16.26
N ILE B 672 0.98 22.83 16.75
CA ILE B 672 1.65 22.66 18.03
C ILE B 672 1.39 23.89 18.89
N CYS B 673 1.14 23.67 20.18
CA CYS B 673 0.92 24.75 21.14
C CYS B 673 2.13 24.81 22.08
N GLY B 674 2.80 25.95 22.12
CA GLY B 674 4.05 26.10 22.85
C GLY B 674 3.86 26.79 24.19
N HIS B 675 4.56 26.27 25.20
CA HIS B 675 4.53 26.82 26.55
C HIS B 675 5.95 26.84 27.10
N VAL B 676 6.39 28.02 27.55
CA VAL B 676 7.72 28.22 28.09
C VAL B 676 7.60 28.52 29.57
N LEU B 677 8.40 27.84 30.38
CA LEU B 677 8.41 28.01 31.83
C LEU B 677 9.62 28.84 32.24
N ILE B 678 9.37 29.91 32.98
CA ILE B 678 10.40 30.91 33.28
C ILE B 678 11.06 30.57 34.61
N GLY B 679 12.35 30.81 34.70
CA GLY B 679 13.09 30.62 35.94
C GLY B 679 14.03 29.43 35.89
N PRO B 680 15.05 29.42 36.76
CA PRO B 680 15.94 28.28 36.84
C PRO B 680 15.47 27.23 37.84
N HIS B 681 15.35 25.99 37.39
CA HIS B 681 14.99 24.87 38.24
C HIS B 681 15.59 23.61 37.65
N LYS B 682 15.65 22.55 38.46
CA LYS B 682 16.27 21.29 38.04
C LYS B 682 15.26 20.33 37.44
N GLN B 683 14.47 20.83 36.47
CA GLN B 683 13.48 20.08 35.71
C GLN B 683 12.96 18.82 36.43
N ARG B 684 12.88 17.72 35.70
CA ARG B 684 12.50 16.39 36.21
C ARG B 684 11.26 16.54 37.09
N MET B 685 11.26 16.04 38.33
CA MET B 685 10.13 16.17 39.23
C MET B 685 8.94 15.38 38.70
N PRO B 686 8.03 14.96 39.58
CA PRO B 686 6.86 14.19 39.11
C PRO B 686 5.71 15.07 38.62
N GLU B 687 5.62 16.31 39.09
CA GLU B 687 4.43 17.12 38.87
C GLU B 687 4.34 17.68 37.45
N LEU B 688 5.48 17.85 36.77
CA LEU B 688 5.43 18.42 35.43
C LEU B 688 4.67 17.51 34.47
N GLN B 689 4.89 16.20 34.57
CA GLN B 689 4.15 15.26 33.72
C GLN B 689 2.66 15.36 33.97
N LEU B 690 2.25 15.46 35.24
CA LEU B 690 0.83 15.59 35.56
C LEU B 690 0.26 16.89 35.00
N ILE B 691 1.03 17.98 35.08
CA ILE B 691 0.56 19.26 34.53
C ILE B 691 0.35 19.14 33.02
N ALA B 692 1.32 18.54 32.33
CA ALA B 692 1.17 18.35 30.89
C ALA B 692 -0.03 17.49 30.56
N ASN B 693 -0.24 16.43 31.34
CA ASN B 693 -1.39 15.56 31.11
C ASN B 693 -2.69 16.31 31.28
N GLY B 694 -2.79 17.14 32.31
CA GLY B 694 -4.00 17.93 32.49
C GLY B 694 -4.24 18.90 31.35
N HIS B 695 -3.17 19.55 30.88
CA HIS B 695 -3.34 20.48 29.76
C HIS B 695 -3.81 19.75 28.51
N THR B 696 -3.25 18.58 28.23
CA THR B 696 -3.72 17.80 27.08
C THR B 696 -5.16 17.33 27.26
N LYS B 697 -5.56 17.03 28.49
CA LYS B 697 -6.95 16.64 28.72
C LYS B 697 -7.90 17.81 28.45
N TRP B 698 -7.57 18.99 28.97
CA TRP B 698 -8.39 20.16 28.67
C TRP B 698 -8.48 20.39 27.17
N LEU B 699 -7.35 20.26 26.47
CA LEU B 699 -7.36 20.42 25.02
C LEU B 699 -8.23 19.38 24.33
N ASN B 700 -8.15 18.13 24.78
CA ASN B 700 -8.92 17.07 24.15
C ASN B 700 -10.42 17.29 24.33
N LYS B 701 -10.82 17.79 25.50
CA LYS B 701 -12.24 17.98 25.76
C LYS B 701 -12.91 18.92 24.78
N ARG B 702 -12.14 19.79 24.12
CA ARG B 702 -12.71 20.79 23.22
C ARG B 702 -12.76 20.33 21.77
N LYS B 703 -12.29 19.11 21.47
CA LYS B 703 -12.24 18.62 20.10
C LYS B 703 -11.33 19.49 19.24
N ILE B 704 -10.08 19.64 19.70
CA ILE B 704 -9.05 20.36 18.97
C ILE B 704 -7.88 19.41 18.78
N LYS B 705 -7.54 19.13 17.52
CA LYS B 705 -6.42 18.24 17.21
C LYS B 705 -5.12 19.02 17.30
N ALA B 706 -4.33 18.78 18.34
CA ALA B 706 -3.07 19.49 18.51
C ALA B 706 -2.23 18.81 19.58
N PHE B 707 -0.93 19.11 19.56
CA PHE B 707 0.04 18.58 20.51
C PHE B 707 0.51 19.70 21.43
N TYR B 708 0.51 19.43 22.73
CA TYR B 708 1.04 20.34 23.73
C TYR B 708 2.53 20.06 23.96
N SER B 709 3.25 21.08 24.44
CA SER B 709 4.69 20.94 24.67
C SER B 709 5.19 22.07 25.56
N ASP B 710 5.98 21.72 26.57
CA ASP B 710 6.47 22.68 27.55
C ASP B 710 7.97 22.54 27.75
N VAL B 711 8.67 23.67 27.88
CA VAL B 711 10.12 23.69 28.06
C VAL B 711 10.47 24.64 29.19
N ILE B 712 11.70 24.49 29.70
CA ILE B 712 12.22 25.31 30.79
C ILE B 712 13.34 26.19 30.25
N ALA B 713 13.27 27.48 30.52
CA ALA B 713 14.30 28.41 30.05
C ALA B 713 14.27 29.65 30.93
N GLU B 714 15.38 30.40 30.87
CA GLU B 714 15.48 31.62 31.67
C GLU B 714 14.46 32.67 31.24
N ASP B 715 14.24 32.81 29.94
CA ASP B 715 13.37 33.85 29.40
C ASP B 715 12.60 33.30 28.21
N LEU B 716 11.65 34.11 27.72
CA LEU B 716 10.77 33.65 26.65
C LEU B 716 11.54 33.40 25.35
N ARG B 717 12.46 34.30 25.02
CA ARG B 717 13.14 34.20 23.72
C ARG B 717 13.92 32.90 23.59
N ARG B 718 14.60 32.48 24.66
CA ARG B 718 15.43 31.28 24.59
C ARG B 718 14.57 30.02 24.48
N GLY B 719 13.48 29.94 25.24
CA GLY B 719 12.57 28.82 25.09
C GLY B 719 11.97 28.76 23.70
N VAL B 720 11.64 29.92 23.13
CA VAL B 720 11.11 29.95 21.77
C VAL B 720 12.14 29.45 20.77
N GLN B 721 13.40 29.86 20.93
CA GLN B 721 14.45 29.36 20.05
C GLN B 721 14.57 27.84 20.16
N ILE B 722 14.52 27.32 21.39
CA ILE B 722 14.62 25.88 21.58
C ILE B 722 13.49 25.16 20.85
N LEU B 723 12.26 25.68 21.00
CA LEU B 723 11.11 25.08 20.34
C LEU B 723 11.27 25.12 18.82
N MET B 724 11.70 26.26 18.28
CA MET B 724 11.84 26.39 16.84
C MET B 724 12.89 25.44 16.28
N GLN B 725 13.96 25.19 17.03
CA GLN B 725 15.05 24.39 16.49
C GLN B 725 14.86 22.89 16.70
N ALA B 726 14.17 22.46 17.75
CA ALA B 726 14.17 21.04 18.10
C ALA B 726 12.86 20.30 17.82
N ALA B 727 11.71 20.95 17.93
CA ALA B 727 10.45 20.22 17.98
C ALA B 727 10.00 19.73 16.62
N GLY B 728 9.57 18.47 16.56
CA GLY B 728 9.04 17.84 15.36
C GLY B 728 9.49 16.41 15.24
N LEU B 729 9.25 15.82 14.07
CA LEU B 729 9.68 14.45 13.78
C LEU B 729 9.74 14.26 12.28
N GLY B 730 10.94 14.07 11.74
CA GLY B 730 11.06 13.81 10.31
C GLY B 730 10.58 14.98 9.49
N ARG B 731 9.66 14.71 8.56
CA ARG B 731 9.11 15.73 7.68
C ARG B 731 7.92 16.45 8.29
N MET B 732 7.49 16.06 9.49
CA MET B 732 6.38 16.73 10.17
C MET B 732 6.93 17.78 11.13
N LYS B 733 7.48 18.84 10.57
CA LYS B 733 8.06 19.90 11.37
C LYS B 733 7.51 21.26 10.94
N PRO B 734 7.29 22.16 11.89
CA PRO B 734 6.61 23.42 11.58
C PRO B 734 7.45 24.34 10.71
N ASN B 735 6.76 25.24 10.02
CA ASN B 735 7.41 26.29 9.24
C ASN B 735 6.72 27.64 9.36
N ILE B 736 5.78 27.80 10.28
CA ILE B 736 5.08 29.06 10.51
C ILE B 736 4.94 29.28 12.02
N LEU B 737 5.10 30.53 12.44
CA LEU B 737 4.94 30.92 13.83
C LEU B 737 3.73 31.85 13.97
N VAL B 738 2.93 31.60 15.00
CA VAL B 738 1.75 32.41 15.29
C VAL B 738 1.89 32.98 16.69
N VAL B 739 1.82 34.31 16.80
CA VAL B 739 2.07 35.01 18.04
C VAL B 739 1.02 36.12 18.22
N GLY B 740 0.65 36.36 19.48
CA GLY B 740 -0.31 37.40 19.80
C GLY B 740 0.33 38.77 19.85
N PHE B 741 -0.54 39.78 19.96
CA PHE B 741 -0.12 41.16 20.00
C PHE B 741 0.11 41.61 21.44
N LYS B 742 1.07 42.51 21.62
CA LYS B 742 1.37 43.06 22.94
C LYS B 742 0.45 44.25 23.20
N LYS B 743 -0.65 44.02 23.92
CA LYS B 743 -1.66 45.06 24.09
C LYS B 743 -1.14 46.26 24.88
N ASN B 744 -0.08 46.11 25.65
CA ASN B 744 0.39 47.15 26.57
C ASN B 744 1.89 47.35 26.45
N TRP B 745 2.38 47.53 25.22
CA TRP B 745 3.82 47.67 25.01
C TRP B 745 4.35 49.05 25.38
N GLN B 746 3.49 49.97 25.79
CA GLN B 746 3.95 51.30 26.17
C GLN B 746 4.25 51.44 27.65
N SER B 747 3.40 50.85 28.51
CA SER B 747 3.61 50.91 29.96
C SER B 747 4.35 49.66 30.43
N ALA B 748 5.56 49.47 29.88
CA ALA B 748 6.37 48.31 30.21
C ALA B 748 7.83 48.66 29.98
N HIS B 749 8.71 47.86 30.58
CA HIS B 749 10.14 48.06 30.43
C HIS B 749 10.55 47.83 28.98
N PRO B 750 11.29 48.75 28.36
CA PRO B 750 11.70 48.54 26.97
C PRO B 750 12.46 47.25 26.72
N ALA B 751 13.02 46.63 27.76
CA ALA B 751 13.67 45.34 27.58
C ALA B 751 12.70 44.30 27.07
N THR B 752 11.47 44.30 27.61
CA THR B 752 10.45 43.37 27.14
C THR B 752 10.15 43.59 25.66
N VAL B 753 10.04 44.85 25.24
CA VAL B 753 9.78 45.15 23.84
C VAL B 753 10.94 44.68 22.96
N GLU B 754 12.17 44.89 23.44
CA GLU B 754 13.34 44.42 22.70
C GLU B 754 13.29 42.91 22.49
N ASP B 755 12.95 42.17 23.54
CA ASP B 755 12.83 40.72 23.43
C ASP B 755 11.71 40.33 22.47
N TYR B 756 10.57 41.01 22.55
CA TYR B 756 9.46 40.71 21.64
C TYR B 756 9.88 40.86 20.20
N ILE B 757 10.54 41.96 19.85
CA ILE B 757 10.97 42.13 18.47
C ILE B 757 12.07 41.13 18.10
N GLY B 758 12.94 40.79 19.05
CA GLY B 758 13.94 39.78 18.79
C GLY B 758 13.36 38.44 18.44
N ILE B 759 12.19 38.11 19.01
CA ILE B 759 11.53 36.86 18.65
C ILE B 759 11.21 36.83 17.15
N LEU B 760 10.65 37.91 16.63
CA LEU B 760 10.36 37.99 15.21
C LEU B 760 11.64 37.92 14.38
N HIS B 761 12.69 38.61 14.84
CA HIS B 761 13.94 38.57 14.09
C HIS B 761 14.50 37.15 14.01
N ASP B 762 14.48 36.42 15.11
CA ASP B 762 14.96 35.03 15.09
C ASP B 762 14.09 34.18 14.17
N ALA B 763 12.77 34.35 14.23
CA ALA B 763 11.89 33.59 13.35
C ALA B 763 12.22 33.84 11.90
N PHE B 764 12.53 35.09 11.54
CA PHE B 764 12.92 35.37 10.15
C PHE B 764 14.28 34.78 9.83
N ASP B 765 15.16 34.68 10.84
CA ASP B 765 16.47 34.06 10.61
C ASP B 765 16.32 32.59 10.24
N PHE B 766 15.44 31.87 10.93
CA PHE B 766 15.33 30.42 10.73
C PHE B 766 14.50 30.03 9.50
N ASN B 767 14.10 30.99 8.65
CA ASN B 767 13.35 30.75 7.43
C ASN B 767 11.87 30.47 7.66
N TYR B 768 11.34 30.80 8.84
CA TYR B 768 9.92 30.64 9.12
C TYR B 768 9.10 31.71 8.41
N GLY B 769 7.78 31.47 8.38
CA GLY B 769 6.80 32.51 8.14
C GLY B 769 6.24 32.99 9.46
N VAL B 770 5.69 34.21 9.46
CA VAL B 770 5.34 34.91 10.69
C VAL B 770 3.88 35.38 10.61
N CYS B 771 3.17 35.28 11.74
CA CYS B 771 1.80 35.76 11.84
C CYS B 771 1.57 36.37 13.20
N VAL B 772 1.00 37.58 13.22
CA VAL B 772 0.75 38.33 14.44
C VAL B 772 -0.74 38.62 14.52
N MET B 773 -1.41 38.05 15.51
CA MET B 773 -2.86 38.18 15.66
C MET B 773 -3.20 39.24 16.70
N ARG B 774 -4.11 40.14 16.35
CA ARG B 774 -4.50 41.23 17.25
C ARG B 774 -6.01 41.26 17.38
N MET B 775 -6.50 41.28 18.62
CA MET B 775 -7.89 41.48 18.93
C MET B 775 -8.04 42.78 19.69
N ARG B 776 -9.20 43.43 19.52
CA ARG B 776 -9.42 44.72 20.16
C ARG B 776 -9.33 44.61 21.68
N GLU B 777 -9.92 43.57 22.25
CA GLU B 777 -10.02 43.41 23.70
C GLU B 777 -8.83 42.68 24.32
N GLY B 778 -7.86 42.26 23.51
CA GLY B 778 -6.77 41.44 23.99
C GLY B 778 -7.14 39.96 24.00
N LEU B 779 -6.13 39.13 24.23
CA LEU B 779 -6.30 37.69 24.20
C LEU B 779 -6.22 37.02 25.57
N ASN B 780 -5.49 37.61 26.51
CA ASN B 780 -5.36 37.01 27.83
C ASN B 780 -6.64 37.19 28.63
N GLU B 815 -17.89 24.30 32.64
CA GLU B 815 -17.87 24.64 31.22
C GLU B 815 -16.60 25.40 30.86
N GLN B 816 -16.43 25.69 29.57
CA GLN B 816 -15.31 26.47 29.07
C GLN B 816 -15.80 27.73 28.38
N ALA B 817 -14.91 28.71 28.27
CA ALA B 817 -15.26 29.97 27.65
C ALA B 817 -15.67 29.76 26.20
N THR B 818 -16.49 30.68 25.69
CA THR B 818 -16.91 30.68 24.31
C THR B 818 -16.33 31.89 23.60
N THR B 819 -15.89 31.69 22.36
CA THR B 819 -15.16 32.69 21.58
C THR B 819 -15.94 33.03 20.31
N ILE B 820 -15.37 33.94 19.52
CA ILE B 820 -16.07 34.46 18.34
C ILE B 820 -15.92 33.57 17.11
N PHE B 821 -14.98 32.63 17.11
CA PHE B 821 -14.81 31.73 15.98
C PHE B 821 -15.68 30.48 16.07
N GLN B 822 -16.51 30.34 17.10
CA GLN B 822 -17.40 29.20 17.24
C GLN B 822 -18.83 29.50 16.84
N SER B 823 -19.11 30.69 16.31
CA SER B 823 -20.45 31.07 15.88
C SER B 823 -20.38 31.54 14.43
N GLU B 824 -21.31 31.04 13.61
CA GLU B 824 -21.29 31.32 12.19
C GLU B 824 -21.18 32.83 11.95
N GLN B 825 -20.62 33.19 10.79
CA GLN B 825 -20.28 34.58 10.49
C GLN B 825 -21.36 35.30 9.70
N GLY B 826 -21.89 34.66 8.66
CA GLY B 826 -22.95 35.28 7.88
C GLY B 826 -22.55 35.67 6.47
N LYS B 827 -23.09 36.77 5.98
CA LYS B 827 -22.81 37.25 4.62
C LYS B 827 -21.69 38.28 4.57
N LYS B 828 -20.99 38.52 5.67
CA LYS B 828 -19.96 39.54 5.71
C LYS B 828 -18.80 39.17 4.80
N THR B 829 -17.81 40.04 4.74
CA THR B 829 -16.72 39.92 3.79
C THR B 829 -15.40 39.63 4.49
N ILE B 830 -14.42 39.25 3.68
CA ILE B 830 -13.03 39.10 4.09
C ILE B 830 -12.20 40.01 3.18
N ASP B 831 -11.36 40.84 3.80
CA ASP B 831 -10.66 41.90 3.09
C ASP B 831 -9.16 41.63 3.08
N ILE B 832 -8.59 41.49 1.90
CA ILE B 832 -7.17 41.21 1.73
C ILE B 832 -6.50 42.43 1.12
N TYR B 833 -5.46 42.92 1.78
CA TYR B 833 -4.65 44.03 1.27
C TYR B 833 -3.30 43.46 0.88
N TRP B 834 -3.20 42.98 -0.36
CA TRP B 834 -1.98 42.38 -0.91
C TRP B 834 -1.14 43.50 -1.52
N LEU B 835 -0.24 44.07 -0.73
CA LEU B 835 0.57 45.20 -1.17
C LEU B 835 1.94 44.80 -1.68
N PHE B 836 2.47 43.65 -1.23
CA PHE B 836 3.79 43.21 -1.62
C PHE B 836 3.75 41.70 -1.87
N ASP B 837 4.70 41.24 -2.68
CA ASP B 837 4.79 39.81 -2.99
C ASP B 837 5.55 39.08 -1.89
N ASP B 838 4.92 38.06 -1.31
CA ASP B 838 5.58 37.19 -0.35
C ASP B 838 5.71 35.76 -0.83
N GLY B 839 5.00 35.38 -1.90
CA GLY B 839 4.94 34.01 -2.35
C GLY B 839 3.56 33.41 -2.36
N GLY B 840 2.55 34.15 -1.89
CA GLY B 840 1.18 33.68 -1.88
C GLY B 840 0.62 33.37 -0.51
N LEU B 841 1.44 33.36 0.55
CA LEU B 841 0.93 33.02 1.87
C LEU B 841 -0.21 33.94 2.29
N THR B 842 -0.15 35.22 1.93
CA THR B 842 -1.21 36.15 2.28
C THR B 842 -2.55 35.75 1.65
N LEU B 843 -2.50 35.06 0.50
CA LEU B 843 -3.73 34.61 -0.15
C LEU B 843 -4.14 33.20 0.26
N LEU B 844 -3.17 32.34 0.60
CA LEU B 844 -3.49 30.94 0.87
C LEU B 844 -4.26 30.78 2.17
N ILE B 845 -3.88 31.49 3.23
CA ILE B 845 -4.56 31.33 4.52
C ILE B 845 -6.05 31.64 4.41
N PRO B 846 -6.48 32.72 3.77
CA PRO B 846 -7.92 32.95 3.63
C PRO B 846 -8.63 31.91 2.77
N TYR B 847 -7.97 31.35 1.75
CA TYR B 847 -8.63 30.36 0.91
C TYR B 847 -8.98 29.11 1.70
N LEU B 848 -8.03 28.61 2.50
CA LEU B 848 -8.29 27.41 3.28
C LEU B 848 -9.34 27.64 4.35
N LEU B 849 -9.55 28.91 4.74
CA LEU B 849 -10.49 29.21 5.81
C LEU B 849 -11.92 29.26 5.30
N GLY B 850 -12.13 29.74 4.08
CA GLY B 850 -13.46 29.76 3.51
C GLY B 850 -13.94 28.43 3.00
N ARG B 851 -13.07 27.43 2.98
CA ARG B 851 -13.43 26.07 2.62
C ARG B 851 -14.14 25.33 3.75
N LYS B 852 -14.20 25.93 4.94
CA LYS B 852 -14.98 25.39 6.05
C LYS B 852 -16.37 26.02 6.07
N ARG B 853 -17.34 25.26 6.60
CA ARG B 853 -18.73 25.71 6.63
C ARG B 853 -18.99 26.87 7.58
N ARG B 854 -17.96 27.51 8.13
CA ARG B 854 -18.17 28.72 8.92
C ARG B 854 -17.90 29.99 8.12
N TRP B 855 -16.95 29.95 7.18
CA TRP B 855 -16.60 31.07 6.34
C TRP B 855 -16.91 30.82 4.88
N SER B 856 -17.84 29.91 4.59
CA SER B 856 -18.21 29.58 3.22
C SER B 856 -19.38 30.40 2.70
N LYS B 857 -19.76 31.47 3.41
CA LYS B 857 -20.75 32.42 2.92
C LYS B 857 -20.20 33.81 2.72
N CYS B 858 -18.96 34.07 3.14
CA CYS B 858 -18.39 35.40 3.01
C CYS B 858 -17.85 35.63 1.60
N LYS B 859 -18.10 36.81 1.07
CA LYS B 859 -17.50 37.22 -0.19
C LYS B 859 -16.15 37.87 0.08
N ILE B 860 -15.22 37.66 -0.84
CA ILE B 860 -13.80 37.92 -0.60
C ILE B 860 -13.32 39.02 -1.54
N ARG B 861 -12.62 40.00 -0.98
CA ARG B 861 -12.19 41.19 -1.69
C ARG B 861 -10.68 41.33 -1.64
N VAL B 862 -10.10 41.78 -2.75
CA VAL B 862 -8.66 41.93 -2.87
C VAL B 862 -8.36 43.38 -3.25
N PHE B 863 -7.45 44.00 -2.51
CA PHE B 863 -7.03 45.38 -2.75
C PHE B 863 -5.57 45.40 -3.18
N VAL B 864 -5.27 46.11 -4.26
CA VAL B 864 -3.91 46.28 -4.74
C VAL B 864 -3.69 47.74 -5.09
N GLY B 865 -2.44 48.19 -4.98
CA GLY B 865 -2.08 49.53 -5.38
C GLY B 865 -1.71 49.61 -6.86
N GLY B 866 -1.77 50.81 -7.40
CA GLY B 866 -1.52 51.00 -8.82
C GLY B 866 -1.21 52.42 -9.23
N GLN B 867 -1.80 52.85 -10.34
CA GLN B 867 -1.61 54.19 -10.86
C GLN B 867 -2.97 54.82 -11.17
N ILE B 868 -3.00 56.14 -11.23
CA ILE B 868 -4.24 56.85 -11.55
C ILE B 868 -4.50 56.94 -13.05
N ASN B 869 -3.46 56.87 -13.88
CA ASN B 869 -3.61 56.98 -15.33
C ASN B 869 -3.56 55.63 -16.03
N ARG B 870 -3.52 54.53 -15.28
CA ARG B 870 -3.55 53.20 -15.87
C ARG B 870 -4.44 52.27 -15.06
N MET B 871 -5.47 52.81 -14.42
CA MET B 871 -6.31 52.00 -13.53
C MET B 871 -6.95 50.83 -14.26
N ASP B 872 -7.28 51.00 -15.54
CA ASP B 872 -8.01 49.96 -16.26
C ASP B 872 -7.11 48.80 -16.65
N GLN B 873 -5.89 49.08 -17.09
CA GLN B 873 -4.96 48.02 -17.46
C GLN B 873 -4.41 47.27 -16.25
N GLU B 874 -4.67 47.75 -15.04
CA GLU B 874 -4.25 47.06 -13.83
C GLU B 874 -5.35 46.21 -13.23
N ARG B 875 -6.62 46.62 -13.36
CA ARG B 875 -7.72 45.80 -12.87
C ARG B 875 -7.80 44.49 -13.66
N LYS B 876 -7.70 44.57 -14.98
CA LYS B 876 -7.83 43.38 -15.81
C LYS B 876 -6.63 42.45 -15.71
N ALA B 877 -5.50 42.94 -15.19
CA ALA B 877 -4.31 42.10 -15.11
C ALA B 877 -4.28 41.27 -13.83
N ILE B 878 -4.58 41.89 -12.70
CA ILE B 878 -4.63 41.13 -11.44
C ILE B 878 -5.76 40.12 -11.49
N ILE B 879 -6.87 40.45 -12.16
CA ILE B 879 -7.97 39.50 -12.28
C ILE B 879 -7.52 38.26 -13.05
N SER B 880 -6.77 38.45 -14.13
CA SER B 880 -6.29 37.31 -14.91
C SER B 880 -5.39 36.41 -14.08
N LEU B 881 -4.48 37.00 -13.30
CA LEU B 881 -3.58 36.19 -12.49
C LEU B 881 -4.34 35.38 -11.44
N LEU B 882 -5.40 35.97 -10.87
CA LEU B 882 -6.20 35.26 -9.89
C LEU B 882 -6.86 34.02 -10.48
N SER B 883 -7.22 34.07 -11.77
CA SER B 883 -7.88 32.93 -12.41
C SER B 883 -6.91 31.79 -12.72
N LYS B 884 -5.61 32.06 -12.70
CA LYS B 884 -4.65 30.99 -12.98
C LYS B 884 -4.35 30.19 -11.72
N PHE B 885 -4.36 30.86 -10.55
CA PHE B 885 -4.27 30.15 -9.29
C PHE B 885 -5.54 29.36 -8.98
N ARG B 886 -6.65 29.70 -9.63
CA ARG B 886 -7.94 29.05 -9.41
C ARG B 886 -8.31 29.06 -7.93
N LEU B 887 -8.47 30.28 -7.41
CA LEU B 887 -8.85 30.47 -6.01
C LEU B 887 -10.29 30.96 -5.84
N GLY B 888 -10.97 31.34 -6.91
CA GLY B 888 -12.35 31.73 -6.82
C GLY B 888 -12.63 32.90 -5.89
N PHE B 889 -11.95 34.02 -6.08
CA PHE B 889 -12.20 35.23 -5.33
C PHE B 889 -13.04 36.21 -6.17
N HIS B 890 -13.90 36.96 -5.50
CA HIS B 890 -14.98 37.67 -6.19
C HIS B 890 -14.50 38.96 -6.86
N GLU B 891 -14.05 39.94 -6.07
CA GLU B 891 -13.86 41.29 -6.55
C GLU B 891 -12.40 41.71 -6.51
N VAL B 892 -12.13 42.85 -7.14
CA VAL B 892 -10.82 43.49 -7.12
C VAL B 892 -11.03 45.00 -7.07
N HIS B 893 -10.17 45.69 -6.33
CA HIS B 893 -10.21 47.14 -6.26
C HIS B 893 -8.80 47.68 -6.21
N ILE B 894 -8.56 48.78 -6.92
CA ILE B 894 -7.23 49.38 -7.06
C ILE B 894 -7.18 50.66 -6.24
N LEU B 895 -6.02 50.92 -5.64
CA LEU B 895 -5.79 52.14 -4.87
C LEU B 895 -4.70 52.97 -5.50
N PRO B 896 -5.03 54.12 -6.11
CA PRO B 896 -3.99 54.94 -6.76
C PRO B 896 -3.44 56.09 -5.92
N ASP B 897 -3.79 56.20 -4.64
CA ASP B 897 -3.41 57.36 -3.83
C ASP B 897 -2.79 56.91 -2.50
N ILE B 898 -1.85 55.95 -2.59
CA ILE B 898 -1.16 55.49 -1.38
C ILE B 898 0.08 56.30 -1.06
N ASN B 899 0.51 57.17 -1.97
CA ASN B 899 1.67 58.04 -1.74
C ASN B 899 1.28 59.42 -1.24
N GLN B 900 0.00 59.73 -1.18
CA GLN B 900 -0.45 61.07 -0.82
C GLN B 900 -0.13 61.37 0.64
N ASN B 901 -0.09 62.66 0.96
CA ASN B 901 0.26 63.09 2.30
C ASN B 901 -0.84 62.71 3.30
N PRO B 902 -0.46 62.18 4.46
CA PRO B 902 -1.47 61.90 5.49
C PRO B 902 -2.03 63.18 6.08
N ARG B 903 -3.11 63.02 6.84
CA ARG B 903 -3.73 64.16 7.48
C ARG B 903 -2.75 64.86 8.42
N ALA B 904 -3.10 66.07 8.85
CA ALA B 904 -2.24 66.82 9.73
C ALA B 904 -2.39 66.39 11.18
N GLU B 905 -3.58 65.92 11.57
CA GLU B 905 -3.81 65.46 12.93
C GLU B 905 -3.44 64.01 13.15
N HIS B 906 -3.11 63.28 12.07
CA HIS B 906 -2.69 61.88 12.17
C HIS B 906 -1.17 61.74 12.19
N THR B 907 -0.47 62.53 11.37
CA THR B 907 0.98 62.49 11.40
C THR B 907 1.53 63.04 12.71
N LYS B 908 0.74 63.81 13.44
CA LYS B 908 1.16 64.29 14.75
C LYS B 908 1.02 63.21 15.82
N ARG B 909 0.00 62.37 15.72
CA ARG B 909 -0.17 61.30 16.70
C ARG B 909 0.95 60.27 16.62
N PHE B 910 1.63 60.18 15.48
CA PHE B 910 2.76 59.26 15.36
C PHE B 910 4.01 59.80 16.05
N GLU B 911 4.15 61.13 16.14
CA GLU B 911 5.31 61.70 16.80
C GLU B 911 5.22 61.57 18.31
N ASP B 912 4.04 61.81 18.88
CA ASP B 912 3.88 61.68 20.32
C ASP B 912 4.10 60.25 20.77
N MET B 913 3.75 59.28 19.92
CA MET B 913 3.89 57.87 20.29
C MET B 913 5.35 57.49 20.48
N ILE B 914 6.23 57.96 19.60
CA ILE B 914 7.65 57.63 19.69
C ILE B 914 8.48 58.71 20.37
N ALA B 915 7.84 59.75 20.88
CA ALA B 915 8.59 60.82 21.55
C ALA B 915 9.51 60.32 22.64
N PRO B 916 9.12 59.40 23.52
CA PRO B 916 9.98 59.04 24.65
C PRO B 916 11.06 58.03 24.29
N PHE B 917 11.33 57.85 22.99
CA PHE B 917 12.37 56.93 22.54
C PHE B 917 13.46 57.64 21.73
N ARG B 918 13.59 58.95 21.89
CA ARG B 918 14.53 59.74 21.11
C ARG B 918 15.81 59.93 21.91
N LEU B 919 16.84 59.15 21.57
CA LEU B 919 18.15 59.33 22.19
C LEU B 919 18.70 60.73 21.96
N ASN B 920 18.34 61.36 20.85
CA ASN B 920 18.75 62.73 20.56
C ASN B 920 20.25 62.86 20.35
N ASP B 921 20.81 62.04 19.48
CA ASP B 921 22.22 62.14 19.09
C ASP B 921 22.34 62.05 17.56
N GLY B 922 21.51 62.81 16.87
CA GLY B 922 21.50 62.78 15.42
C GLY B 922 22.35 63.85 14.78
N PHE B 923 23.53 64.11 15.35
CA PHE B 923 24.47 65.05 14.77
C PHE B 923 25.91 64.53 14.83
N LYS B 924 26.10 63.24 15.11
CA LYS B 924 27.41 62.70 15.39
C LYS B 924 27.68 61.46 14.55
N ASP B 925 28.92 60.99 14.60
CA ASP B 925 29.34 59.84 13.82
C ASP B 925 28.65 58.57 14.29
N GLU B 926 28.24 57.74 13.33
CA GLU B 926 27.64 56.46 13.67
C GLU B 926 28.59 55.62 14.51
N ALA B 927 29.91 55.84 14.37
CA ALA B 927 30.85 55.23 15.30
C ALA B 927 30.69 55.80 16.70
N THR B 928 30.42 57.11 16.81
CA THR B 928 30.26 57.77 18.10
C THR B 928 28.81 57.79 18.57
N VAL B 929 28.01 56.80 18.17
CA VAL B 929 26.68 56.61 18.72
C VAL B 929 26.43 55.18 19.18
N ASN B 930 27.39 54.27 19.00
CA ASN B 930 27.24 52.89 19.43
C ASN B 930 27.53 52.71 20.91
N GLU B 931 28.36 53.59 21.50
CA GLU B 931 28.65 53.47 22.92
C GLU B 931 27.42 53.82 23.77
N MET B 932 26.76 54.93 23.46
CA MET B 932 25.56 55.31 24.21
C MET B 932 24.45 54.29 24.05
N ARG B 933 24.53 53.40 23.08
CA ARG B 933 23.51 52.38 22.87
C ARG B 933 23.83 51.07 23.57
N ARG B 934 24.98 50.97 24.25
CA ARG B 934 25.34 49.72 24.92
C ARG B 934 24.52 49.47 26.18
N ASP B 935 23.92 50.51 26.75
CA ASP B 935 23.06 50.34 27.92
C ASP B 935 21.58 50.30 27.57
N CYS B 936 21.17 51.02 26.52
CA CYS B 936 19.80 51.00 26.03
C CYS B 936 19.84 50.85 24.51
N PRO B 937 20.03 49.62 24.02
CA PRO B 937 20.07 49.42 22.56
C PRO B 937 18.68 49.36 21.96
N TRP B 938 17.83 50.31 22.35
CA TRP B 938 16.47 50.39 21.84
C TRP B 938 16.03 51.82 21.55
N LYS B 939 16.96 52.77 21.48
CA LYS B 939 16.66 54.15 21.15
C LYS B 939 16.80 54.40 19.65
N ILE B 940 16.49 55.63 19.26
CA ILE B 940 16.58 56.06 17.87
C ILE B 940 17.56 57.22 17.78
N SER B 941 18.22 57.34 16.63
CA SER B 941 19.16 58.42 16.39
C SER B 941 18.53 59.44 15.46
N ASP B 942 18.70 60.72 15.78
CA ASP B 942 18.10 61.78 14.98
C ASP B 942 18.51 61.66 13.51
N GLU B 943 19.70 61.13 13.26
CA GLU B 943 20.05 60.76 11.89
C GLU B 943 19.10 59.70 11.34
N GLU B 944 18.80 58.69 12.15
CA GLU B 944 18.00 57.56 11.67
C GLU B 944 16.59 58.00 11.28
N ILE B 945 15.97 58.86 12.09
CA ILE B 945 14.62 59.29 11.78
C ILE B 945 14.56 60.04 10.46
N THR B 946 15.70 60.53 9.95
CA THR B 946 15.71 61.24 8.69
C THR B 946 15.70 60.29 7.49
N LYS B 947 16.11 59.04 7.68
CA LYS B 947 16.15 58.08 6.58
C LYS B 947 14.84 57.32 6.41
N ASN B 948 14.17 56.99 7.52
CA ASN B 948 12.93 56.26 7.49
C ASN B 948 11.70 57.17 7.59
N ARG B 949 11.89 58.47 7.35
CA ARG B 949 10.76 59.39 7.42
C ARG B 949 9.71 59.05 6.38
N VAL B 950 10.12 58.73 5.15
CA VAL B 950 9.17 58.41 4.09
C VAL B 950 8.40 57.15 4.45
N LYS B 951 9.11 56.10 4.87
CA LYS B 951 8.47 54.81 5.10
C LYS B 951 7.38 54.90 6.17
N SER B 952 7.67 55.59 7.27
CA SER B 952 6.70 55.69 8.36
C SER B 952 5.43 56.38 7.90
N LEU B 953 5.56 57.42 7.07
CA LEU B 953 4.39 58.14 6.59
C LEU B 953 3.47 57.22 5.80
N ARG B 954 4.05 56.40 4.92
CA ARG B 954 3.23 55.43 4.19
C ARG B 954 2.55 54.45 5.13
N GLN B 955 3.10 54.26 6.33
CA GLN B 955 2.50 53.34 7.29
C GLN B 955 1.19 53.89 7.86
N VAL B 956 1.19 55.17 8.24
CA VAL B 956 0.01 55.76 8.85
C VAL B 956 -1.04 56.12 7.81
N ARG B 957 -0.61 56.41 6.58
CA ARG B 957 -1.58 56.70 5.52
C ARG B 957 -2.42 55.47 5.20
N LEU B 958 -1.82 54.28 5.30
CA LEU B 958 -2.56 53.05 5.02
C LEU B 958 -3.74 52.88 5.97
N ASN B 959 -3.54 53.17 7.26
CA ASN B 959 -4.63 53.03 8.22
C ASN B 959 -5.86 53.81 7.79
N GLU B 960 -5.66 54.99 7.21
CA GLU B 960 -6.81 55.75 6.71
C GLU B 960 -7.56 54.98 5.65
N ILE B 961 -6.82 54.30 4.76
CA ILE B 961 -7.46 53.60 3.66
C ILE B 961 -8.31 52.44 4.17
N VAL B 962 -7.87 51.78 5.24
CA VAL B 962 -8.60 50.63 5.73
C VAL B 962 -9.84 51.05 6.52
N LEU B 963 -9.84 52.24 7.11
CA LEU B 963 -10.96 52.64 7.97
C LEU B 963 -12.18 53.04 7.16
N ASP B 964 -12.01 53.59 5.96
CA ASP B 964 -13.13 53.94 5.13
C ASP B 964 -13.53 52.84 4.14
N TYR B 965 -12.84 51.70 4.18
CA TYR B 965 -13.16 50.56 3.33
C TYR B 965 -13.66 49.34 4.07
N SER B 966 -13.21 49.12 5.31
CA SER B 966 -13.39 47.85 6.01
C SER B 966 -13.86 48.06 7.44
N ARG B 967 -14.91 48.85 7.61
CA ARG B 967 -15.42 49.11 8.94
C ARG B 967 -16.38 48.04 9.44
N ASP B 968 -16.86 47.16 8.57
CA ASP B 968 -17.88 46.17 8.95
C ASP B 968 -17.49 44.76 8.52
N ALA B 969 -16.22 44.51 8.21
CA ALA B 969 -15.79 43.21 7.75
C ALA B 969 -15.76 42.22 8.91
N ALA B 970 -15.71 40.93 8.57
CA ALA B 970 -15.53 39.89 9.56
C ALA B 970 -14.09 39.44 9.72
N LEU B 971 -13.16 40.02 8.97
CA LEU B 971 -11.75 39.68 9.05
C LEU B 971 -10.96 40.67 8.20
N ILE B 972 -9.78 41.05 8.67
CA ILE B 972 -8.91 41.98 7.94
C ILE B 972 -7.52 41.36 7.85
N VAL B 973 -6.96 41.32 6.64
CA VAL B 973 -5.65 40.73 6.39
C VAL B 973 -4.79 41.76 5.67
N ILE B 974 -3.56 41.94 6.16
CA ILE B 974 -2.62 42.88 5.55
C ILE B 974 -1.22 42.28 5.56
N THR B 975 -0.44 42.65 4.56
CA THR B 975 0.95 42.24 4.47
C THR B 975 1.80 43.01 5.48
N LEU B 976 2.73 42.31 6.12
CA LEU B 976 3.54 42.88 7.19
C LEU B 976 4.85 43.40 6.64
N PRO B 977 5.30 44.59 7.03
CA PRO B 977 6.56 45.13 6.53
C PRO B 977 7.77 44.59 7.28
N ILE B 978 8.93 44.68 6.62
CA ILE B 978 10.17 44.10 7.12
C ILE B 978 11.20 45.20 7.29
N GLY B 979 11.98 45.11 8.35
CA GLY B 979 13.07 46.05 8.61
C GLY B 979 14.40 45.32 8.70
N ARG B 980 15.43 45.90 8.08
CA ARG B 980 16.74 45.29 8.06
C ARG B 980 17.37 45.30 9.45
N LYS B 981 17.89 44.15 9.86
CA LYS B 981 18.53 44.03 11.17
C LYS B 981 19.71 44.98 11.27
N GLY B 982 19.78 45.72 12.37
CA GLY B 982 20.86 46.65 12.62
C GLY B 982 20.57 48.08 12.21
N LYS B 983 19.54 48.31 11.39
CA LYS B 983 19.18 49.65 10.96
C LYS B 983 17.73 50.00 11.27
N CYS B 984 17.09 49.25 12.16
CA CYS B 984 15.71 49.53 12.54
C CYS B 984 15.51 49.12 13.99
N PRO B 985 15.78 50.03 14.92
CA PRO B 985 15.69 49.69 16.35
C PRO B 985 14.37 49.05 16.73
N SER B 986 14.32 48.46 17.92
CA SER B 986 13.13 47.75 18.36
C SER B 986 11.96 48.67 18.63
N SER B 987 12.23 49.96 18.88
CA SER B 987 11.15 50.89 19.20
C SER B 987 10.47 51.40 17.92
N LEU B 988 11.26 51.66 16.87
CA LEU B 988 10.67 52.12 15.62
C LEU B 988 9.80 51.05 14.98
N TYR B 989 10.26 49.80 15.03
CA TYR B 989 9.48 48.70 14.45
C TYR B 989 8.15 48.54 15.19
N MET B 990 8.20 48.50 16.52
CA MET B 990 6.98 48.37 17.29
C MET B 990 6.03 49.55 17.08
N ALA B 991 6.54 50.69 16.63
CA ALA B 991 5.69 51.84 16.34
C ALA B 991 4.93 51.69 15.03
N TRP B 992 5.39 50.84 14.12
CA TRP B 992 4.69 50.65 12.85
C TRP B 992 3.48 49.75 13.02
N LEU B 993 3.70 48.54 13.57
CA LEU B 993 2.61 47.58 13.69
C LEU B 993 1.45 48.12 14.51
N GLU B 994 1.74 48.95 15.51
CA GLU B 994 0.67 49.56 16.30
C GLU B 994 -0.12 50.55 15.47
N THR B 995 0.50 51.18 14.47
CA THR B 995 -0.20 52.16 13.65
C THR B 995 -1.06 51.49 12.59
N LEU B 996 -0.54 50.45 11.93
CA LEU B 996 -1.32 49.76 10.91
C LEU B 996 -2.65 49.27 11.44
N SER B 997 -2.68 48.79 12.69
CA SER B 997 -3.88 48.23 13.30
C SER B 997 -4.30 49.02 14.52
N GLN B 998 -5.18 49.99 14.34
CA GLN B 998 -5.74 50.75 15.46
C GLN B 998 -7.14 51.22 15.11
N ASP B 999 -7.95 51.40 16.15
CA ASP B 999 -9.27 52.02 16.07
C ASP B 999 -10.29 51.10 15.40
N LEU B 1000 -9.87 49.95 14.90
CA LEU B 1000 -10.79 49.00 14.28
C LEU B 1000 -11.43 48.14 15.36
N ARG B 1001 -12.34 47.27 14.92
CA ARG B 1001 -12.84 46.19 15.76
C ARG B 1001 -12.20 44.91 15.27
N PRO B 1002 -10.91 44.74 15.57
CA PRO B 1002 -10.03 43.97 14.69
C PRO B 1002 -9.95 42.51 15.07
N PRO B 1003 -10.36 41.61 14.16
CA PRO B 1003 -9.63 40.35 14.00
C PRO B 1003 -8.54 40.47 12.93
N VAL B 1004 -7.67 41.45 13.09
CA VAL B 1004 -6.66 41.78 12.09
C VAL B 1004 -5.55 40.75 12.12
N ILE B 1005 -5.13 40.30 10.94
CA ILE B 1005 -4.05 39.34 10.77
C ILE B 1005 -3.00 39.98 9.87
N LEU B 1006 -1.76 40.05 10.35
CA LEU B 1006 -0.64 40.53 9.55
C LEU B 1006 0.27 39.35 9.22
N ILE B 1007 0.48 39.09 7.93
CA ILE B 1007 1.13 37.89 7.46
C ILE B 1007 2.31 38.25 6.58
N ARG B 1008 3.27 37.33 6.49
CA ARG B 1008 4.42 37.50 5.60
C ARG B 1008 5.02 36.14 5.33
N GLY B 1009 5.16 35.80 4.04
CA GLY B 1009 5.81 34.57 3.64
C GLY B 1009 7.32 34.70 3.67
N ASN B 1010 8.00 33.59 3.39
CA ASN B 1010 9.45 33.54 3.41
C ASN B 1010 10.07 33.83 2.05
N GLN B 1011 9.34 34.49 1.16
CA GLN B 1011 9.86 34.86 -0.15
C GLN B 1011 10.12 33.62 -1.01
N GLU B 1012 9.14 32.72 -1.10
CA GLU B 1012 9.21 31.56 -1.97
C GLU B 1012 7.81 31.11 -2.33
N ASN B 1013 7.63 30.72 -3.59
CA ASN B 1013 6.31 30.40 -4.09
C ASN B 1013 5.69 29.26 -3.29
N VAL B 1014 4.43 29.45 -2.86
CA VAL B 1014 3.63 28.38 -2.29
C VAL B 1014 2.36 28.15 -3.11
N LEU B 1015 2.25 28.76 -4.28
CA LEU B 1015 1.15 28.53 -5.21
C LEU B 1015 1.72 28.37 -6.61
N THR B 1016 0.99 27.65 -7.47
CA THR B 1016 1.41 27.48 -8.85
C THR B 1016 0.20 27.27 -9.75
N PHE B 1017 0.40 27.55 -11.03
CA PHE B 1017 -0.59 27.26 -12.07
C PHE B 1017 -0.01 26.30 -13.10
N TYR B 1018 0.68 25.27 -12.62
CA TYR B 1018 1.37 24.30 -13.46
C TYR B 1018 1.05 22.89 -13.00
N CYS B 1019 0.93 21.97 -13.96
CA CYS B 1019 0.95 20.54 -13.70
C CYS B 1019 2.19 20.00 -14.42
N GLN B 1020 3.18 19.57 -13.65
CA GLN B 1020 4.52 19.31 -14.17
C GLN B 1020 4.56 18.39 -15.38
#